data_9HLB
#
_entry.id   9HLB
#
_cell.length_a   1.00
_cell.length_b   1.00
_cell.length_c   1.00
_cell.angle_alpha   90.00
_cell.angle_beta   90.00
_cell.angle_gamma   90.00
#
loop_
_entity.id
_entity.type
_entity.pdbx_description
1 polymer Mucolipin-1
2 branched 2-acetamido-2-deoxy-beta-D-glucopyranose-(1-4)-2-acetamido-2-deoxy-beta-D-glucopyranose
3 non-polymer HEXANE
4 non-polymer DODECANE
5 non-polymer N-OCTANE
6 non-polymer '(2R)-3-{[(S)-hydroxy{[(1S,2R,3R,4S,5S,6R)-2,4,6-trihydroxy-3,5-bis(phosphonooxy)cyclohexyl]oxy}phosphoryl]oxy}propane-1,2-diyl dioctanoate'
7 non-polymer HEXADECANE
8 non-polymer DECANE
9 non-polymer N-[2-[4-(2-methoxyphenyl)piperazin-1-yl]phenyl]benzenesulfonamide
10 water water
#
_entity_poly.entity_id   1
_entity_poly.type   'polypeptide(L)'
_entity_poly.pdbx_seq_one_letter_code
;MHHHHHHHHGGSDYKDHDGDYKDHDIDYKDDDDKGGSGGSENLYFQGPGTAPAGPRGSETERLLTPNPGYGTQAGPSPAP
PTPPEEEDLRRRLKYFFMSPCDKFRAKGRKPCKLMLQVVKILVVTVQLILFGLSNQLAVTFREENTIAFRHLFLLGYSDG
ADDTFAAYTREQLYQAIFHAVDQYLALPDVSLGRYAYVRGGGDPWTNGSGLALCQRYYHRGHVDPANDTFDIDPMVVTDC
IQVDPPERPPPPPSDDLTLLESSSSYKNLTLKFHKLVNVTIHFRLKTINLQSLINNEIPDCYTFSVLITFDNKAHSGRIP
ISLETQAHIQECKHPSVFQHGDNSFRLLFDVVVILTCSLSFLLCARSLLRGFLLQNEFVGFMWRQRGRVISLWERLEFVN
GWYILLVTSDVLTISGTIMKIGIEAKNLASYDVCSILLGTSTLLVWVGVIRYLTFFHNYNILIATLRVALPSVMRFCCCV
AVIYLGYCFCGWIVLGPYHVKFRSLSMVSECLFSLINGDDMFVTFAAMQAQQGRSSLVWLFSQLYLYSFISLFIYMVLSL
FIALITGAYDTIKHPGGAGAEESELQAYIAQCQDSPTSGKFRRGSGSACSLLCCCGRDPSEEHSLLVN
;
_entity_poly.pdbx_strand_id   A,C,B,D
#
# COMPACT_ATOMS: atom_id res chain seq x y z
N LEU A 89 -23.39 60.56 -5.15
CA LEU A 89 -23.44 59.22 -4.59
C LEU A 89 -22.86 58.20 -5.58
N ARG A 90 -23.11 58.43 -6.87
CA ARG A 90 -22.63 57.50 -7.89
C ARG A 90 -21.10 57.45 -7.90
N ARG A 91 -20.45 58.60 -7.77
CA ARG A 91 -18.99 58.61 -7.75
C ARG A 91 -18.44 57.85 -6.56
N ARG A 92 -19.06 58.03 -5.39
CA ARG A 92 -18.61 57.31 -4.20
C ARG A 92 -18.79 55.81 -4.36
N LEU A 93 -19.92 55.39 -4.93
CA LEU A 93 -20.13 53.96 -5.16
C LEU A 93 -19.12 53.40 -6.15
N LYS A 94 -18.84 54.15 -7.21
CA LYS A 94 -17.83 53.72 -8.18
C LYS A 94 -16.46 53.59 -7.52
N TYR A 95 -16.09 54.55 -6.68
CA TYR A 95 -14.81 54.48 -5.98
C TYR A 95 -14.78 53.30 -5.01
N PHE A 96 -15.92 52.99 -4.40
CA PHE A 96 -15.95 51.91 -3.41
C PHE A 96 -15.56 50.57 -4.03
N PHE A 97 -16.04 50.30 -5.24
CA PHE A 97 -15.79 49.03 -5.91
C PHE A 97 -14.55 49.04 -6.78
N MET A 98 -13.78 50.13 -6.75
CA MET A 98 -12.55 50.19 -7.53
C MET A 98 -11.52 49.20 -6.99
N SER A 99 -10.62 48.78 -7.87
CA SER A 99 -9.50 47.94 -7.46
C SER A 99 -8.47 48.78 -6.71
N PRO A 100 -7.57 48.13 -5.96
CA PRO A 100 -6.57 48.90 -5.22
C PRO A 100 -5.76 49.84 -6.09
N CYS A 101 -5.38 49.41 -7.29
CA CYS A 101 -4.65 50.29 -8.20
C CYS A 101 -5.54 51.44 -8.66
N ASP A 102 -6.79 51.15 -9.02
CA ASP A 102 -7.71 52.20 -9.40
C ASP A 102 -7.98 53.15 -8.25
N LYS A 103 -8.12 52.61 -7.03
CA LYS A 103 -8.33 53.47 -5.86
C LYS A 103 -7.15 54.40 -5.67
N PHE A 104 -5.92 53.86 -5.77
CA PHE A 104 -4.74 54.69 -5.60
C PHE A 104 -4.66 55.77 -6.66
N ARG A 105 -4.96 55.43 -7.91
CA ARG A 105 -4.96 56.44 -8.96
C ARG A 105 -6.01 57.51 -8.70
N ALA A 106 -7.20 57.09 -8.25
CA ALA A 106 -8.29 58.04 -8.05
C ALA A 106 -7.99 59.01 -6.91
N LYS A 107 -7.42 58.52 -5.82
CA LYS A 107 -7.23 59.35 -4.63
C LYS A 107 -5.81 59.34 -4.07
N GLY A 108 -4.95 58.44 -4.51
CA GLY A 108 -3.58 58.44 -4.02
C GLY A 108 -3.44 58.16 -2.54
N ARG A 109 -4.43 57.53 -1.93
CA ARG A 109 -4.35 57.20 -0.51
C ARG A 109 -3.32 56.09 -0.29
N LYS A 110 -2.72 56.10 0.89
CA LYS A 110 -1.68 55.13 1.19
C LYS A 110 -2.28 53.73 1.31
N PRO A 111 -1.77 52.73 0.57
CA PRO A 111 -2.32 51.36 0.71
C PRO A 111 -1.73 50.63 1.91
N CYS A 112 -2.07 51.13 3.10
CA CYS A 112 -1.54 50.54 4.32
C CYS A 112 -2.02 49.12 4.52
N LYS A 113 -3.28 48.84 4.15
CA LYS A 113 -3.84 47.52 4.41
C LYS A 113 -3.10 46.44 3.66
N LEU A 114 -2.71 46.69 2.42
CA LEU A 114 -2.06 45.66 1.61
C LEU A 114 -0.70 45.28 2.20
N MET A 115 0.14 46.29 2.47
CA MET A 115 1.44 46.02 3.08
C MET A 115 1.27 45.36 4.44
N LEU A 116 0.26 45.79 5.20
CA LEU A 116 0.00 45.17 6.49
C LEU A 116 -0.36 43.70 6.33
N GLN A 117 -1.13 43.35 5.31
CA GLN A 117 -1.47 41.95 5.08
C GLN A 117 -0.24 41.14 4.71
N VAL A 118 0.65 41.71 3.90
CA VAL A 118 1.89 41.00 3.55
C VAL A 118 2.71 40.74 4.82
N VAL A 119 2.87 41.78 5.65
CA VAL A 119 3.63 41.63 6.89
C VAL A 119 2.96 40.60 7.80
N LYS A 120 1.62 40.60 7.82
CA LYS A 120 0.89 39.63 8.62
C LYS A 120 1.17 38.22 8.17
N ILE A 121 1.15 37.99 6.85
CA ILE A 121 1.48 36.66 6.33
C ILE A 121 2.85 36.24 6.85
N LEU A 122 3.83 37.13 6.70
CA LEU A 122 5.19 36.78 7.09
C LEU A 122 5.28 36.43 8.57
N VAL A 123 4.79 37.32 9.44
CA VAL A 123 4.99 37.14 10.87
C VAL A 123 4.19 35.96 11.39
N VAL A 124 2.95 35.78 10.89
CA VAL A 124 2.14 34.65 11.33
C VAL A 124 2.80 33.34 10.95
N THR A 125 3.33 33.25 9.72
CA THR A 125 4.00 32.02 9.31
C THR A 125 5.23 31.76 10.18
N VAL A 126 6.03 32.80 10.45
CA VAL A 126 7.23 32.61 11.27
C VAL A 126 6.85 32.15 12.67
N GLN A 127 5.82 32.75 13.25
CA GLN A 127 5.38 32.36 14.58
C GLN A 127 4.94 30.89 14.58
N LEU A 128 4.17 30.49 13.57
CA LEU A 128 3.73 29.10 13.51
C LEU A 128 4.91 28.15 13.41
N ILE A 129 5.91 28.50 12.60
CA ILE A 129 7.07 27.62 12.43
C ILE A 129 7.82 27.48 13.75
N LEU A 130 8.05 28.60 14.44
CA LEU A 130 8.77 28.54 15.71
C LEU A 130 8.00 27.72 16.73
N PHE A 131 6.68 27.93 16.82
CA PHE A 131 5.86 27.18 17.75
C PHE A 131 5.91 25.69 17.46
N GLY A 132 5.82 25.31 16.19
CA GLY A 132 5.85 23.90 15.84
C GLY A 132 7.19 23.26 16.16
N LEU A 133 8.29 23.97 15.86
CA LEU A 133 9.61 23.44 16.19
C LEU A 133 9.75 23.23 17.69
N SER A 134 9.25 24.18 18.49
CA SER A 134 9.32 24.02 19.94
C SER A 134 8.46 22.85 20.41
N ASN A 135 7.27 22.69 19.84
CA ASN A 135 6.36 21.64 20.32
C ASN A 135 6.83 20.24 19.95
N GLN A 136 7.47 20.08 18.79
CA GLN A 136 7.94 18.77 18.38
C GLN A 136 8.92 18.19 19.40
N LEU A 137 9.77 19.03 19.98
CA LEU A 137 10.75 18.54 20.94
C LEU A 137 10.09 17.96 22.18
N ALA A 138 9.10 18.67 22.72
CA ALA A 138 8.38 18.16 23.89
C ALA A 138 7.64 16.88 23.56
N VAL A 139 7.03 16.83 22.36
CA VAL A 139 6.33 15.62 21.94
C VAL A 139 7.30 14.44 21.90
N THR A 140 8.49 14.66 21.33
CA THR A 140 9.48 13.60 21.25
C THR A 140 9.93 13.16 22.63
N PHE A 141 10.16 14.10 23.54
CA PHE A 141 10.57 13.75 24.89
C PHE A 141 9.54 12.86 25.56
N ARG A 142 8.26 13.25 25.48
CA ARG A 142 7.21 12.45 26.10
C ARG A 142 7.13 11.06 25.47
N GLU A 143 7.20 10.99 24.13
CA GLU A 143 7.10 9.71 23.44
C GLU A 143 8.26 8.78 23.83
N GLU A 144 9.48 9.30 23.86
CA GLU A 144 10.63 8.48 24.20
C GLU A 144 10.53 7.97 25.64
N ASN A 145 10.14 8.84 26.57
CA ASN A 145 9.96 8.39 27.94
C ASN A 145 8.91 7.29 28.04
N THR A 146 7.80 7.44 27.31
CA THR A 146 6.74 6.43 27.36
C THR A 146 7.21 5.10 26.78
N ILE A 147 7.96 5.12 25.68
CA ILE A 147 8.48 3.88 25.12
C ILE A 147 9.44 3.22 26.11
N ALA A 148 10.30 4.02 26.75
CA ALA A 148 11.19 3.46 27.76
C ALA A 148 10.40 2.83 28.90
N PHE A 149 9.32 3.48 29.32
CA PHE A 149 8.48 2.90 30.37
C PHE A 149 7.89 1.57 29.95
N ARG A 150 7.44 1.48 28.69
CA ARG A 150 6.90 0.22 28.20
C ARG A 150 7.94 -0.89 28.25
N HIS A 151 9.17 -0.57 27.84
CA HIS A 151 10.23 -1.58 27.89
C HIS A 151 10.62 -1.92 29.33
N LEU A 152 10.48 -0.98 30.25
CA LEU A 152 10.91 -1.21 31.63
C LEU A 152 9.89 -2.01 32.43
N PHE A 153 8.59 -1.72 32.27
CA PHE A 153 7.58 -2.23 33.18
C PHE A 153 6.71 -3.34 32.63
N LEU A 154 6.67 -3.54 31.31
CA LEU A 154 5.82 -4.56 30.69
C LEU A 154 6.66 -5.80 30.40
N LEU A 155 6.33 -6.90 31.06
CA LEU A 155 7.11 -8.13 30.94
C LEU A 155 6.98 -8.70 29.54
N GLY A 156 8.13 -8.89 28.87
CA GLY A 156 8.14 -9.46 27.54
C GLY A 156 7.66 -8.55 26.45
N TYR A 157 7.64 -7.24 26.69
CA TYR A 157 7.20 -6.29 25.69
C TYR A 157 8.22 -6.15 24.56
N SER A 158 7.74 -5.94 23.35
CA SER A 158 8.58 -5.63 22.21
C SER A 158 7.88 -4.60 21.33
N ASP A 159 8.67 -3.85 20.57
CA ASP A 159 8.11 -2.80 19.73
C ASP A 159 7.16 -3.39 18.70
N GLY A 160 6.05 -2.68 18.46
CA GLY A 160 5.06 -3.10 17.49
C GLY A 160 3.98 -4.01 18.03
N ALA A 161 4.05 -4.41 19.30
CA ALA A 161 3.10 -5.34 19.88
C ALA A 161 2.03 -4.65 20.73
N ASP A 162 1.91 -3.32 20.65
CA ASP A 162 1.00 -2.61 21.54
C ASP A 162 -0.43 -3.08 21.35
N ASP A 163 -0.86 -3.30 20.11
CA ASP A 163 -2.25 -3.63 19.85
C ASP A 163 -2.61 -5.04 20.31
N THR A 164 -1.65 -5.97 20.31
CA THR A 164 -1.93 -7.37 20.62
C THR A 164 -1.38 -7.81 21.98
N PHE A 165 -0.66 -6.95 22.69
CA PHE A 165 -0.07 -7.34 23.96
C PHE A 165 -1.16 -7.70 24.96
N ALA A 166 -1.15 -8.94 25.42
CA ALA A 166 -2.21 -9.43 26.30
C ALA A 166 -1.72 -10.64 27.08
N ALA A 167 -2.41 -10.93 28.17
CA ALA A 167 -2.19 -12.13 28.96
C ALA A 167 -3.30 -13.13 28.67
N TYR A 168 -3.00 -14.42 28.86
CA TYR A 168 -3.94 -15.49 28.59
C TYR A 168 -4.03 -16.54 29.68
N THR A 169 -3.10 -16.57 30.64
CA THR A 169 -3.16 -17.50 31.75
C THR A 169 -3.04 -16.72 33.05
N ARG A 170 -3.48 -17.36 34.14
CA ARG A 170 -3.41 -16.72 35.45
C ARG A 170 -1.97 -16.44 35.85
N GLU A 171 -1.06 -17.39 35.60
CA GLU A 171 0.33 -17.17 35.95
C GLU A 171 0.95 -16.06 35.11
N GLN A 172 0.57 -15.94 33.84
CA GLN A 172 1.05 -14.83 33.02
C GLN A 172 0.66 -13.49 33.62
N LEU A 173 -0.61 -13.37 34.05
CA LEU A 173 -1.09 -12.12 34.61
C LEU A 173 -0.37 -11.80 35.92
N TYR A 174 -0.24 -12.80 36.80
CA TYR A 174 0.48 -12.58 38.05
C TYR A 174 1.91 -12.14 37.80
N GLN A 175 2.59 -12.81 36.85
CA GLN A 175 3.97 -12.48 36.55
C GLN A 175 4.09 -11.07 36.00
N ALA A 176 3.18 -10.67 35.13
CA ALA A 176 3.22 -9.31 34.59
C ALA A 176 3.05 -8.27 35.69
N ILE A 177 2.08 -8.49 36.58
CA ILE A 177 1.84 -7.53 37.66
C ILE A 177 3.07 -7.43 38.56
N PHE A 178 3.59 -8.58 38.99
CA PHE A 178 4.73 -8.57 39.90
C PHE A 178 5.97 -7.98 39.23
N HIS A 179 6.16 -8.25 37.94
CA HIS A 179 7.29 -7.68 37.23
C HIS A 179 7.19 -6.15 37.19
N ALA A 180 5.99 -5.64 36.92
CA ALA A 180 5.83 -4.18 36.89
C ALA A 180 6.18 -3.58 38.25
N VAL A 181 5.66 -4.16 39.33
CA VAL A 181 5.92 -3.59 40.66
C VAL A 181 7.41 -3.70 41.01
N ASP A 182 8.03 -4.86 40.71
CA ASP A 182 9.44 -5.04 41.02
C ASP A 182 10.32 -4.06 40.24
N GLN A 183 9.99 -3.83 38.97
CA GLN A 183 10.75 -2.85 38.20
C GLN A 183 10.56 -1.44 38.75
N TYR A 184 9.35 -1.12 39.20
CA TYR A 184 9.15 0.17 39.86
C TYR A 184 10.06 0.30 41.08
N LEU A 185 10.19 -0.77 41.86
CA LEU A 185 11.03 -0.69 43.05
C LEU A 185 12.53 -0.68 42.71
N ALA A 186 12.91 -1.27 41.58
CA ALA A 186 14.32 -1.32 41.20
C ALA A 186 14.74 -0.19 40.27
N LEU A 187 13.84 0.70 39.90
CA LEU A 187 14.13 1.73 38.90
C LEU A 187 15.43 2.49 39.13
N PRO A 188 15.78 2.94 40.33
CA PRO A 188 17.00 3.76 40.48
C PRO A 188 18.27 3.06 40.02
N ASP A 189 18.37 1.75 40.23
CA ASP A 189 19.59 1.02 39.92
C ASP A 189 19.64 0.45 38.51
N VAL A 190 18.55 0.52 37.73
N VAL A 190 18.54 0.52 37.77
CA VAL A 190 18.52 -0.12 36.43
CA VAL A 190 18.39 -0.15 36.48
C VAL A 190 18.20 0.84 35.30
C VAL A 190 18.19 0.84 35.35
N SER A 191 17.44 1.91 35.59
CA SER A 191 17.02 2.80 34.53
C SER A 191 18.18 3.62 33.97
N LEU A 192 18.14 3.87 32.66
CA LEU A 192 19.06 4.80 32.03
C LEU A 192 18.65 6.25 32.23
N GLY A 193 17.37 6.51 32.49
CA GLY A 193 16.93 7.84 32.85
C GLY A 193 17.13 8.12 34.33
N ARG A 194 16.89 9.37 34.70
CA ARG A 194 17.02 9.83 36.09
C ARG A 194 15.62 10.24 36.55
N TYR A 195 15.04 9.45 37.45
CA TYR A 195 13.67 9.65 37.90
C TYR A 195 13.63 9.76 39.41
N ALA A 196 12.70 10.57 39.90
CA ALA A 196 12.43 10.70 41.32
C ALA A 196 11.01 10.22 41.60
N TYR A 197 10.84 9.63 42.78
CA TYR A 197 9.54 9.14 43.20
C TYR A 197 8.65 10.26 43.71
N VAL A 198 7.34 10.06 43.59
CA VAL A 198 6.33 10.97 44.12
C VAL A 198 5.44 10.18 45.07
N ARG A 199 5.19 10.74 46.24
CA ARG A 199 4.40 10.07 47.28
C ARG A 199 3.14 10.86 47.59
N GLY A 200 2.11 10.16 48.04
CA GLY A 200 0.89 10.80 48.49
C GLY A 200 0.22 11.59 47.39
N GLY A 201 -0.34 12.74 47.75
CA GLY A 201 -0.96 13.62 46.78
C GLY A 201 -2.37 13.27 46.40
N GLY A 202 -3.10 12.54 47.24
CA GLY A 202 -4.48 12.20 46.98
C GLY A 202 -4.63 10.83 46.35
N ASP A 203 -5.89 10.51 46.04
CA ASP A 203 -6.21 9.19 45.53
C ASP A 203 -5.60 8.98 44.14
N PRO A 204 -5.27 7.73 43.79
CA PRO A 204 -5.48 6.50 44.56
C PRO A 204 -4.38 6.24 45.58
N TRP A 205 -3.47 7.18 45.80
CA TRP A 205 -2.34 6.98 46.70
C TRP A 205 -2.68 7.45 48.10
N THR A 206 -2.37 6.62 49.09
CA THR A 206 -2.41 7.07 50.47
C THR A 206 -1.17 7.89 50.77
N ASN A 207 -1.08 8.42 51.98
CA ASN A 207 0.04 9.26 52.35
C ASN A 207 1.32 8.42 52.42
N GLY A 208 2.36 8.88 51.75
CA GLY A 208 3.63 8.17 51.71
C GLY A 208 3.68 7.03 50.72
N SER A 209 2.63 6.80 49.95
CA SER A 209 2.57 5.71 49.00
C SER A 209 2.98 6.21 47.62
N GLY A 210 3.88 5.47 46.97
CA GLY A 210 4.33 5.82 45.64
C GLY A 210 3.57 5.09 44.55
N LEU A 211 3.20 3.84 44.80
CA LEU A 211 2.54 3.01 43.80
C LEU A 211 1.23 2.46 44.35
N ALA A 212 0.19 2.48 43.52
CA ALA A 212 -1.11 1.94 43.89
C ALA A 212 -1.45 0.79 42.95
N LEU A 213 -1.72 -0.38 43.52
CA LEU A 213 -2.08 -1.58 42.77
C LEU A 213 -3.50 -1.95 43.14
N CYS A 214 -4.45 -1.71 42.24
CA CYS A 214 -5.87 -1.81 42.55
C CYS A 214 -6.55 -2.82 41.64
N GLN A 215 -7.35 -3.70 42.23
CA GLN A 215 -8.19 -4.61 41.47
C GLN A 215 -9.65 -4.25 41.69
N ARG A 216 -10.41 -4.21 40.59
CA ARG A 216 -11.82 -3.86 40.60
C ARG A 216 -12.62 -5.06 40.12
N TYR A 217 -13.61 -5.45 40.93
CA TYR A 217 -14.42 -6.63 40.67
C TYR A 217 -15.85 -6.39 41.14
N TYR A 218 -16.77 -7.22 40.65
CA TYR A 218 -18.18 -7.04 40.98
C TYR A 218 -18.44 -7.31 42.46
N HIS A 219 -19.34 -6.54 43.05
CA HIS A 219 -19.62 -6.67 44.48
C HIS A 219 -20.06 -8.08 44.82
N ARG A 220 -21.01 -8.63 44.06
CA ARG A 220 -21.41 -10.02 44.19
C ARG A 220 -21.37 -10.64 42.80
N GLY A 221 -20.58 -11.68 42.64
CA GLY A 221 -20.57 -12.41 41.39
C GLY A 221 -20.58 -13.91 41.60
N HIS A 222 -21.62 -14.58 41.12
CA HIS A 222 -21.68 -16.03 41.08
C HIS A 222 -21.96 -16.44 39.65
N VAL A 223 -21.05 -17.21 39.06
CA VAL A 223 -21.14 -17.61 37.65
C VAL A 223 -20.98 -19.12 37.59
N ASP A 224 -22.02 -19.81 37.12
CA ASP A 224 -22.04 -21.27 37.03
C ASP A 224 -22.46 -21.62 35.61
N PRO A 225 -21.53 -21.56 34.66
CA PRO A 225 -21.88 -21.95 33.28
C PRO A 225 -22.28 -23.40 33.15
N ALA A 226 -21.88 -24.26 34.08
CA ALA A 226 -22.30 -25.65 34.04
C ALA A 226 -23.81 -25.77 34.18
N ASN A 227 -24.41 -24.95 35.05
CA ASN A 227 -25.85 -24.92 35.24
C ASN A 227 -26.52 -23.79 34.48
N ASP A 228 -25.78 -23.06 33.65
CA ASP A 228 -26.32 -21.91 32.92
C ASP A 228 -26.96 -20.93 33.89
N THR A 229 -26.27 -20.68 35.02
CA THR A 229 -26.83 -19.88 36.09
C THR A 229 -25.85 -18.75 36.44
N PHE A 230 -26.40 -17.61 36.87
CA PHE A 230 -25.55 -16.56 37.38
C PHE A 230 -26.36 -15.62 38.25
N ASP A 231 -25.68 -15.06 39.25
CA ASP A 231 -26.26 -14.09 40.17
C ASP A 231 -25.21 -13.01 40.40
N ILE A 232 -25.42 -11.84 39.81
CA ILE A 232 -24.43 -10.77 39.82
C ILE A 232 -25.10 -9.48 40.27
N ASP A 233 -24.48 -8.81 41.24
CA ASP A 233 -24.75 -7.41 41.53
C ASP A 233 -23.64 -6.60 40.88
N PRO A 234 -23.91 -5.84 39.82
CA PRO A 234 -22.81 -5.25 39.03
C PRO A 234 -22.14 -4.04 39.67
N MET A 235 -22.37 -3.77 40.95
CA MET A 235 -21.66 -2.70 41.62
C MET A 235 -20.17 -3.06 41.72
N VAL A 236 -19.31 -2.11 41.34
CA VAL A 236 -17.87 -2.36 41.28
C VAL A 236 -17.25 -2.01 42.61
N VAL A 237 -16.49 -2.96 43.16
CA VAL A 237 -15.71 -2.78 44.37
C VAL A 237 -14.24 -2.68 43.98
N THR A 238 -13.54 -1.71 44.55
CA THR A 238 -12.13 -1.48 44.32
C THR A 238 -11.36 -1.86 45.58
N ASP A 239 -10.30 -2.66 45.42
CA ASP A 239 -9.40 -3.01 46.51
C ASP A 239 -7.98 -2.64 46.09
N CYS A 240 -7.32 -1.80 46.88
CA CYS A 240 -6.02 -1.26 46.53
C CYS A 240 -4.97 -1.67 47.54
N ILE A 241 -3.77 -1.94 47.03
CA ILE A 241 -2.58 -2.18 47.83
C ILE A 241 -1.62 -1.03 47.58
N GLN A 242 -1.06 -0.48 48.64
CA GLN A 242 -0.19 0.68 48.57
C GLN A 242 1.25 0.25 48.77
N VAL A 243 2.13 0.61 47.84
CA VAL A 243 3.55 0.29 47.89
C VAL A 243 4.31 1.59 48.04
N ASP A 244 5.14 1.67 49.07
CA ASP A 244 6.00 2.83 49.26
C ASP A 244 7.30 2.66 48.48
N PRO A 245 7.82 3.71 47.86
CA PRO A 245 9.08 3.58 47.12
C PRO A 245 10.22 3.25 48.08
N PRO A 246 11.24 2.55 47.60
CA PRO A 246 12.29 2.09 48.50
C PRO A 246 13.10 3.25 49.08
N GLU A 247 13.68 3.00 50.25
CA GLU A 247 14.52 3.98 50.93
C GLU A 247 15.94 3.86 50.39
N ARG A 248 16.39 4.88 49.67
CA ARG A 248 17.73 4.87 49.09
C ARG A 248 18.68 5.75 49.90
N SER A 264 7.21 -7.60 51.43
CA SER A 264 6.48 -7.35 50.19
C SER A 264 5.04 -7.82 50.30
N SER A 265 4.16 -6.94 50.79
CA SER A 265 2.76 -7.31 50.92
C SER A 265 2.08 -7.46 49.57
N TYR A 266 2.51 -6.70 48.56
CA TYR A 266 1.89 -6.79 47.25
C TYR A 266 2.05 -8.18 46.65
N LYS A 267 3.03 -8.96 47.11
CA LYS A 267 3.18 -10.33 46.64
C LYS A 267 2.06 -11.25 47.09
N ASN A 268 1.26 -10.83 48.08
CA ASN A 268 0.13 -11.61 48.55
C ASN A 268 -1.16 -11.30 47.79
N LEU A 269 -1.06 -10.58 46.67
CA LEU A 269 -2.24 -10.26 45.88
C LEU A 269 -2.95 -11.54 45.46
N THR A 270 -4.27 -11.58 45.67
CA THR A 270 -5.10 -12.69 45.25
C THR A 270 -6.22 -12.12 44.39
N LEU A 271 -6.23 -12.49 43.11
CA LEU A 271 -7.17 -11.93 42.16
C LEU A 271 -8.47 -12.72 42.16
N LYS A 272 -9.59 -12.01 42.10
CA LYS A 272 -10.92 -12.62 42.02
C LYS A 272 -11.27 -12.79 40.54
N PHE A 273 -10.72 -13.85 39.95
CA PHE A 273 -10.71 -13.97 38.49
C PHE A 273 -12.11 -14.01 37.90
N HIS A 274 -13.03 -14.77 38.52
CA HIS A 274 -14.33 -14.99 37.91
C HIS A 274 -15.19 -13.73 37.91
N LYS A 275 -14.92 -12.76 38.79
CA LYS A 275 -15.66 -11.51 38.85
C LYS A 275 -14.78 -10.30 38.60
N LEU A 276 -13.55 -10.51 38.13
CA LEU A 276 -12.60 -9.41 37.97
C LEU A 276 -13.03 -8.49 36.84
N VAL A 277 -13.05 -7.19 37.11
CA VAL A 277 -13.31 -6.20 36.08
C VAL A 277 -12.01 -5.68 35.48
N ASN A 278 -11.07 -5.22 36.32
CA ASN A 278 -9.76 -4.88 35.79
C ASN A 278 -8.75 -4.78 36.93
N VAL A 279 -7.48 -4.63 36.54
CA VAL A 279 -6.40 -4.33 37.46
C VAL A 279 -5.65 -3.12 36.93
N THR A 280 -5.28 -2.22 37.84
CA THR A 280 -4.56 -1.02 37.47
C THR A 280 -3.38 -0.80 38.40
N ILE A 281 -2.31 -0.23 37.84
CA ILE A 281 -1.13 0.18 38.58
C ILE A 281 -0.89 1.65 38.27
N HIS A 282 -0.87 2.47 39.32
CA HIS A 282 -0.71 3.92 39.18
C HIS A 282 0.55 4.35 39.91
N PHE A 283 1.38 5.15 39.24
CA PHE A 283 2.50 5.77 39.95
C PHE A 283 3.02 6.96 39.14
N ARG A 284 3.70 7.87 39.84
CA ARG A 284 4.22 9.08 39.23
C ARG A 284 5.73 9.12 39.34
N LEU A 285 6.38 9.62 38.29
CA LEU A 285 7.83 9.79 38.25
C LEU A 285 8.19 11.20 37.83
N LYS A 286 9.12 11.82 38.53
CA LYS A 286 9.58 13.16 38.22
C LYS A 286 10.93 13.09 37.52
N THR A 287 11.08 13.87 36.45
CA THR A 287 12.34 13.95 35.72
C THR A 287 12.55 15.38 35.25
N ILE A 288 13.74 15.64 34.73
CA ILE A 288 14.11 16.95 34.19
C ILE A 288 14.46 16.76 32.72
N ASN A 289 13.95 17.64 31.87
CA ASN A 289 14.13 17.55 30.42
C ASN A 289 15.41 18.28 30.04
N LEU A 290 16.53 17.56 30.10
CA LEU A 290 17.81 18.17 29.74
C LEU A 290 17.90 18.47 28.24
N GLN A 291 17.17 17.73 27.42
CA GLN A 291 17.20 17.94 25.97
C GLN A 291 16.97 19.40 25.61
N SER A 292 16.30 20.16 26.47
CA SER A 292 16.03 21.57 26.19
C SER A 292 17.31 22.32 25.83
N LEU A 293 18.44 21.93 26.43
CA LEU A 293 19.69 22.65 26.19
C LEU A 293 20.07 22.64 24.71
N ILE A 294 19.56 21.70 23.93
CA ILE A 294 19.85 21.69 22.51
C ILE A 294 19.33 22.97 21.85
N ASN A 295 18.12 23.39 22.22
CA ASN A 295 17.53 24.61 21.69
C ASN A 295 17.85 25.83 22.54
N ASN A 296 18.80 25.72 23.46
CA ASN A 296 19.23 26.80 24.35
C ASN A 296 18.14 27.21 25.34
N GLU A 297 17.05 26.45 25.44
CA GLU A 297 16.01 26.74 26.41
C GLU A 297 16.45 26.28 27.80
N ILE A 298 15.74 26.77 28.81
CA ILE A 298 15.97 26.32 30.19
C ILE A 298 15.21 25.02 30.41
N PRO A 299 15.86 23.95 30.88
CA PRO A 299 15.13 22.70 31.13
C PRO A 299 13.96 22.90 32.07
N ASP A 300 12.86 22.21 31.78
CA ASP A 300 11.67 22.21 32.62
C ASP A 300 11.53 20.88 33.33
N CYS A 301 10.66 20.85 34.33
CA CYS A 301 10.48 19.70 35.20
C CYS A 301 9.20 18.96 34.83
N TYR A 302 9.33 17.69 34.48
CA TYR A 302 8.21 16.85 34.07
C TYR A 302 7.80 15.94 35.22
N THR A 303 6.49 15.74 35.36
CA THR A 303 5.92 14.69 36.20
C THR A 303 5.10 13.79 35.28
N PHE A 304 5.55 12.56 35.11
CA PHE A 304 4.83 11.56 34.32
C PHE A 304 3.92 10.77 35.26
N SER A 305 2.64 10.74 34.95
CA SER A 305 1.66 9.90 35.63
C SER A 305 1.48 8.65 34.78
N VAL A 306 1.89 7.51 35.31
CA VAL A 306 1.93 6.24 34.58
C VAL A 306 0.79 5.37 35.09
N LEU A 307 -0.02 4.88 34.14
CA LEU A 307 -1.12 3.98 34.42
C LEU A 307 -0.95 2.72 33.58
N ILE A 308 -0.86 1.57 34.24
CA ILE A 308 -0.80 0.27 33.57
C ILE A 308 -2.12 -0.43 33.82
N THR A 309 -2.81 -0.81 32.74
CA THR A 309 -4.13 -1.40 32.82
C THR A 309 -4.10 -2.83 32.29
N PHE A 310 -4.61 -3.75 33.10
CA PHE A 310 -4.91 -5.12 32.70
C PHE A 310 -6.44 -5.21 32.63
N ASP A 311 -6.97 -5.26 31.41
CA ASP A 311 -8.39 -5.04 31.18
C ASP A 311 -9.12 -6.37 30.99
N ASN A 312 -10.13 -6.62 31.83
CA ASN A 312 -10.94 -7.84 31.75
C ASN A 312 -12.41 -7.53 31.52
N LYS A 313 -12.71 -6.38 30.89
CA LYS A 313 -14.10 -5.99 30.73
C LYS A 313 -14.84 -6.94 29.79
N ALA A 314 -14.15 -7.50 28.79
CA ALA A 314 -14.80 -8.42 27.85
C ALA A 314 -15.08 -9.78 28.49
N HIS A 315 -14.39 -10.14 29.57
CA HIS A 315 -14.57 -11.43 30.22
C HIS A 315 -14.45 -12.57 29.21
N SER A 316 -13.47 -12.47 28.31
CA SER A 316 -13.36 -13.35 27.16
C SER A 316 -12.19 -14.32 27.24
N GLY A 317 -11.48 -14.37 28.37
CA GLY A 317 -10.30 -15.19 28.49
C GLY A 317 -9.03 -14.54 27.98
N ARG A 318 -9.12 -13.37 27.38
CA ARG A 318 -7.96 -12.61 26.90
C ARG A 318 -7.98 -11.26 27.60
N ILE A 319 -6.90 -10.94 28.30
CA ILE A 319 -6.82 -9.70 29.07
C ILE A 319 -5.76 -8.79 28.45
N PRO A 320 -6.14 -7.77 27.69
CA PRO A 320 -5.15 -6.85 27.12
C PRO A 320 -4.45 -6.05 28.21
N ILE A 321 -3.19 -5.72 27.93
CA ILE A 321 -2.34 -4.98 28.84
C ILE A 321 -1.85 -3.74 28.12
N SER A 322 -1.99 -2.58 28.77
CA SER A 322 -1.59 -1.31 28.16
C SER A 322 -0.89 -0.44 29.20
N LEU A 323 -0.03 0.45 28.72
CA LEU A 323 0.62 1.46 29.54
C LEU A 323 0.38 2.82 28.92
N GLU A 324 -0.07 3.77 29.73
CA GLU A 324 -0.31 5.14 29.29
C GLU A 324 0.34 6.12 30.25
N THR A 325 0.70 7.29 29.73
CA THR A 325 1.32 8.34 30.52
C THR A 325 0.63 9.66 30.28
N GLN A 326 0.59 10.49 31.33
CA GLN A 326 0.17 11.88 31.22
C GLN A 326 1.25 12.76 31.83
N ALA A 327 1.68 13.78 31.09
CA ALA A 327 2.81 14.60 31.50
C ALA A 327 2.33 15.95 32.00
N HIS A 328 2.76 16.33 33.20
CA HIS A 328 2.53 17.65 33.75
C HIS A 328 3.87 18.38 33.82
N ILE A 329 3.95 19.54 33.18
CA ILE A 329 5.19 20.28 33.02
C ILE A 329 5.15 21.53 33.89
N GLN A 330 6.22 21.77 34.65
CA GLN A 330 6.36 22.96 35.47
C GLN A 330 7.73 23.56 35.25
N GLU A 331 7.86 24.83 35.63
CA GLU A 331 9.18 25.43 35.77
C GLU A 331 9.89 24.81 36.95
N CYS A 332 11.16 24.45 36.76
CA CYS A 332 11.93 23.89 37.87
C CYS A 332 12.20 24.96 38.91
N LYS A 333 12.15 24.57 40.18
CA LYS A 333 12.20 25.54 41.27
C LYS A 333 13.53 26.29 41.28
N HIS A 334 14.64 25.57 41.14
CA HIS A 334 15.98 26.16 41.21
C HIS A 334 16.77 25.74 39.99
N PRO A 335 16.51 26.35 38.84
CA PRO A 335 17.30 26.06 37.64
C PRO A 335 18.58 26.89 37.60
N SER A 336 19.62 26.31 37.01
CA SER A 336 20.91 26.98 36.94
C SER A 336 21.69 26.42 35.76
N VAL A 337 21.84 27.22 34.71
CA VAL A 337 22.63 26.85 33.54
C VAL A 337 23.78 27.83 33.41
N PHE A 338 25.00 27.31 33.30
CA PHE A 338 26.19 28.14 33.21
C PHE A 338 26.17 29.00 31.97
N SER A 344 11.95 36.42 26.06
CA SER A 344 12.53 37.67 25.61
C SER A 344 12.20 37.92 24.14
N PHE A 345 12.95 37.27 23.25
CA PHE A 345 12.67 37.39 21.82
C PHE A 345 11.30 36.81 21.49
N ARG A 346 10.97 35.65 22.07
CA ARG A 346 9.69 35.00 21.75
C ARG A 346 8.51 35.86 22.20
N LEU A 347 8.58 36.39 23.42
CA LEU A 347 7.48 37.20 23.93
C LEU A 347 7.34 38.48 23.11
N LEU A 348 8.46 39.11 22.76
CA LEU A 348 8.40 40.32 21.95
C LEU A 348 7.80 40.04 20.58
N PHE A 349 8.18 38.92 19.96
CA PHE A 349 7.63 38.57 18.66
C PHE A 349 6.13 38.29 18.76
N ASP A 350 5.71 37.62 19.83
CA ASP A 350 4.28 37.39 20.03
C ASP A 350 3.53 38.70 20.18
N VAL A 351 4.11 39.65 20.91
CA VAL A 351 3.49 40.97 21.05
C VAL A 351 3.39 41.65 19.69
N VAL A 352 4.44 41.54 18.88
CA VAL A 352 4.42 42.14 17.55
C VAL A 352 3.31 41.52 16.70
N VAL A 353 3.16 40.20 16.78
CA VAL A 353 2.10 39.52 16.03
C VAL A 353 0.73 40.04 16.49
N ILE A 354 0.54 40.16 17.81
CA ILE A 354 -0.74 40.63 18.32
C ILE A 354 -1.03 42.04 17.83
N LEU A 355 -0.03 42.92 17.86
CA LEU A 355 -0.24 44.30 17.41
C LEU A 355 -0.56 44.34 15.92
N THR A 356 0.17 43.57 15.11
CA THR A 356 -0.10 43.55 13.67
C THR A 356 -1.53 43.11 13.39
N CYS A 357 -1.96 42.04 14.06
CA CYS A 357 -3.32 41.54 13.83
C CYS A 357 -4.37 42.51 14.36
N SER A 358 -4.09 43.20 15.47
CA SER A 358 -5.04 44.19 15.97
C SER A 358 -5.21 45.34 14.97
N LEU A 359 -4.10 45.83 14.41
CA LEU A 359 -4.20 46.89 13.41
C LEU A 359 -4.96 46.42 12.18
N SER A 360 -4.67 45.20 11.71
CA SER A 360 -5.39 44.67 10.56
C SER A 360 -6.88 44.55 10.86
N PHE A 361 -7.23 44.07 12.06
CA PHE A 361 -8.63 43.96 12.45
C PHE A 361 -9.31 45.32 12.45
N LEU A 362 -8.64 46.33 13.00
CA LEU A 362 -9.24 47.66 13.02
C LEU A 362 -9.50 48.18 11.61
N LEU A 363 -8.52 48.04 10.72
CA LEU A 363 -8.70 48.53 9.36
C LEU A 363 -9.82 47.79 8.63
N CYS A 364 -9.85 46.46 8.77
CA CYS A 364 -10.88 45.67 8.10
C CYS A 364 -12.26 46.00 8.65
N ALA A 365 -12.37 46.20 9.97
CA ALA A 365 -13.65 46.59 10.55
C ALA A 365 -14.10 47.94 10.04
N ARG A 366 -13.17 48.88 9.90
CA ARG A 366 -13.51 50.18 9.32
C ARG A 366 -14.04 50.03 7.91
N SER A 367 -13.37 49.20 7.10
CA SER A 367 -13.84 48.99 5.72
C SER A 367 -15.23 48.36 5.70
N LEU A 368 -15.48 47.38 6.55
CA LEU A 368 -16.79 46.74 6.59
C LEU A 368 -17.86 47.72 7.04
N LEU A 369 -17.54 48.57 8.01
CA LEU A 369 -18.51 49.57 8.45
C LEU A 369 -18.84 50.54 7.32
N ARG A 370 -17.83 51.00 6.59
CA ARG A 370 -18.09 51.90 5.47
C ARG A 370 -18.93 51.20 4.41
N GLY A 371 -18.66 49.91 4.15
CA GLY A 371 -19.48 49.18 3.21
C GLY A 371 -20.93 49.11 3.64
N PHE A 372 -21.17 48.84 4.92
CA PHE A 372 -22.54 48.81 5.42
C PHE A 372 -23.22 50.17 5.27
N LEU A 373 -22.51 51.25 5.59
CA LEU A 373 -23.11 52.58 5.48
C LEU A 373 -23.45 52.91 4.03
N LEU A 374 -22.53 52.61 3.10
CA LEU A 374 -22.82 52.86 1.69
C LEU A 374 -23.98 52.01 1.21
N GLN A 375 -24.06 50.76 1.67
CA GLN A 375 -25.19 49.91 1.29
C GLN A 375 -26.50 50.52 1.77
N ASN A 376 -26.54 51.00 3.01
CA ASN A 376 -27.76 51.62 3.51
C ASN A 376 -28.12 52.86 2.69
N GLU A 377 -27.14 53.69 2.37
CA GLU A 377 -27.41 54.88 1.57
C GLU A 377 -27.97 54.50 0.20
N PHE A 378 -27.36 53.51 -0.45
CA PHE A 378 -27.84 53.09 -1.77
C PHE A 378 -29.26 52.54 -1.69
N VAL A 379 -29.55 51.75 -0.65
CA VAL A 379 -30.90 51.24 -0.48
C VAL A 379 -31.88 52.38 -0.30
N GLY A 380 -31.51 53.38 0.50
CA GLY A 380 -32.38 54.53 0.68
C GLY A 380 -32.62 55.28 -0.61
N PHE A 381 -31.59 55.40 -1.45
CA PHE A 381 -31.75 56.12 -2.72
C PHE A 381 -32.81 55.49 -3.59
N MET A 382 -32.98 54.17 -3.52
CA MET A 382 -33.98 53.47 -4.32
C MET A 382 -35.39 53.58 -3.77
N TRP A 383 -35.61 54.42 -2.75
CA TRP A 383 -36.91 54.56 -2.09
C TRP A 383 -37.73 53.27 -2.12
N SER A 391 -33.19 43.93 -2.99
CA SER A 391 -33.39 42.62 -2.40
C SER A 391 -32.28 42.30 -1.39
N LEU A 392 -32.15 41.03 -1.03
CA LEU A 392 -31.16 40.64 -0.03
C LEU A 392 -29.78 40.44 -0.65
N TRP A 393 -29.71 39.66 -1.73
CA TRP A 393 -28.42 39.44 -2.38
C TRP A 393 -27.83 40.73 -2.92
N GLU A 394 -28.68 41.67 -3.35
CA GLU A 394 -28.19 42.98 -3.76
C GLU A 394 -27.50 43.68 -2.59
N ARG A 395 -28.07 43.58 -1.39
CA ARG A 395 -27.42 44.14 -0.22
C ARG A 395 -26.10 43.41 0.07
N LEU A 396 -26.11 42.07 0.01
CA LEU A 396 -24.90 41.31 0.29
C LEU A 396 -23.79 41.59 -0.71
N GLU A 397 -24.13 42.10 -1.90
CA GLU A 397 -23.10 42.46 -2.87
C GLU A 397 -22.15 43.51 -2.31
N PHE A 398 -22.56 44.26 -1.29
CA PHE A 398 -21.70 45.28 -0.68
C PHE A 398 -20.72 44.71 0.32
N VAL A 399 -20.81 43.43 0.65
CA VAL A 399 -19.96 42.82 1.67
C VAL A 399 -18.71 42.25 1.01
N ASN A 400 -17.55 42.58 1.56
CA ASN A 400 -16.27 42.06 1.09
C ASN A 400 -15.96 40.78 1.87
N GLY A 401 -16.15 39.63 1.23
CA GLY A 401 -15.91 38.38 1.91
C GLY A 401 -14.46 38.19 2.33
N TRP A 402 -13.52 38.73 1.54
CA TRP A 402 -12.12 38.65 1.91
C TRP A 402 -11.87 39.37 3.23
N TYR A 403 -12.58 40.46 3.49
CA TYR A 403 -12.40 41.16 4.76
C TYR A 403 -13.00 40.40 5.92
N ILE A 404 -14.11 39.68 5.69
CA ILE A 404 -14.61 38.77 6.71
C ILE A 404 -13.56 37.73 7.03
N LEU A 405 -12.94 37.16 6.00
CA LEU A 405 -11.89 36.18 6.21
C LEU A 405 -10.72 36.76 7.01
N LEU A 406 -10.30 37.98 6.66
CA LEU A 406 -9.19 38.61 7.36
C LEU A 406 -9.53 38.87 8.83
N VAL A 407 -10.75 39.33 9.10
CA VAL A 407 -11.16 39.58 10.48
C VAL A 407 -11.17 38.29 11.27
N THR A 408 -11.70 37.21 10.68
CA THR A 408 -11.71 35.92 11.35
C THR A 408 -10.28 35.46 11.64
N SER A 409 -9.38 35.61 10.67
CA SER A 409 -8.00 35.20 10.88
C SER A 409 -7.33 36.02 11.97
N ASP A 410 -7.61 37.33 12.02
CA ASP A 410 -7.05 38.17 13.07
C ASP A 410 -7.52 37.71 14.45
N VAL A 411 -8.82 37.44 14.58
CA VAL A 411 -9.34 36.99 15.88
C VAL A 411 -8.70 35.66 16.28
N LEU A 412 -8.66 34.71 15.35
CA LEU A 412 -8.07 33.41 15.66
C LEU A 412 -6.61 33.55 16.05
N THR A 413 -5.85 34.38 15.33
CA THR A 413 -4.44 34.53 15.63
C THR A 413 -4.22 35.18 16.98
N ILE A 414 -5.01 36.21 17.31
CA ILE A 414 -4.84 36.87 18.61
C ILE A 414 -5.14 35.90 19.74
N SER A 415 -6.23 35.15 19.63
CA SER A 415 -6.57 34.17 20.66
C SER A 415 -5.47 33.12 20.79
N GLY A 416 -5.00 32.58 19.65
CA GLY A 416 -3.97 31.57 19.69
C GLY A 416 -2.67 32.08 20.26
N THR A 417 -2.35 33.35 19.98
CA THR A 417 -1.10 33.92 20.49
C THR A 417 -1.17 34.13 22.00
N ILE A 418 -2.32 34.58 22.49
CA ILE A 418 -2.48 34.70 23.94
C ILE A 418 -2.33 33.33 24.59
N MET A 419 -2.97 32.31 24.01
CA MET A 419 -2.84 30.97 24.57
C MET A 419 -1.41 30.47 24.49
N LYS A 420 -0.70 30.79 23.41
CA LYS A 420 0.70 30.39 23.27
C LYS A 420 1.57 31.04 24.33
N ILE A 421 1.34 32.32 24.60
CA ILE A 421 2.07 33.01 25.66
C ILE A 421 1.81 32.33 26.99
N GLY A 422 0.54 32.00 27.27
CA GLY A 422 0.23 31.30 28.50
C GLY A 422 0.91 29.94 28.60
N ILE A 423 0.92 29.19 27.50
CA ILE A 423 1.51 27.86 27.50
C ILE A 423 3.01 27.94 27.72
N GLU A 424 3.69 28.85 27.03
CA GLU A 424 5.14 28.93 27.14
C GLU A 424 5.60 29.38 28.52
N ALA A 425 4.71 30.00 29.30
CA ALA A 425 5.00 30.35 30.68
C ALA A 425 4.60 29.27 31.67
N LYS A 426 4.14 28.11 31.17
CA LYS A 426 3.73 26.98 31.99
C LYS A 426 2.46 27.27 32.80
N ASN A 427 1.69 28.28 32.42
CA ASN A 427 0.41 28.56 33.06
C ASN A 427 -0.76 27.89 32.36
N LEU A 428 -0.56 27.37 31.16
CA LEU A 428 -1.60 26.69 30.41
C LEU A 428 -1.03 25.40 29.83
N ALA A 429 -1.92 24.44 29.58
CA ALA A 429 -1.53 23.16 29.01
C ALA A 429 -2.41 22.76 27.83
N SER A 430 -3.17 23.71 27.27
CA SER A 430 -4.08 23.42 26.16
C SER A 430 -3.35 23.57 24.83
N TYR A 431 -2.46 22.61 24.58
CA TYR A 431 -1.69 22.63 23.34
C TYR A 431 -2.58 22.44 22.11
N ASP A 432 -3.57 21.56 22.21
CA ASP A 432 -4.39 21.23 21.05
C ASP A 432 -5.17 22.45 20.54
N VAL A 433 -5.83 23.16 21.45
CA VAL A 433 -6.64 24.30 21.04
C VAL A 433 -5.76 25.40 20.46
N CYS A 434 -4.62 25.66 21.10
CA CYS A 434 -3.69 26.67 20.58
C CYS A 434 -3.21 26.30 19.18
N SER A 435 -2.82 25.04 18.99
CA SER A 435 -2.33 24.61 17.68
C SER A 435 -3.43 24.73 16.64
N ILE A 436 -4.65 24.35 16.98
CA ILE A 436 -5.75 24.44 16.01
C ILE A 436 -6.00 25.90 15.63
N LEU A 437 -6.03 26.79 16.63
CA LEU A 437 -6.25 28.20 16.35
C LEU A 437 -5.18 28.75 15.42
N LEU A 438 -3.90 28.53 15.76
CA LEU A 438 -2.82 29.10 14.97
C LEU A 438 -2.77 28.48 13.58
N GLY A 439 -2.96 27.17 13.47
CA GLY A 439 -2.93 26.54 12.16
C GLY A 439 -4.06 26.99 11.27
N THR A 440 -5.28 27.09 11.82
CA THR A 440 -6.41 27.55 11.03
C THR A 440 -6.21 28.99 10.58
N SER A 441 -5.69 29.85 11.47
CA SER A 441 -5.46 31.23 11.07
C SER A 441 -4.38 31.31 9.98
N THR A 442 -3.33 30.50 10.08
CA THR A 442 -2.31 30.49 9.03
C THR A 442 -2.89 30.03 7.71
N LEU A 443 -3.70 28.97 7.73
CA LEU A 443 -4.37 28.52 6.51
C LEU A 443 -5.21 29.64 5.91
N LEU A 444 -5.99 30.34 6.74
CA LEU A 444 -6.85 31.39 6.23
C LEU A 444 -6.04 32.53 5.61
N VAL A 445 -4.96 32.94 6.29
N VAL A 445 -4.96 32.91 6.29
CA VAL A 445 -4.18 34.06 5.75
CA VAL A 445 -4.14 34.02 5.82
C VAL A 445 -3.50 33.66 4.45
C VAL A 445 -3.48 33.67 4.49
N TRP A 446 -3.06 32.41 4.34
CA TRP A 446 -2.46 31.98 3.07
C TRP A 446 -3.52 31.88 1.97
N VAL A 447 -4.74 31.47 2.31
CA VAL A 447 -5.82 31.43 1.33
C VAL A 447 -6.15 32.84 0.86
N GLY A 448 -6.04 33.83 1.75
CA GLY A 448 -6.39 35.19 1.40
C GLY A 448 -5.55 35.78 0.29
N VAL A 449 -4.39 35.18 -0.02
CA VAL A 449 -3.52 35.69 -1.07
C VAL A 449 -4.23 35.66 -2.42
N ILE A 450 -5.20 34.75 -2.61
CA ILE A 450 -5.89 34.63 -3.88
C ILE A 450 -6.60 35.92 -4.26
N ARG A 451 -6.95 36.75 -3.27
CA ARG A 451 -7.59 38.02 -3.56
C ARG A 451 -6.71 38.88 -4.47
N TYR A 452 -5.41 38.88 -4.22
CA TYR A 452 -4.51 39.69 -5.03
C TYR A 452 -4.40 39.15 -6.45
N LEU A 453 -4.48 37.82 -6.61
CA LEU A 453 -4.48 37.24 -7.94
C LEU A 453 -5.76 37.55 -8.70
N THR A 454 -6.88 37.72 -7.98
CA THR A 454 -8.13 38.02 -8.68
C THR A 454 -8.07 39.33 -9.46
N PHE A 455 -7.12 40.20 -9.15
CA PHE A 455 -7.03 41.49 -9.83
C PHE A 455 -6.41 41.41 -11.20
N PHE A 456 -5.87 40.26 -11.60
CA PHE A 456 -5.27 40.06 -12.91
C PHE A 456 -6.12 39.09 -13.71
N HIS A 457 -6.39 39.45 -14.97
CA HIS A 457 -7.42 38.76 -15.74
C HIS A 457 -7.09 37.29 -15.95
N ASN A 458 -5.82 36.97 -16.24
CA ASN A 458 -5.47 35.59 -16.58
C ASN A 458 -5.61 34.64 -15.40
N TYR A 459 -5.43 35.14 -14.17
CA TYR A 459 -5.69 34.33 -12.99
C TYR A 459 -7.17 34.37 -12.59
N ASN A 460 -7.81 35.52 -12.82
CA ASN A 460 -9.21 35.67 -12.47
C ASN A 460 -10.09 34.74 -13.30
N ILE A 461 -9.71 34.45 -14.54
CA ILE A 461 -10.52 33.52 -15.34
C ILE A 461 -10.59 32.16 -14.66
N LEU A 462 -9.46 31.67 -14.15
CA LEU A 462 -9.44 30.36 -13.48
C LEU A 462 -10.20 30.41 -12.16
N ILE A 463 -10.00 31.47 -11.39
CA ILE A 463 -10.72 31.60 -10.12
C ILE A 463 -12.22 31.66 -10.37
N ALA A 464 -12.65 32.42 -11.38
CA ALA A 464 -14.05 32.51 -11.73
C ALA A 464 -14.59 31.18 -12.26
N THR A 465 -13.77 30.41 -12.96
CA THR A 465 -14.19 29.08 -13.38
C THR A 465 -14.56 28.23 -12.17
N LEU A 466 -13.68 28.20 -11.16
CA LEU A 466 -14.00 27.44 -9.96
C LEU A 466 -15.25 27.98 -9.28
N ARG A 467 -15.37 29.31 -9.19
CA ARG A 467 -16.51 29.92 -8.51
C ARG A 467 -17.83 29.56 -9.20
N VAL A 468 -17.87 29.62 -10.53
N VAL A 468 -17.86 29.62 -10.53
CA VAL A 468 -19.12 29.30 -11.23
CA VAL A 468 -19.05 29.30 -11.29
C VAL A 468 -19.38 27.80 -11.24
C VAL A 468 -19.37 27.81 -11.20
N ALA A 469 -18.34 26.97 -11.11
CA ALA A 469 -18.57 25.53 -11.03
C ALA A 469 -19.15 25.13 -9.67
N LEU A 470 -18.77 25.83 -8.60
CA LEU A 470 -19.08 25.38 -7.24
C LEU A 470 -20.56 25.03 -7.01
N PRO A 471 -21.53 25.83 -7.44
CA PRO A 471 -22.94 25.50 -7.10
C PRO A 471 -23.42 24.17 -7.66
N SER A 472 -23.19 23.91 -8.95
CA SER A 472 -23.61 22.64 -9.53
C SER A 472 -22.87 21.48 -8.90
N VAL A 473 -21.61 21.68 -8.54
CA VAL A 473 -20.85 20.65 -7.84
C VAL A 473 -21.51 20.33 -6.50
N MET A 474 -21.94 21.35 -5.77
CA MET A 474 -22.59 21.12 -4.49
C MET A 474 -23.92 20.40 -4.65
N ARG A 475 -24.70 20.77 -5.68
CA ARG A 475 -25.95 20.07 -5.94
C ARG A 475 -25.72 18.60 -6.27
N PHE A 476 -24.71 18.32 -7.11
CA PHE A 476 -24.37 16.94 -7.41
C PHE A 476 -23.91 16.21 -6.16
N CYS A 477 -23.22 16.91 -5.25
CA CYS A 477 -22.85 16.29 -3.98
C CYS A 477 -24.08 15.93 -3.17
N CYS A 478 -25.10 16.80 -3.18
CA CYS A 478 -26.36 16.46 -2.52
C CYS A 478 -26.92 15.16 -3.10
N CYS A 479 -26.90 15.03 -4.43
CA CYS A 479 -27.41 13.81 -5.05
C CYS A 479 -26.58 12.59 -4.66
N VAL A 480 -25.26 12.74 -4.60
CA VAL A 480 -24.37 11.60 -4.38
C VAL A 480 -24.34 11.17 -2.93
N ALA A 481 -24.60 12.10 -1.99
CA ALA A 481 -24.41 11.82 -0.58
C ALA A 481 -25.39 10.76 -0.08
N VAL A 482 -26.63 10.75 -0.58
CA VAL A 482 -27.59 9.77 -0.09
C VAL A 482 -27.18 8.36 -0.50
N ILE A 483 -26.71 8.20 -1.75
CA ILE A 483 -26.20 6.89 -2.18
C ILE A 483 -25.00 6.50 -1.33
N TYR A 484 -24.09 7.45 -1.08
CA TYR A 484 -22.90 7.16 -0.28
C TYR A 484 -23.30 6.70 1.13
N LEU A 485 -24.27 7.38 1.75
CA LEU A 485 -24.70 7.00 3.09
C LEU A 485 -25.38 5.64 3.10
N GLY A 486 -26.21 5.36 2.10
CA GLY A 486 -26.80 4.04 2.01
C GLY A 486 -25.74 2.95 1.95
N TYR A 487 -24.73 3.16 1.12
CA TYR A 487 -23.64 2.19 1.04
C TYR A 487 -22.90 2.07 2.36
N CYS A 488 -22.67 3.20 3.04
CA CYS A 488 -21.99 3.15 4.33
C CYS A 488 -22.76 2.28 5.32
N PHE A 489 -24.05 2.53 5.47
CA PHE A 489 -24.86 1.76 6.41
C PHE A 489 -24.88 0.28 6.05
N CYS A 490 -25.13 -0.02 4.76
CA CYS A 490 -25.21 -1.42 4.35
C CYS A 490 -23.90 -2.14 4.58
N GLY A 491 -22.78 -1.52 4.19
CA GLY A 491 -21.49 -2.14 4.40
C GLY A 491 -21.18 -2.35 5.87
N TRP A 492 -21.50 -1.37 6.71
CA TRP A 492 -21.25 -1.52 8.13
C TRP A 492 -22.03 -2.69 8.70
N ILE A 493 -23.31 -2.82 8.35
CA ILE A 493 -24.12 -3.86 8.96
C ILE A 493 -23.72 -5.24 8.44
N VAL A 494 -23.42 -5.36 7.15
CA VAL A 494 -23.18 -6.68 6.56
C VAL A 494 -21.73 -7.13 6.74
N LEU A 495 -20.77 -6.27 6.41
CA LEU A 495 -19.36 -6.66 6.39
C LEU A 495 -18.63 -6.40 7.70
N GLY A 496 -19.21 -5.60 8.61
CA GLY A 496 -18.57 -5.30 9.86
C GLY A 496 -18.17 -6.51 10.69
N PRO A 497 -19.04 -7.53 10.79
CA PRO A 497 -18.63 -8.75 11.51
C PRO A 497 -17.41 -9.43 10.92
N TYR A 498 -17.17 -9.31 9.62
CA TYR A 498 -16.15 -10.10 8.94
C TYR A 498 -14.93 -9.29 8.49
N HIS A 499 -15.06 -7.99 8.30
CA HIS A 499 -14.03 -7.17 7.67
C HIS A 499 -13.47 -6.18 8.68
N VAL A 500 -12.15 -6.16 8.83
CA VAL A 500 -11.51 -5.29 9.82
C VAL A 500 -11.73 -3.82 9.48
N LYS A 501 -11.87 -3.49 8.20
CA LYS A 501 -12.03 -2.11 7.77
C LYS A 501 -13.47 -1.62 7.85
N PHE A 502 -14.40 -2.43 8.32
CA PHE A 502 -15.82 -2.08 8.37
C PHE A 502 -16.36 -2.14 9.80
N ARG A 503 -15.50 -1.98 10.80
CA ARG A 503 -15.92 -2.17 12.19
C ARG A 503 -16.84 -1.04 12.66
N SER A 504 -16.50 0.21 12.33
CA SER A 504 -17.30 1.36 12.75
C SER A 504 -17.67 2.18 11.52
N LEU A 505 -18.68 3.04 11.70
CA LEU A 505 -19.20 3.82 10.58
C LEU A 505 -18.17 4.80 10.05
N SER A 506 -17.42 5.47 10.95
CA SER A 506 -16.38 6.37 10.48
C SER A 506 -15.30 5.62 9.72
N MET A 507 -14.93 4.43 10.19
CA MET A 507 -13.97 3.60 9.48
C MET A 507 -14.52 3.17 8.12
N VAL A 508 -15.82 2.85 8.06
CA VAL A 508 -16.43 2.49 6.79
C VAL A 508 -16.36 3.65 5.81
N SER A 509 -16.67 4.85 6.29
CA SER A 509 -16.60 6.03 5.43
C SER A 509 -15.19 6.25 4.94
N GLU A 510 -14.19 6.10 5.81
CA GLU A 510 -12.81 6.25 5.38
C GLU A 510 -12.45 5.23 4.31
N CYS A 511 -12.86 3.98 4.51
CA CYS A 511 -12.55 2.93 3.54
C CYS A 511 -13.20 3.22 2.19
N LEU A 512 -14.47 3.59 2.19
CA LEU A 512 -15.16 3.84 0.93
C LEU A 512 -14.59 5.07 0.22
N PHE A 513 -14.27 6.13 0.98
CA PHE A 513 -13.68 7.31 0.38
C PHE A 513 -12.31 6.99 -0.23
N SER A 514 -11.52 6.17 0.45
CA SER A 514 -10.23 5.76 -0.12
C SER A 514 -10.44 4.92 -1.38
N LEU A 515 -11.41 4.02 -1.36
CA LEU A 515 -11.69 3.20 -2.54
C LEU A 515 -12.06 4.07 -3.73
N ILE A 516 -12.87 5.10 -3.50
CA ILE A 516 -13.29 5.98 -4.59
C ILE A 516 -12.07 6.60 -5.28
N ASN A 517 -11.02 6.88 -4.52
CA ASN A 517 -9.82 7.52 -5.05
C ASN A 517 -8.73 6.50 -5.38
N GLY A 518 -9.10 5.23 -5.56
CA GLY A 518 -8.16 4.22 -6.01
C GLY A 518 -7.06 3.87 -5.03
N ASP A 519 -7.38 3.74 -3.75
CA ASP A 519 -6.39 3.39 -2.74
C ASP A 519 -6.89 2.23 -1.89
N ASP A 520 -5.99 1.31 -1.58
CA ASP A 520 -6.26 0.21 -0.65
C ASP A 520 -7.38 -0.70 -1.15
N MET A 521 -7.46 -0.89 -2.46
CA MET A 521 -8.57 -1.63 -3.04
C MET A 521 -8.34 -3.14 -2.98
N PHE A 522 -7.16 -3.59 -3.41
CA PHE A 522 -6.91 -5.03 -3.46
C PHE A 522 -6.91 -5.65 -2.07
N VAL A 523 -6.39 -4.95 -1.07
CA VAL A 523 -6.40 -5.48 0.29
C VAL A 523 -7.85 -5.59 0.79
N THR A 524 -8.69 -4.64 0.41
CA THR A 524 -10.11 -4.71 0.76
C THR A 524 -10.74 -5.96 0.16
N PHE A 525 -10.44 -6.24 -1.12
CA PHE A 525 -10.96 -7.46 -1.73
C PHE A 525 -10.39 -8.71 -1.06
N ALA A 526 -9.10 -8.68 -0.72
CA ALA A 526 -8.42 -9.86 -0.22
C ALA A 526 -8.87 -10.24 1.18
N ALA A 527 -9.25 -9.25 2.00
CA ALA A 527 -9.71 -9.56 3.34
C ALA A 527 -10.93 -10.48 3.31
N MET A 528 -11.73 -10.43 2.26
CA MET A 528 -12.92 -11.24 2.14
C MET A 528 -12.65 -12.63 1.57
N GLN A 529 -11.47 -12.88 1.03
CA GLN A 529 -11.19 -14.18 0.42
C GLN A 529 -11.23 -15.32 1.44
N ALA A 530 -10.99 -15.02 2.72
CA ALA A 530 -11.01 -16.08 3.72
C ALA A 530 -12.41 -16.62 3.95
N GLN A 531 -13.44 -15.79 3.80
CA GLN A 531 -14.81 -16.18 4.08
C GLN A 531 -15.49 -16.84 2.89
N GLN A 532 -14.79 -17.01 1.77
CA GLN A 532 -15.41 -17.62 0.60
C GLN A 532 -15.94 -19.01 0.92
N GLY A 533 -15.16 -19.82 1.62
CA GLY A 533 -15.58 -21.15 2.01
C GLY A 533 -16.46 -21.14 3.25
N ARG A 534 -16.16 -20.25 4.20
CA ARG A 534 -16.94 -20.18 5.42
C ARG A 534 -18.38 -19.79 5.12
N SER A 535 -18.58 -18.58 4.61
CA SER A 535 -19.92 -18.06 4.30
C SER A 535 -19.93 -17.62 2.83
N SER A 536 -20.46 -18.49 1.97
CA SER A 536 -20.50 -18.18 0.55
C SER A 536 -21.43 -17.01 0.26
N LEU A 537 -22.56 -16.93 0.96
CA LEU A 537 -23.51 -15.84 0.73
C LEU A 537 -22.87 -14.49 1.05
N VAL A 538 -22.15 -14.40 2.17
CA VAL A 538 -21.52 -13.15 2.54
C VAL A 538 -20.45 -12.77 1.53
N TRP A 539 -19.68 -13.74 1.06
CA TRP A 539 -18.63 -13.44 0.09
C TRP A 539 -19.22 -12.95 -1.23
N LEU A 540 -20.28 -13.60 -1.71
CA LEU A 540 -20.92 -13.15 -2.94
C LEU A 540 -21.50 -11.74 -2.76
N PHE A 541 -22.13 -11.48 -1.62
CA PHE A 541 -22.66 -10.14 -1.38
C PHE A 541 -21.55 -9.12 -1.35
N SER A 542 -20.41 -9.45 -0.74
CA SER A 542 -19.29 -8.52 -0.70
C SER A 542 -18.76 -8.24 -2.09
N GLN A 543 -18.68 -9.26 -2.94
CA GLN A 543 -18.28 -9.04 -4.32
C GLN A 543 -19.21 -8.05 -5.00
N LEU A 544 -20.53 -8.30 -4.92
CA LEU A 544 -21.48 -7.41 -5.55
C LEU A 544 -21.36 -6.00 -4.99
N TYR A 545 -21.28 -5.87 -3.67
CA TYR A 545 -21.23 -4.58 -3.01
C TYR A 545 -20.02 -3.78 -3.46
N LEU A 546 -18.82 -4.37 -3.37
CA LEU A 546 -17.60 -3.65 -3.69
C LEU A 546 -17.55 -3.29 -5.17
N TYR A 547 -17.82 -4.27 -6.05
CA TYR A 547 -17.73 -3.98 -7.48
C TYR A 547 -18.71 -2.88 -7.88
N SER A 548 -19.97 -2.99 -7.44
CA SER A 548 -20.96 -1.99 -7.82
C SER A 548 -20.59 -0.62 -7.28
N PHE A 549 -20.18 -0.54 -6.02
CA PHE A 549 -19.83 0.76 -5.44
C PHE A 549 -18.68 1.40 -6.21
N ILE A 550 -17.58 0.67 -6.39
CA ILE A 550 -16.40 1.25 -7.02
C ILE A 550 -16.73 1.67 -8.45
N SER A 551 -17.41 0.81 -9.20
CA SER A 551 -17.71 1.14 -10.59
C SER A 551 -18.59 2.38 -10.67
N LEU A 552 -19.67 2.41 -9.89
CA LEU A 552 -20.58 3.55 -9.93
C LEU A 552 -19.85 4.84 -9.61
N PHE A 553 -19.05 4.83 -8.55
CA PHE A 553 -18.47 6.09 -8.10
C PHE A 553 -17.29 6.55 -8.94
N ILE A 554 -16.48 5.63 -9.47
CA ILE A 554 -15.33 6.06 -10.25
C ILE A 554 -15.72 6.36 -11.69
N TYR A 555 -16.52 5.50 -12.31
CA TYR A 555 -16.77 5.63 -13.74
C TYR A 555 -17.93 6.56 -14.08
N MET A 556 -18.78 6.92 -13.11
CA MET A 556 -19.87 7.86 -13.36
C MET A 556 -19.72 9.14 -12.56
N VAL A 557 -19.60 9.07 -11.24
CA VAL A 557 -19.63 10.27 -10.41
C VAL A 557 -18.43 11.16 -10.69
N LEU A 558 -17.22 10.60 -10.66
CA LEU A 558 -16.03 11.40 -10.89
C LEU A 558 -16.01 11.96 -12.31
N SER A 559 -16.47 11.18 -13.28
CA SER A 559 -16.58 11.67 -14.64
C SER A 559 -17.52 12.87 -14.71
N LEU A 560 -18.61 12.84 -13.96
CA LEU A 560 -19.52 13.98 -13.98
C LEU A 560 -18.92 15.20 -13.29
N PHE A 561 -18.12 15.01 -12.24
CA PHE A 561 -17.40 16.15 -11.67
C PHE A 561 -16.48 16.77 -12.71
N ILE A 562 -15.76 15.93 -13.45
CA ILE A 562 -14.88 16.44 -14.51
C ILE A 562 -15.70 17.19 -15.55
N ALA A 563 -16.85 16.64 -15.94
CA ALA A 563 -17.70 17.28 -16.94
C ALA A 563 -18.20 18.64 -16.45
N LEU A 564 -18.58 18.73 -15.17
CA LEU A 564 -19.06 20.00 -14.63
C LEU A 564 -17.96 21.06 -14.65
N ILE A 565 -16.76 20.68 -14.21
CA ILE A 565 -15.65 21.64 -14.24
C ILE A 565 -15.35 22.07 -15.67
N THR A 566 -15.37 21.11 -16.60
CA THR A 566 -15.08 21.44 -18.00
C THR A 566 -16.13 22.39 -18.56
N GLY A 567 -17.41 22.15 -18.25
CA GLY A 567 -18.46 23.05 -18.71
C GLY A 567 -18.33 24.44 -18.13
N ALA A 568 -17.98 24.53 -16.85
CA ALA A 568 -17.76 25.84 -16.25
C ALA A 568 -16.61 26.57 -16.95
N TYR A 569 -15.52 25.86 -17.23
CA TYR A 569 -14.41 26.49 -17.92
C TYR A 569 -14.82 26.95 -19.31
N ASP A 570 -15.58 26.13 -20.03
CA ASP A 570 -16.01 26.50 -21.37
C ASP A 570 -16.90 27.74 -21.33
N THR A 571 -17.82 27.82 -20.36
CA THR A 571 -18.71 28.97 -20.30
C THR A 571 -17.95 30.23 -19.91
N ILE A 572 -16.93 30.10 -19.05
CA ILE A 572 -16.12 31.26 -18.69
C ILE A 572 -15.34 31.73 -19.91
N LYS A 573 -14.75 30.80 -20.67
CA LYS A 573 -13.94 31.17 -21.81
C LYS A 573 -14.76 31.67 -22.99
N HIS A 574 -16.08 31.56 -22.93
CA HIS A 574 -16.94 32.04 -24.01
C HIS A 574 -18.10 32.85 -23.45
N LEU B 89 -18.78 -8.18 -61.81
CA LEU B 89 -17.73 -8.08 -60.80
C LEU B 89 -18.20 -7.20 -59.64
N ARG B 90 -18.97 -6.16 -59.96
CA ARG B 90 -19.45 -5.25 -58.93
C ARG B 90 -20.35 -5.97 -57.94
N ARG B 91 -21.22 -6.85 -58.43
CA ARG B 91 -22.12 -7.57 -57.54
C ARG B 91 -21.33 -8.47 -56.59
N ARG B 92 -20.32 -9.16 -57.11
CA ARG B 92 -19.51 -10.03 -56.26
C ARG B 92 -18.74 -9.22 -55.22
N LEU B 93 -18.21 -8.07 -55.61
CA LEU B 93 -17.51 -7.22 -54.64
C LEU B 93 -18.46 -6.72 -53.57
N LYS B 94 -19.67 -6.32 -53.95
CA LYS B 94 -20.64 -5.87 -52.96
C LYS B 94 -21.01 -6.99 -52.01
N TYR B 95 -21.20 -8.20 -52.54
CA TYR B 95 -21.51 -9.35 -51.70
C TYR B 95 -20.36 -9.67 -50.76
N PHE B 96 -19.12 -9.48 -51.23
CA PHE B 96 -17.95 -9.82 -50.41
C PHE B 96 -17.93 -9.00 -49.13
N PHE B 97 -18.27 -7.71 -49.21
CA PHE B 97 -18.21 -6.82 -48.06
C PHE B 97 -19.52 -6.76 -47.28
N MET B 98 -20.50 -7.58 -47.64
CA MET B 98 -21.75 -7.60 -46.91
C MET B 98 -21.55 -8.14 -45.50
N SER B 99 -22.44 -7.74 -44.60
CA SER B 99 -22.44 -8.27 -43.26
C SER B 99 -23.01 -9.69 -43.26
N PRO B 100 -22.77 -10.47 -42.19
CA PRO B 100 -23.30 -11.84 -42.17
C PRO B 100 -24.79 -11.91 -42.40
N CYS B 101 -25.56 -10.99 -41.81
CA CYS B 101 -27.00 -10.99 -42.04
C CYS B 101 -27.31 -10.65 -43.50
N ASP B 102 -26.63 -9.64 -44.05
CA ASP B 102 -26.84 -9.29 -45.45
C ASP B 102 -26.42 -10.44 -46.36
N LYS B 103 -25.31 -11.10 -46.04
CA LYS B 103 -24.87 -12.24 -46.83
C LYS B 103 -25.91 -13.34 -46.82
N PHE B 104 -26.45 -13.65 -45.65
CA PHE B 104 -27.46 -14.70 -45.55
C PHE B 104 -28.71 -14.33 -46.34
N ARG B 105 -29.15 -13.07 -46.25
CA ARG B 105 -30.30 -12.65 -47.03
C ARG B 105 -30.02 -12.76 -48.52
N ALA B 106 -28.81 -12.36 -48.95
CA ALA B 106 -28.50 -12.35 -50.37
C ALA B 106 -28.44 -13.77 -50.95
N LYS B 107 -27.84 -14.71 -50.21
CA LYS B 107 -27.63 -16.05 -50.74
C LYS B 107 -28.13 -17.18 -49.84
N GLY B 108 -28.51 -16.90 -48.60
CA GLY B 108 -29.03 -17.95 -47.74
C GLY B 108 -28.05 -19.07 -47.46
N ARG B 109 -26.76 -18.81 -47.56
CA ARG B 109 -25.77 -19.84 -47.26
C ARG B 109 -25.71 -20.09 -45.76
N LYS B 110 -25.29 -21.29 -45.40
CA LYS B 110 -25.26 -21.68 -43.99
C LYS B 110 -24.13 -20.92 -43.28
N PRO B 111 -24.42 -20.20 -42.18
CA PRO B 111 -23.34 -19.50 -41.45
C PRO B 111 -22.57 -20.44 -40.53
N CYS B 112 -21.86 -21.39 -41.14
CA CYS B 112 -21.12 -22.38 -40.35
C CYS B 112 -20.02 -21.71 -39.54
N LYS B 113 -19.35 -20.71 -40.11
CA LYS B 113 -18.20 -20.12 -39.44
C LYS B 113 -18.61 -19.48 -38.12
N LEU B 114 -19.75 -18.80 -38.07
CA LEU B 114 -20.15 -18.10 -36.86
C LEU B 114 -20.42 -19.07 -35.72
N MET B 115 -21.25 -20.10 -35.97
CA MET B 115 -21.51 -21.11 -34.95
C MET B 115 -20.23 -21.82 -34.54
N LEU B 116 -19.35 -22.08 -35.52
CA LEU B 116 -18.08 -22.72 -35.21
C LEU B 116 -17.24 -21.85 -34.28
N GLN B 117 -17.25 -20.53 -34.49
CA GLN B 117 -16.50 -19.64 -33.61
C GLN B 117 -17.08 -19.63 -32.21
N VAL B 118 -18.41 -19.66 -32.09
CA VAL B 118 -19.02 -19.72 -30.76
C VAL B 118 -18.60 -21.01 -30.04
N VAL B 119 -18.69 -22.14 -30.75
CA VAL B 119 -18.29 -23.42 -30.17
C VAL B 119 -16.81 -23.40 -29.80
N LYS B 120 -15.99 -22.76 -30.63
CA LYS B 120 -14.57 -22.66 -30.35
C LYS B 120 -14.33 -21.88 -29.06
N ILE B 121 -15.03 -20.75 -28.89
CA ILE B 121 -14.91 -19.98 -27.66
C ILE B 121 -15.19 -20.89 -26.47
N LEU B 122 -16.32 -21.60 -26.54
CA LEU B 122 -16.73 -22.43 -25.40
C LEU B 122 -15.69 -23.51 -25.09
N VAL B 123 -15.28 -24.28 -26.10
CA VAL B 123 -14.42 -25.43 -25.83
C VAL B 123 -13.03 -24.97 -25.43
N VAL B 124 -12.52 -23.92 -26.05
CA VAL B 124 -11.19 -23.42 -25.69
C VAL B 124 -11.19 -22.94 -24.25
N THR B 125 -12.22 -22.20 -23.84
CA THR B 125 -12.28 -21.74 -22.46
C THR B 125 -12.36 -22.91 -21.49
N VAL B 126 -13.17 -23.92 -21.81
CA VAL B 126 -13.30 -25.07 -20.91
C VAL B 126 -11.97 -25.79 -20.79
N GLN B 127 -11.27 -25.99 -21.92
CA GLN B 127 -9.97 -26.64 -21.88
C GLN B 127 -8.99 -25.86 -21.02
N LEU B 128 -8.96 -24.53 -21.18
CA LEU B 128 -8.05 -23.73 -20.38
C LEU B 128 -8.36 -23.87 -18.89
N ILE B 129 -9.65 -23.85 -18.54
CA ILE B 129 -10.02 -23.95 -17.13
C ILE B 129 -9.58 -25.29 -16.55
N LEU B 130 -9.84 -26.37 -17.28
CA LEU B 130 -9.45 -27.68 -16.78
C LEU B 130 -7.93 -27.80 -16.63
N PHE B 131 -7.20 -27.30 -17.63
CA PHE B 131 -5.75 -27.35 -17.56
C PHE B 131 -5.22 -26.55 -16.38
N GLY B 132 -5.77 -25.36 -16.14
CA GLY B 132 -5.32 -24.56 -15.01
C GLY B 132 -5.62 -25.21 -13.67
N LEU B 133 -6.82 -25.79 -13.54
CA LEU B 133 -7.16 -26.48 -12.30
C LEU B 133 -6.20 -27.64 -12.05
N SER B 134 -5.86 -28.39 -13.11
CA SER B 134 -4.92 -29.49 -12.95
C SER B 134 -3.53 -28.99 -12.56
N ASN B 135 -3.08 -27.90 -13.18
CA ASN B 135 -1.72 -27.41 -12.95
C ASN B 135 -1.54 -26.81 -11.56
N GLN B 136 -2.58 -26.15 -11.04
CA GLN B 136 -2.48 -25.55 -9.71
C GLN B 136 -2.15 -26.59 -8.65
N LEU B 137 -2.70 -27.79 -8.77
CA LEU B 137 -2.46 -28.83 -7.78
C LEU B 137 -1.00 -29.24 -7.75
N ALA B 138 -0.41 -29.45 -8.92
CA ALA B 138 1.01 -29.83 -8.97
C ALA B 138 1.88 -28.69 -8.44
N VAL B 139 1.53 -27.45 -8.78
CA VAL B 139 2.27 -26.30 -8.28
C VAL B 139 2.24 -26.28 -6.75
N THR B 140 1.05 -26.50 -6.18
CA THR B 140 0.92 -26.51 -4.73
C THR B 140 1.73 -27.63 -4.10
N PHE B 141 1.70 -28.83 -4.71
CA PHE B 141 2.46 -29.95 -4.18
C PHE B 141 3.95 -29.62 -4.13
N ARG B 142 4.48 -29.08 -5.24
CA ARG B 142 5.90 -28.73 -5.28
C ARG B 142 6.24 -27.66 -4.25
N GLU B 143 5.39 -26.63 -4.15
CA GLU B 143 5.66 -25.55 -3.20
C GLU B 143 5.66 -26.04 -1.76
N GLU B 144 4.67 -26.87 -1.40
CA GLU B 144 4.60 -27.37 -0.03
C GLU B 144 5.80 -28.24 0.30
N ASN B 145 6.20 -29.12 -0.64
CA ASN B 145 7.38 -29.92 -0.40
C ASN B 145 8.62 -29.06 -0.20
N THR B 146 8.76 -28.00 -1.01
CA THR B 146 9.93 -27.13 -0.89
C THR B 146 9.94 -26.39 0.45
N ILE B 147 8.79 -25.91 0.90
CA ILE B 147 8.72 -25.25 2.19
C ILE B 147 9.09 -26.22 3.31
N ALA B 148 8.59 -27.45 3.22
CA ALA B 148 8.95 -28.46 4.22
C ALA B 148 10.45 -28.71 4.20
N PHE B 149 11.06 -28.77 3.02
CA PHE B 149 12.50 -28.95 2.94
C PHE B 149 13.25 -27.80 3.61
N ARG B 150 12.77 -26.57 3.40
CA ARG B 150 13.42 -25.43 4.04
C ARG B 150 13.35 -25.55 5.56
N HIS B 151 12.19 -25.95 6.08
CA HIS B 151 12.09 -26.12 7.54
C HIS B 151 12.92 -27.30 8.03
N LEU B 152 13.13 -28.31 7.21
CA LEU B 152 13.83 -29.51 7.66
C LEU B 152 15.36 -29.32 7.62
N PHE B 153 15.90 -28.68 6.59
CA PHE B 153 17.34 -28.69 6.36
C PHE B 153 18.05 -27.39 6.69
N LEU B 154 17.34 -26.27 6.81
CA LEU B 154 17.98 -24.98 7.08
C LEU B 154 17.88 -24.67 8.58
N LEU B 155 19.04 -24.60 9.24
CA LEU B 155 19.09 -24.39 10.67
C LEU B 155 18.58 -23.00 11.03
N GLY B 156 17.57 -22.95 11.89
CA GLY B 156 17.02 -21.69 12.33
C GLY B 156 16.13 -20.99 11.33
N TYR B 157 15.70 -21.69 10.29
CA TYR B 157 14.83 -21.07 9.29
C TYR B 157 13.45 -20.76 9.87
N SER B 158 12.87 -19.66 9.39
CA SER B 158 11.50 -19.31 9.69
C SER B 158 10.87 -18.68 8.45
N ASP B 159 9.55 -18.77 8.37
CA ASP B 159 8.84 -18.25 7.20
C ASP B 159 9.06 -16.75 7.08
N GLY B 160 9.25 -16.29 5.84
CA GLY B 160 9.45 -14.89 5.55
C GLY B 160 10.89 -14.43 5.55
N ALA B 161 11.84 -15.28 5.94
CA ALA B 161 13.23 -14.92 6.05
C ALA B 161 14.06 -15.30 4.82
N ASP B 162 13.41 -15.69 3.72
CA ASP B 162 14.14 -16.23 2.58
C ASP B 162 15.14 -15.21 2.04
N ASP B 163 14.75 -13.93 1.97
CA ASP B 163 15.60 -12.93 1.34
C ASP B 163 16.80 -12.56 2.21
N THR B 164 16.67 -12.68 3.53
CA THR B 164 17.72 -12.24 4.45
C THR B 164 18.45 -13.39 5.12
N PHE B 165 18.03 -14.62 4.92
CA PHE B 165 18.67 -15.76 5.58
C PHE B 165 20.14 -15.85 5.17
N ALA B 166 21.04 -15.75 6.14
CA ALA B 166 22.46 -15.71 5.86
C ALA B 166 23.25 -16.08 7.10
N ALA B 167 24.49 -16.49 6.89
CA ALA B 167 25.44 -16.72 7.96
C ALA B 167 26.43 -15.57 8.04
N TYR B 168 26.98 -15.37 9.24
CA TYR B 168 27.92 -14.27 9.47
C TYR B 168 29.17 -14.67 10.24
N THR B 169 29.22 -15.86 10.82
CA THR B 169 30.40 -16.34 11.52
C THR B 169 30.78 -17.71 10.99
N ARG B 170 32.02 -18.10 11.20
CA ARG B 170 32.49 -19.40 10.74
C ARG B 170 31.74 -20.53 11.42
N GLU B 171 31.50 -20.41 12.72
CA GLU B 171 30.77 -21.45 13.43
C GLU B 171 29.32 -21.54 12.98
N GLN B 172 28.71 -20.41 12.63
CA GLN B 172 27.35 -20.44 12.09
C GLN B 172 27.32 -21.23 10.78
N LEU B 173 28.28 -20.99 9.89
CA LEU B 173 28.31 -21.69 8.62
C LEU B 173 28.54 -23.18 8.81
N TYR B 174 29.50 -23.54 9.67
CA TYR B 174 29.74 -24.96 9.94
C TYR B 174 28.50 -25.62 10.51
N GLN B 175 27.83 -24.97 11.46
CA GLN B 175 26.64 -25.55 12.06
C GLN B 175 25.53 -25.72 11.03
N ALA B 176 25.34 -24.74 10.15
CA ALA B 176 24.32 -24.87 9.12
C ALA B 176 24.61 -26.06 8.20
N ILE B 177 25.85 -26.19 7.75
CA ILE B 177 26.21 -27.29 6.85
C ILE B 177 25.98 -28.64 7.55
N PHE B 178 26.48 -28.77 8.77
CA PHE B 178 26.36 -30.04 9.48
C PHE B 178 24.91 -30.36 9.80
N HIS B 179 24.12 -29.35 10.14
CA HIS B 179 22.70 -29.57 10.41
C HIS B 179 22.00 -30.09 9.16
N ALA B 180 22.29 -29.49 8.00
CA ALA B 180 21.66 -29.96 6.77
C ALA B 180 22.01 -31.42 6.50
N VAL B 181 23.29 -31.78 6.63
CA VAL B 181 23.67 -33.17 6.35
C VAL B 181 23.06 -34.12 7.36
N ASP B 182 23.06 -33.74 8.65
CA ASP B 182 22.49 -34.61 9.68
C ASP B 182 20.99 -34.81 9.47
N GLN B 183 20.28 -33.76 9.08
CA GLN B 183 18.85 -33.90 8.80
C GLN B 183 18.62 -34.79 7.58
N TYR B 184 19.48 -34.68 6.57
CA TYR B 184 19.39 -35.60 5.45
C TYR B 184 19.53 -37.03 5.91
N LEU B 185 20.47 -37.30 6.82
CA LEU B 185 20.67 -38.67 7.28
C LEU B 185 19.54 -39.14 8.21
N ALA B 186 18.88 -38.22 8.91
CA ALA B 186 17.83 -38.58 9.85
C ALA B 186 16.42 -38.51 9.24
N LEU B 187 16.30 -38.13 7.97
CA LEU B 187 14.98 -37.92 7.36
C LEU B 187 13.97 -39.04 7.60
N PRO B 188 14.32 -40.32 7.46
CA PRO B 188 13.28 -41.35 7.58
C PRO B 188 12.56 -41.35 8.92
N ASP B 189 13.25 -41.03 10.01
CA ASP B 189 12.65 -41.10 11.34
C ASP B 189 12.04 -39.80 11.82
N VAL B 190 12.18 -38.70 11.08
N VAL B 190 12.21 -38.71 11.07
CA VAL B 190 11.70 -37.41 11.57
CA VAL B 190 11.83 -37.37 11.51
C VAL B 190 10.72 -36.74 10.61
C VAL B 190 10.76 -36.78 10.61
N SER B 191 10.83 -37.03 9.32
CA SER B 191 9.98 -36.34 8.35
C SER B 191 8.53 -36.80 8.44
N LEU B 192 7.61 -35.85 8.24
CA LEU B 192 6.20 -36.17 8.09
C LEU B 192 5.87 -36.70 6.70
N GLY B 193 6.69 -36.38 5.70
CA GLY B 193 6.53 -36.96 4.39
C GLY B 193 7.20 -38.31 4.28
N ARG B 194 6.95 -38.99 3.16
CA ARG B 194 7.52 -40.30 2.87
C ARG B 194 8.45 -40.14 1.69
N TYR B 195 9.75 -40.24 1.92
CA TYR B 195 10.76 -39.99 0.91
C TYR B 195 11.69 -41.19 0.79
N ALA B 196 12.15 -41.43 -0.42
CA ALA B 196 13.14 -42.45 -0.70
C ALA B 196 14.41 -41.79 -1.21
N TYR B 197 15.55 -42.41 -0.88
CA TYR B 197 16.85 -41.89 -1.30
C TYR B 197 17.14 -42.28 -2.75
N VAL B 198 17.97 -41.48 -3.40
CA VAL B 198 18.47 -41.75 -4.75
C VAL B 198 19.98 -41.75 -4.70
N ARG B 199 20.61 -42.76 -5.29
CA ARG B 199 22.06 -42.91 -5.27
C ARG B 199 22.61 -42.85 -6.68
N GLY B 200 23.88 -42.43 -6.78
CA GLY B 200 24.57 -42.43 -8.05
C GLY B 200 23.90 -41.54 -9.07
N GLY B 201 23.90 -42.00 -10.32
CA GLY B 201 23.23 -41.28 -11.40
C GLY B 201 24.02 -40.16 -12.02
N GLY B 202 25.33 -40.16 -11.87
CA GLY B 202 26.18 -39.14 -12.48
C GLY B 202 26.56 -38.04 -11.51
N ASP B 203 27.27 -37.07 -12.06
CA ASP B 203 27.81 -35.99 -11.24
C ASP B 203 26.67 -35.13 -10.68
N PRO B 204 26.87 -34.54 -9.49
CA PRO B 204 28.09 -34.57 -8.67
C PRO B 204 28.18 -35.80 -7.77
N TRP B 205 27.28 -36.77 -7.92
CA TRP B 205 27.27 -37.95 -7.07
C TRP B 205 28.13 -39.05 -7.66
N THR B 206 28.97 -39.66 -6.83
CA THR B 206 29.65 -40.88 -7.22
C THR B 206 28.68 -42.05 -7.09
N ASN B 207 29.14 -43.24 -7.44
CA ASN B 207 28.27 -44.41 -7.38
C ASN B 207 27.96 -44.77 -5.94
N GLY B 208 26.67 -44.94 -5.65
CA GLY B 208 26.23 -45.24 -4.31
C GLY B 208 26.14 -44.06 -3.37
N SER B 209 26.41 -42.85 -3.86
CA SER B 209 26.38 -41.66 -3.03
C SER B 209 25.02 -40.98 -3.16
N GLY B 210 24.44 -40.62 -2.02
CA GLY B 210 23.16 -39.95 -2.00
C GLY B 210 23.29 -38.44 -1.91
N LEU B 211 24.29 -37.95 -1.17
CA LEU B 211 24.46 -36.53 -0.94
C LEU B 211 25.87 -36.11 -1.32
N ALA B 212 25.97 -34.96 -2.00
CA ALA B 212 27.25 -34.39 -2.40
C ALA B 212 27.43 -33.05 -1.72
N LEU B 213 28.52 -32.90 -0.97
CA LEU B 213 28.85 -31.66 -0.26
C LEU B 213 30.15 -31.11 -0.86
N CYS B 214 30.03 -30.04 -1.63
CA CYS B 214 31.14 -29.54 -2.44
C CYS B 214 31.48 -28.11 -2.07
N GLN B 215 32.76 -27.83 -1.89
CA GLN B 215 33.23 -26.47 -1.71
C GLN B 215 34.07 -26.06 -2.93
N ARG B 216 33.81 -24.86 -3.43
CA ARG B 216 34.51 -24.30 -4.58
C ARG B 216 35.28 -23.08 -4.14
N TYR B 217 36.58 -23.07 -4.47
CA TYR B 217 37.50 -22.01 -4.05
C TYR B 217 38.52 -21.76 -5.14
N TYR B 218 39.18 -20.61 -5.07
CA TYR B 218 40.16 -20.25 -6.10
C TYR B 218 41.37 -21.16 -6.05
N HIS B 219 41.91 -21.49 -7.23
CA HIS B 219 43.04 -22.41 -7.31
C HIS B 219 44.22 -21.91 -6.47
N ARG B 220 44.60 -20.65 -6.66
CA ARG B 220 45.60 -19.99 -5.83
C ARG B 220 44.99 -18.70 -5.32
N GLY B 221 44.95 -18.55 -3.99
CA GLY B 221 44.51 -17.29 -3.41
C GLY B 221 45.39 -16.88 -2.25
N HIS B 222 46.01 -15.71 -2.37
CA HIS B 222 46.74 -15.09 -1.27
C HIS B 222 46.21 -13.68 -1.12
N VAL B 223 45.68 -13.36 0.05
CA VAL B 223 45.05 -12.08 0.33
C VAL B 223 45.66 -11.51 1.59
N ASP B 224 46.33 -10.37 1.48
CA ASP B 224 47.01 -9.71 2.59
C ASP B 224 46.54 -8.26 2.60
N PRO B 225 45.34 -7.99 3.14
CA PRO B 225 44.87 -6.60 3.23
C PRO B 225 45.76 -5.74 4.11
N ALA B 226 46.51 -6.34 5.04
CA ALA B 226 47.42 -5.55 5.86
C ALA B 226 48.49 -4.87 5.01
N ASN B 227 48.98 -5.57 3.98
CA ASN B 227 49.97 -5.02 3.05
C ASN B 227 49.34 -4.54 1.75
N ASP B 228 48.01 -4.54 1.65
CA ASP B 228 47.32 -4.17 0.42
C ASP B 228 47.84 -4.99 -0.75
N THR B 229 47.99 -6.29 -0.53
CA THR B 229 48.60 -7.18 -1.51
C THR B 229 47.69 -8.38 -1.77
N PHE B 230 47.72 -8.88 -3.00
CA PHE B 230 47.02 -10.12 -3.28
C PHE B 230 47.60 -10.77 -4.53
N ASP B 231 47.55 -12.10 -4.54
CA ASP B 231 47.99 -12.91 -5.66
C ASP B 231 46.96 -14.02 -5.85
N ILE B 232 46.15 -13.91 -6.89
CA ILE B 232 45.03 -14.83 -7.10
C ILE B 232 45.09 -15.35 -8.52
N ASP B 233 44.98 -16.67 -8.67
CA ASP B 233 44.65 -17.30 -9.93
C ASP B 233 43.18 -17.67 -9.87
N PRO B 234 42.29 -16.99 -10.61
CA PRO B 234 40.85 -17.15 -10.39
C PRO B 234 40.26 -18.45 -10.90
N MET B 235 41.07 -19.44 -11.27
CA MET B 235 40.53 -20.73 -11.65
C MET B 235 39.88 -21.39 -10.44
N VAL B 236 38.67 -21.90 -10.64
CA VAL B 236 37.87 -22.46 -9.55
C VAL B 236 38.16 -23.95 -9.43
N VAL B 237 38.50 -24.37 -8.21
CA VAL B 237 38.71 -25.77 -7.87
C VAL B 237 37.52 -26.22 -7.03
N THR B 238 36.98 -27.39 -7.34
CA THR B 238 35.86 -27.99 -6.64
C THR B 238 36.37 -29.21 -5.86
N ASP B 239 36.02 -29.28 -4.58
CA ASP B 239 36.33 -30.44 -3.75
C ASP B 239 35.04 -30.94 -3.13
N CYS B 240 34.71 -32.21 -3.39
CA CYS B 240 33.44 -32.79 -2.98
C CYS B 240 33.64 -33.93 -2.00
N ILE B 241 32.74 -34.02 -1.03
CA ILE B 241 32.64 -35.14 -0.10
C ILE B 241 31.33 -35.85 -0.40
N GLN B 242 31.39 -37.17 -0.49
CA GLN B 242 30.24 -37.99 -0.84
C GLN B 242 29.71 -38.68 0.40
N VAL B 243 28.42 -38.54 0.66
CA VAL B 243 27.75 -39.15 1.81
C VAL B 243 26.74 -40.15 1.27
N ASP B 244 26.85 -41.39 1.73
CA ASP B 244 25.88 -42.41 1.36
C ASP B 244 24.69 -42.37 2.31
N PRO B 245 23.47 -42.56 1.83
CA PRO B 245 22.32 -42.55 2.73
C PRO B 245 22.38 -43.72 3.68
N PRO B 246 21.80 -43.59 4.87
CA PRO B 246 21.95 -44.63 5.88
C PRO B 246 21.26 -45.93 5.48
N GLU B 247 21.77 -47.02 6.04
CA GLU B 247 21.21 -48.35 5.81
C GLU B 247 20.07 -48.58 6.80
N ARG B 248 18.84 -48.62 6.29
CA ARG B 248 17.67 -48.82 7.13
C ARG B 248 17.18 -50.27 7.04
N SER B 264 31.63 -40.63 10.23
CA SER B 264 31.16 -39.40 9.58
C SER B 264 32.33 -38.60 9.05
N SER B 265 32.73 -38.87 7.81
CA SER B 265 33.85 -38.15 7.21
C SER B 265 33.49 -36.70 6.92
N TYR B 266 32.22 -36.43 6.61
CA TYR B 266 31.82 -35.06 6.30
C TYR B 266 32.04 -34.12 7.47
N LYS B 267 32.12 -34.65 8.69
CA LYS B 267 32.40 -33.83 9.86
C LYS B 267 33.82 -33.28 9.86
N ASN B 268 34.71 -33.81 9.03
CA ASN B 268 36.08 -33.33 8.91
C ASN B 268 36.23 -32.22 7.88
N LEU B 269 35.11 -31.70 7.36
CA LEU B 269 35.17 -30.62 6.38
C LEU B 269 35.96 -29.44 6.94
N THR B 270 36.90 -28.95 6.14
CA THR B 270 37.70 -27.77 6.47
C THR B 270 37.54 -26.76 5.35
N LEU B 271 36.91 -25.63 5.64
CA LEU B 271 36.62 -24.63 4.63
C LEU B 271 37.80 -23.69 4.44
N LYS B 272 38.09 -23.39 3.17
CA LYS B 272 39.14 -22.44 2.81
C LYS B 272 38.52 -21.05 2.73
N PHE B 273 38.34 -20.44 3.90
CA PHE B 273 37.48 -19.26 4.01
C PHE B 273 37.98 -18.10 3.16
N HIS B 274 39.29 -17.83 3.18
CA HIS B 274 39.81 -16.64 2.52
C HIS B 274 39.70 -16.71 1.01
N LYS B 275 39.62 -17.91 0.43
CA LYS B 275 39.49 -18.09 -1.01
C LYS B 275 38.21 -18.80 -1.39
N LEU B 276 37.27 -18.96 -0.46
CA LEU B 276 36.06 -19.71 -0.72
C LEU B 276 35.16 -18.98 -1.70
N VAL B 277 34.70 -19.70 -2.73
CA VAL B 277 33.72 -19.14 -3.65
C VAL B 277 32.31 -19.52 -3.26
N ASN B 278 32.04 -20.80 -3.03
CA ASN B 278 30.75 -21.18 -2.46
C ASN B 278 30.80 -22.59 -1.93
N VAL B 279 29.72 -22.98 -1.24
CA VAL B 279 29.50 -24.34 -0.79
C VAL B 279 28.12 -24.78 -1.26
N THR B 280 28.02 -26.01 -1.73
CA THR B 280 26.76 -26.55 -2.21
C THR B 280 26.52 -27.94 -1.65
N ILE B 281 25.25 -28.25 -1.40
CA ILE B 281 24.80 -29.57 -1.00
C ILE B 281 23.75 -30.01 -2.01
N HIS B 282 23.97 -31.16 -2.64
CA HIS B 282 23.08 -31.69 -3.66
C HIS B 282 22.57 -33.05 -3.22
N PHE B 283 21.25 -33.25 -3.30
CA PHE B 283 20.72 -34.59 -3.09
C PHE B 283 19.32 -34.69 -3.69
N ARG B 284 18.89 -35.91 -3.97
CA ARG B 284 17.60 -36.16 -4.58
C ARG B 284 16.74 -37.02 -3.66
N LEU B 285 15.44 -36.71 -3.64
CA LEU B 285 14.47 -37.49 -2.87
C LEU B 285 13.30 -37.86 -3.75
N LYS B 286 12.85 -39.10 -3.65
CA LYS B 286 11.71 -39.59 -4.40
C LYS B 286 10.48 -39.70 -3.50
N THR B 287 9.34 -39.25 -4.00
CA THR B 287 8.09 -39.33 -3.28
C THR B 287 6.96 -39.62 -4.26
N ILE B 288 5.79 -39.93 -3.71
CA ILE B 288 4.59 -40.18 -4.49
C ILE B 288 3.55 -39.13 -4.11
N ASN B 289 2.87 -38.58 -5.12
CA ASN B 289 1.92 -37.49 -4.92
C ASN B 289 0.54 -38.10 -4.69
N LEU B 290 0.25 -38.43 -3.42
CA LEU B 290 -1.05 -39.00 -3.08
C LEU B 290 -2.18 -38.00 -3.27
N GLN B 291 -1.89 -36.70 -3.14
CA GLN B 291 -2.91 -35.68 -3.29
C GLN B 291 -3.72 -35.84 -4.57
N SER B 292 -3.15 -36.49 -5.59
CA SER B 292 -3.86 -36.69 -6.84
C SER B 292 -5.22 -37.33 -6.63
N LEU B 293 -5.33 -38.20 -5.62
CA LEU B 293 -6.59 -38.91 -5.40
C LEU B 293 -7.75 -37.95 -5.15
N ILE B 294 -7.46 -36.71 -4.73
CA ILE B 294 -8.54 -35.75 -4.53
C ILE B 294 -9.26 -35.48 -5.86
N ASN B 295 -8.51 -35.34 -6.94
CA ASN B 295 -9.08 -35.11 -8.26
C ASN B 295 -9.34 -36.41 -9.02
N ASN B 296 -9.28 -37.55 -8.34
CA ASN B 296 -9.51 -38.87 -8.92
C ASN B 296 -8.44 -39.27 -9.92
N GLU B 297 -7.34 -38.52 -10.02
CA GLU B 297 -6.25 -38.90 -10.90
C GLU B 297 -5.41 -40.01 -10.27
N ILE B 298 -4.57 -40.62 -11.09
CA ILE B 298 -3.64 -41.63 -10.60
C ILE B 298 -2.39 -40.92 -10.07
N PRO B 299 -1.97 -41.20 -8.83
CA PRO B 299 -0.76 -40.53 -8.32
C PRO B 299 0.45 -40.77 -9.22
N ASP B 300 1.27 -39.74 -9.35
CA ASP B 300 2.51 -39.81 -10.12
C ASP B 300 3.70 -39.77 -9.16
N CYS B 301 4.86 -40.12 -9.70
CA CYS B 301 6.08 -40.27 -8.91
C CYS B 301 6.98 -39.06 -9.15
N TYR B 302 7.30 -38.35 -8.06
CA TYR B 302 8.14 -37.15 -8.11
C TYR B 302 9.55 -37.49 -7.66
N THR B 303 10.52 -36.86 -8.32
CA THR B 303 11.90 -36.83 -7.86
C THR B 303 12.28 -35.37 -7.69
N PHE B 304 12.49 -34.95 -6.43
CA PHE B 304 12.94 -33.60 -6.12
C PHE B 304 14.45 -33.60 -6.08
N SER B 305 15.07 -32.73 -6.86
CA SER B 305 16.50 -32.46 -6.82
C SER B 305 16.68 -31.20 -5.96
N VAL B 306 17.33 -31.37 -4.81
CA VAL B 306 17.47 -30.32 -3.80
C VAL B 306 18.90 -29.81 -3.83
N LEU B 307 19.04 -28.49 -3.95
CA LEU B 307 20.32 -27.81 -3.94
C LEU B 307 20.30 -26.76 -2.85
N ILE B 308 21.22 -26.86 -1.91
CA ILE B 308 21.41 -25.86 -0.85
C ILE B 308 22.71 -25.14 -1.13
N THR B 309 22.63 -23.81 -1.25
CA THR B 309 23.76 -22.98 -1.63
C THR B 309 24.12 -22.03 -0.50
N PHE B 310 25.39 -22.05 -0.11
CA PHE B 310 26.00 -21.05 0.77
C PHE B 310 26.92 -20.22 -0.11
N ASP B 311 26.51 -18.99 -0.40
CA ASP B 311 27.11 -18.19 -1.46
C ASP B 311 28.08 -17.16 -0.88
N ASN B 312 29.34 -17.23 -1.31
CA ASN B 312 30.37 -16.30 -0.88
C ASN B 312 30.97 -15.52 -2.05
N LYS B 313 30.20 -15.33 -3.11
CA LYS B 313 30.74 -14.67 -4.30
C LYS B 313 31.07 -13.21 -4.03
N ALA B 314 30.30 -12.55 -3.16
CA ALA B 314 30.56 -11.15 -2.83
C ALA B 314 31.79 -10.97 -1.96
N HIS B 315 32.22 -12.01 -1.25
CA HIS B 315 33.38 -11.92 -0.36
C HIS B 315 33.24 -10.75 0.61
N SER B 316 32.03 -10.58 1.15
CA SER B 316 31.67 -9.39 1.90
C SER B 316 31.49 -9.64 3.40
N GLY B 317 31.81 -10.85 3.87
CA GLY B 317 31.56 -11.20 5.26
C GLY B 317 30.15 -11.67 5.55
N ARG B 318 29.24 -11.62 4.57
CA ARG B 318 27.89 -12.11 4.71
C ARG B 318 27.66 -13.18 3.65
N ILE B 319 27.29 -14.38 4.08
CA ILE B 319 27.11 -15.51 3.17
C ILE B 319 25.64 -15.89 3.13
N PRO B 320 24.89 -15.50 2.09
CA PRO B 320 23.49 -15.92 2.01
C PRO B 320 23.35 -17.42 1.81
N ILE B 321 22.26 -17.95 2.35
CA ILE B 321 21.95 -19.37 2.30
C ILE B 321 20.59 -19.54 1.63
N SER B 322 20.51 -20.42 0.64
CA SER B 322 19.26 -20.65 -0.08
C SER B 322 19.08 -22.14 -0.34
N LEU B 323 17.81 -22.52 -0.48
CA LEU B 323 17.43 -23.88 -0.87
C LEU B 323 16.53 -23.80 -2.09
N GLU B 324 16.84 -24.59 -3.11
CA GLU B 324 16.04 -24.66 -4.32
C GLU B 324 15.77 -26.12 -4.67
N THR B 325 14.66 -26.34 -5.36
CA THR B 325 14.26 -27.67 -5.80
C THR B 325 13.89 -27.66 -7.27
N GLN B 326 14.14 -28.78 -7.93
CA GLN B 326 13.67 -29.04 -9.28
C GLN B 326 12.96 -30.39 -9.29
N ALA B 327 11.73 -30.43 -9.79
CA ALA B 327 10.91 -31.62 -9.74
C ALA B 327 10.84 -32.30 -11.09
N HIS B 328 11.15 -33.60 -11.12
CA HIS B 328 10.99 -34.44 -12.30
C HIS B 328 9.86 -35.43 -12.03
N ILE B 329 8.85 -35.41 -12.88
CA ILE B 329 7.62 -36.19 -12.68
C ILE B 329 7.60 -37.33 -13.67
N GLN B 330 7.30 -38.54 -13.20
CA GLN B 330 7.14 -39.71 -14.05
C GLN B 330 5.89 -40.46 -13.64
N GLU B 331 5.42 -41.31 -14.56
CA GLU B 331 4.42 -42.29 -14.21
C GLU B 331 5.03 -43.33 -13.27
N CYS B 332 4.31 -43.67 -12.22
CA CYS B 332 4.81 -44.68 -11.29
C CYS B 332 4.78 -46.05 -11.96
N LYS B 333 5.80 -46.86 -11.68
CA LYS B 333 5.96 -48.12 -12.41
C LYS B 333 4.80 -49.06 -12.15
N HIS B 334 4.39 -49.22 -10.89
CA HIS B 334 3.33 -50.16 -10.51
C HIS B 334 2.30 -49.42 -9.68
N PRO B 335 1.44 -48.64 -10.31
CA PRO B 335 0.35 -47.98 -9.58
C PRO B 335 -0.84 -48.92 -9.42
N SER B 336 -1.56 -48.74 -8.31
CA SER B 336 -2.71 -49.58 -8.02
C SER B 336 -3.64 -48.80 -7.10
N VAL B 337 -4.80 -48.40 -7.63
CA VAL B 337 -5.83 -47.71 -6.86
C VAL B 337 -7.09 -48.57 -6.90
N PHE B 338 -7.63 -48.87 -5.73
CA PHE B 338 -8.82 -49.71 -5.63
C PHE B 338 -10.01 -49.06 -6.30
N SER B 344 -8.74 -40.40 -20.97
CA SER B 344 -9.99 -40.83 -21.57
C SER B 344 -10.83 -39.62 -21.97
N PHE B 345 -11.54 -39.04 -21.00
CA PHE B 345 -12.31 -37.83 -21.27
C PHE B 345 -11.40 -36.68 -21.68
N ARG B 346 -10.28 -36.50 -20.98
CA ARG B 346 -9.38 -35.38 -21.27
C ARG B 346 -8.81 -35.49 -22.68
N LEU B 347 -8.34 -36.68 -23.06
CA LEU B 347 -7.76 -36.85 -24.38
C LEU B 347 -8.81 -36.65 -25.47
N LEU B 348 -10.02 -37.16 -25.25
CA LEU B 348 -11.09 -36.97 -26.23
C LEU B 348 -11.44 -35.50 -26.38
N PHE B 349 -11.51 -34.77 -25.25
CA PHE B 349 -11.82 -33.35 -25.33
C PHE B 349 -10.71 -32.59 -26.04
N ASP B 350 -9.46 -32.95 -25.80
CA ASP B 350 -8.35 -32.31 -26.52
C ASP B 350 -8.45 -32.58 -28.01
N VAL B 351 -8.82 -33.81 -28.39
CA VAL B 351 -9.00 -34.12 -29.80
C VAL B 351 -10.12 -33.29 -30.39
N VAL B 352 -11.22 -33.12 -29.64
CA VAL B 352 -12.33 -32.30 -30.11
C VAL B 352 -11.88 -30.86 -30.32
N VAL B 353 -11.09 -30.33 -29.40
CA VAL B 353 -10.58 -28.97 -29.53
C VAL B 353 -9.73 -28.85 -30.80
N ILE B 354 -8.85 -29.83 -31.01
CA ILE B 354 -7.98 -29.79 -32.19
C ILE B 354 -8.81 -29.81 -33.46
N LEU B 355 -9.84 -30.67 -33.51
CA LEU B 355 -10.67 -30.76 -34.71
C LEU B 355 -11.43 -29.47 -34.95
N THR B 356 -12.00 -28.88 -33.90
CA THR B 356 -12.72 -27.63 -34.04
C THR B 356 -11.81 -26.54 -34.59
N CYS B 357 -10.60 -26.42 -34.03
CA CYS B 357 -9.69 -25.40 -34.48
C CYS B 357 -9.19 -25.66 -35.90
N SER B 358 -9.01 -26.93 -36.28
CA SER B 358 -8.61 -27.24 -37.65
C SER B 358 -9.69 -26.83 -38.64
N LEU B 359 -10.96 -27.12 -38.32
CA LEU B 359 -12.05 -26.73 -39.20
C LEU B 359 -12.12 -25.21 -39.32
N SER B 360 -12.00 -24.51 -38.19
CA SER B 360 -12.02 -23.05 -38.23
C SER B 360 -10.87 -22.51 -39.06
N PHE B 361 -9.68 -23.10 -38.91
CA PHE B 361 -8.54 -22.66 -39.70
C PHE B 361 -8.78 -22.85 -41.18
N LEU B 362 -9.34 -24.00 -41.57
CA LEU B 362 -9.61 -24.23 -42.99
C LEU B 362 -10.60 -23.21 -43.54
N LEU B 363 -11.68 -22.95 -42.81
CA LEU B 363 -12.68 -22.00 -43.30
C LEU B 363 -12.10 -20.59 -43.41
N CYS B 364 -11.33 -20.16 -42.40
CA CYS B 364 -10.74 -18.83 -42.43
C CYS B 364 -9.72 -18.70 -43.56
N ALA B 365 -8.92 -19.76 -43.78
CA ALA B 365 -7.96 -19.73 -44.88
C ALA B 365 -8.68 -19.64 -46.22
N ARG B 366 -9.79 -20.36 -46.37
CA ARG B 366 -10.57 -20.25 -47.59
C ARG B 366 -11.08 -18.83 -47.80
N SER B 367 -11.59 -18.21 -46.74
CA SER B 367 -12.07 -16.84 -46.86
C SER B 367 -10.94 -15.89 -47.24
N LEU B 368 -9.77 -16.04 -46.63
CA LEU B 368 -8.65 -15.17 -46.96
C LEU B 368 -8.20 -15.37 -48.40
N LEU B 369 -8.19 -16.62 -48.87
CA LEU B 369 -7.83 -16.89 -50.26
C LEU B 369 -8.81 -16.22 -51.21
N ARG B 370 -10.12 -16.33 -50.93
CA ARG B 370 -11.10 -15.66 -51.78
C ARG B 370 -10.90 -14.16 -51.76
N GLY B 371 -10.59 -13.60 -50.59
CA GLY B 371 -10.32 -12.16 -50.52
C GLY B 371 -9.14 -11.77 -51.39
N PHE B 372 -8.06 -12.55 -51.35
CA PHE B 372 -6.90 -12.26 -52.19
C PHE B 372 -7.26 -12.33 -53.67
N LEU B 373 -8.01 -13.36 -54.07
CA LEU B 373 -8.38 -13.50 -55.48
C LEU B 373 -9.24 -12.32 -55.93
N LEU B 374 -10.23 -11.93 -55.12
CA LEU B 374 -11.07 -10.79 -55.48
C LEU B 374 -10.24 -9.52 -55.56
N GLN B 375 -9.29 -9.34 -54.63
CA GLN B 375 -8.43 -8.18 -54.69
C GLN B 375 -7.64 -8.13 -55.99
N ASN B 376 -7.08 -9.28 -56.40
CA ASN B 376 -6.33 -9.31 -57.64
C ASN B 376 -7.23 -8.98 -58.84
N GLU B 377 -8.44 -9.54 -58.86
CA GLU B 377 -9.35 -9.24 -59.97
C GLU B 377 -9.69 -7.75 -60.00
N PHE B 378 -9.96 -7.15 -58.84
CA PHE B 378 -10.31 -5.73 -58.81
C PHE B 378 -9.13 -4.88 -59.26
N VAL B 379 -7.92 -5.23 -58.85
CA VAL B 379 -6.74 -4.50 -59.29
C VAL B 379 -6.61 -4.61 -60.81
N GLY B 380 -6.81 -5.80 -61.35
CA GLY B 380 -6.75 -5.96 -62.79
C GLY B 380 -7.78 -5.12 -63.52
N PHE B 381 -8.99 -5.03 -62.97
CA PHE B 381 -10.04 -4.24 -63.62
C PHE B 381 -9.63 -2.78 -63.79
N MET B 382 -8.81 -2.26 -62.87
CA MET B 382 -8.38 -0.88 -62.93
C MET B 382 -7.23 -0.64 -63.90
N TRP B 383 -6.85 -1.66 -64.69
CA TRP B 383 -5.72 -1.59 -65.61
C TRP B 383 -4.61 -0.65 -65.12
N SER B 391 -3.38 1.45 -54.97
CA SER B 391 -2.20 1.57 -54.12
C SER B 391 -2.11 0.38 -53.18
N LEU B 392 -1.32 0.52 -52.11
CA LEU B 392 -1.10 -0.60 -51.19
C LEU B 392 -2.24 -0.70 -50.18
N TRP B 393 -2.61 0.42 -49.55
CA TRP B 393 -3.68 0.37 -48.55
C TRP B 393 -5.01 0.00 -49.19
N GLU B 394 -5.23 0.40 -50.44
CA GLU B 394 -6.42 -0.06 -51.15
C GLU B 394 -6.43 -1.57 -51.26
N ARG B 395 -5.28 -2.18 -51.54
CA ARG B 395 -5.21 -3.64 -51.57
C ARG B 395 -5.46 -4.23 -50.18
N LEU B 396 -4.85 -3.65 -49.15
CA LEU B 396 -5.03 -4.16 -47.80
C LEU B 396 -6.47 -4.04 -47.32
N GLU B 397 -7.25 -3.16 -47.94
CA GLU B 397 -8.67 -3.05 -47.57
C GLU B 397 -9.41 -4.37 -47.77
N PHE B 398 -8.89 -5.26 -48.61
CA PHE B 398 -9.53 -6.55 -48.87
C PHE B 398 -9.22 -7.60 -47.80
N VAL B 399 -8.33 -7.30 -46.85
CA VAL B 399 -7.91 -8.28 -45.86
C VAL B 399 -8.78 -8.16 -44.62
N ASN B 400 -9.30 -9.29 -44.16
CA ASN B 400 -10.09 -9.36 -42.92
C ASN B 400 -9.14 -9.60 -41.76
N GLY B 401 -8.87 -8.55 -40.98
CA GLY B 401 -7.99 -8.69 -39.85
C GLY B 401 -8.51 -9.64 -38.80
N TRP B 402 -9.83 -9.71 -38.65
CA TRP B 402 -10.42 -10.65 -37.71
C TRP B 402 -10.10 -12.09 -38.10
N TYR B 403 -10.04 -12.37 -39.41
CA TYR B 403 -9.71 -13.73 -39.84
C TYR B 403 -8.23 -14.03 -39.64
N ILE B 404 -7.36 -13.02 -39.78
CA ILE B 404 -5.97 -13.22 -39.39
C ILE B 404 -5.88 -13.58 -37.92
N LEU B 405 -6.64 -12.86 -37.07
CA LEU B 405 -6.65 -13.16 -35.65
C LEU B 405 -7.15 -14.57 -35.39
N LEU B 406 -8.22 -14.99 -36.07
CA LEU B 406 -8.75 -16.33 -35.86
C LEU B 406 -7.77 -17.41 -36.29
N VAL B 407 -7.08 -17.19 -37.41
CA VAL B 407 -6.08 -18.17 -37.87
C VAL B 407 -4.95 -18.28 -36.86
N THR B 408 -4.48 -17.13 -36.36
CA THR B 408 -3.42 -17.15 -35.35
C THR B 408 -3.87 -17.89 -34.11
N SER B 409 -5.10 -17.64 -33.66
CA SER B 409 -5.61 -18.32 -32.47
C SER B 409 -5.72 -19.82 -32.71
N ASP B 410 -6.16 -20.22 -33.89
CA ASP B 410 -6.25 -21.65 -34.20
C ASP B 410 -4.88 -22.31 -34.15
N VAL B 411 -3.87 -21.67 -34.74
CA VAL B 411 -2.53 -22.25 -34.73
C VAL B 411 -2.01 -22.36 -33.30
N LEU B 412 -2.16 -21.28 -32.52
CA LEU B 412 -1.68 -21.30 -31.15
C LEU B 412 -2.38 -22.38 -30.34
N THR B 413 -3.70 -22.52 -30.51
CA THR B 413 -4.45 -23.50 -29.74
C THR B 413 -4.05 -24.91 -30.12
N ILE B 414 -3.87 -25.19 -31.41
CA ILE B 414 -3.48 -26.53 -31.83
C ILE B 414 -2.10 -26.89 -31.26
N SER B 415 -1.16 -25.97 -31.36
CA SER B 415 0.18 -26.23 -30.82
C SER B 415 0.10 -26.45 -29.30
N GLY B 416 -0.63 -25.59 -28.60
CA GLY B 416 -0.72 -25.73 -27.16
C GLY B 416 -1.42 -27.00 -26.74
N THR B 417 -2.40 -27.44 -27.51
CA THR B 417 -3.12 -28.68 -27.18
C THR B 417 -2.23 -29.90 -27.41
N ILE B 418 -1.44 -29.89 -28.47
CA ILE B 418 -0.49 -30.99 -28.67
C ILE B 418 0.49 -31.04 -27.51
N MET B 419 1.03 -29.88 -27.11
CA MET B 419 1.95 -29.86 -25.99
C MET B 419 1.27 -30.30 -24.70
N LYS B 420 0.00 -29.93 -24.52
CA LYS B 420 -0.74 -30.35 -23.33
C LYS B 420 -0.91 -31.85 -23.29
N ILE B 421 -1.24 -32.46 -24.44
CA ILE B 421 -1.34 -33.91 -24.51
C ILE B 421 -0.01 -34.55 -24.14
N GLY B 422 1.09 -34.02 -24.69
CA GLY B 422 2.39 -34.54 -24.34
C GLY B 422 2.70 -34.43 -22.87
N ILE B 423 2.38 -33.27 -22.27
CA ILE B 423 2.68 -33.06 -20.86
C ILE B 423 1.87 -33.99 -19.97
N GLU B 424 0.58 -34.16 -20.27
CA GLU B 424 -0.28 -34.98 -19.42
C GLU B 424 0.10 -36.46 -19.50
N ALA B 425 0.85 -36.86 -20.52
CA ALA B 425 1.36 -38.23 -20.62
C ALA B 425 2.76 -38.37 -20.03
N LYS B 426 3.28 -37.31 -19.40
CA LYS B 426 4.61 -37.30 -18.80
C LYS B 426 5.72 -37.47 -19.83
N ASN B 427 5.47 -37.14 -21.09
CA ASN B 427 6.51 -37.12 -22.11
C ASN B 427 7.11 -35.73 -22.32
N LEU B 428 6.47 -34.69 -21.79
CA LEU B 428 6.95 -33.33 -21.92
C LEU B 428 6.87 -32.65 -20.56
N ALA B 429 7.73 -31.65 -20.37
CA ALA B 429 7.77 -30.89 -19.12
C ALA B 429 7.76 -29.38 -19.37
N SER B 430 7.39 -28.95 -20.57
CA SER B 430 7.39 -27.53 -20.92
C SER B 430 6.03 -26.91 -20.57
N TYR B 431 5.81 -26.77 -19.26
CA TYR B 431 4.55 -26.20 -18.78
C TYR B 431 4.42 -24.74 -19.19
N ASP B 432 5.52 -23.98 -19.13
CA ASP B 432 5.45 -22.54 -19.38
C ASP B 432 5.00 -22.24 -20.80
N VAL B 433 5.63 -22.90 -21.79
CA VAL B 433 5.30 -22.63 -23.18
C VAL B 433 3.86 -23.03 -23.48
N CYS B 434 3.44 -24.20 -22.98
CA CYS B 434 2.06 -24.64 -23.19
C CYS B 434 1.07 -23.65 -22.59
N SER B 435 1.34 -23.20 -21.36
CA SER B 435 0.45 -22.26 -20.70
C SER B 435 0.38 -20.94 -21.47
N ILE B 436 1.52 -20.45 -21.95
CA ILE B 436 1.53 -19.20 -22.71
C ILE B 436 0.73 -19.36 -23.99
N LEU B 437 0.94 -20.47 -24.71
CA LEU B 437 0.21 -20.70 -25.95
C LEU B 437 -1.29 -20.72 -25.70
N LEU B 438 -1.75 -21.52 -24.74
CA LEU B 438 -3.17 -21.65 -24.50
C LEU B 438 -3.77 -20.35 -23.98
N GLY B 439 -3.08 -19.66 -23.07
CA GLY B 439 -3.61 -18.41 -22.55
C GLY B 439 -3.71 -17.33 -23.61
N THR B 440 -2.68 -17.20 -24.45
CA THR B 440 -2.73 -16.22 -25.52
C THR B 440 -3.83 -16.53 -26.51
N SER B 441 -4.01 -17.81 -26.85
CA SER B 441 -5.09 -18.17 -27.78
C SER B 441 -6.45 -17.87 -27.16
N THR B 442 -6.62 -18.14 -25.87
CA THR B 442 -7.89 -17.82 -25.22
C THR B 442 -8.15 -16.32 -25.22
N LEU B 443 -7.13 -15.53 -24.91
CA LEU B 443 -7.25 -14.08 -24.98
C LEU B 443 -7.67 -13.62 -26.38
N LEU B 444 -7.02 -14.16 -27.41
CA LEU B 444 -7.34 -13.75 -28.77
C LEU B 444 -8.78 -14.13 -29.15
N VAL B 445 -9.21 -15.35 -28.80
N VAL B 445 -9.20 -15.34 -28.77
CA VAL B 445 -10.57 -15.74 -29.17
CA VAL B 445 -10.53 -15.81 -29.12
C VAL B 445 -11.60 -14.91 -28.43
C VAL B 445 -11.58 -14.94 -28.42
N TRP B 446 -11.32 -14.53 -27.18
CA TRP B 446 -12.27 -13.67 -26.47
C TRP B 446 -12.28 -12.27 -27.05
N VAL B 447 -11.11 -11.77 -27.49
CA VAL B 447 -11.07 -10.46 -28.14
C VAL B 447 -11.84 -10.49 -29.45
N GLY B 448 -11.84 -11.63 -30.14
CA GLY B 448 -12.53 -11.74 -31.42
C GLY B 448 -14.02 -11.50 -31.34
N VAL B 449 -14.61 -11.60 -30.16
CA VAL B 449 -16.05 -11.38 -30.00
C VAL B 449 -16.45 -9.98 -30.41
N ILE B 450 -15.53 -9.02 -30.32
CA ILE B 450 -15.85 -7.62 -30.64
C ILE B 450 -16.31 -7.49 -32.09
N ARG B 451 -15.88 -8.40 -32.97
CA ARG B 451 -16.30 -8.32 -34.36
C ARG B 451 -17.81 -8.41 -34.48
N TYR B 452 -18.44 -9.25 -33.67
CA TYR B 452 -19.89 -9.39 -33.72
C TYR B 452 -20.58 -8.14 -33.23
N LEU B 453 -19.97 -7.44 -32.27
CA LEU B 453 -20.53 -6.18 -31.79
C LEU B 453 -20.39 -5.08 -32.83
N THR B 454 -19.35 -5.15 -33.67
CA THR B 454 -19.17 -4.11 -34.68
C THR B 454 -20.35 -4.04 -35.66
N PHE B 455 -21.16 -5.10 -35.74
CA PHE B 455 -22.27 -5.13 -36.69
C PHE B 455 -23.47 -4.33 -36.23
N PHE B 456 -23.47 -3.83 -35.00
CA PHE B 456 -24.57 -3.02 -34.46
C PHE B 456 -24.08 -1.61 -34.24
N HIS B 457 -24.89 -0.64 -34.69
CA HIS B 457 -24.41 0.74 -34.78
C HIS B 457 -24.00 1.31 -33.44
N ASN B 458 -24.80 1.05 -32.39
CA ASN B 458 -24.56 1.69 -31.10
C ASN B 458 -23.26 1.21 -30.44
N TYR B 459 -22.84 -0.02 -30.73
CA TYR B 459 -21.55 -0.51 -30.27
C TYR B 459 -20.42 -0.12 -31.23
N ASN B 460 -20.73 -0.10 -32.52
CA ASN B 460 -19.74 0.28 -33.51
C ASN B 460 -19.27 1.72 -33.33
N ILE B 461 -20.14 2.61 -32.84
CA ILE B 461 -19.70 3.99 -32.63
C ILE B 461 -18.56 4.03 -31.62
N LEU B 462 -18.69 3.27 -30.53
CA LEU B 462 -17.64 3.25 -29.51
C LEU B 462 -16.37 2.59 -30.03
N ILE B 463 -16.53 1.47 -30.74
CA ILE B 463 -15.36 0.78 -31.29
C ILE B 463 -14.63 1.69 -32.28
N ALA B 464 -15.39 2.38 -33.13
CA ALA B 464 -14.81 3.32 -34.08
C ALA B 464 -14.17 4.51 -33.39
N THR B 465 -14.73 4.95 -32.26
CA THR B 465 -14.07 6.00 -31.49
C THR B 465 -12.67 5.58 -31.07
N LEU B 466 -12.56 4.38 -30.49
CA LEU B 466 -11.23 3.89 -30.11
C LEU B 466 -10.32 3.76 -31.32
N ARG B 467 -10.84 3.24 -32.44
CA ARG B 467 -10.03 3.03 -33.62
C ARG B 467 -9.49 4.35 -34.17
N VAL B 468 -10.32 5.38 -34.23
N VAL B 468 -10.34 5.37 -34.23
CA VAL B 468 -9.85 6.65 -34.77
CA VAL B 468 -9.93 6.67 -34.74
C VAL B 468 -8.96 7.38 -33.77
C VAL B 468 -8.96 7.34 -33.77
N ALA B 469 -9.11 7.11 -32.47
CA ALA B 469 -8.21 7.72 -31.50
C ALA B 469 -6.81 7.10 -31.56
N LEU B 470 -6.72 5.80 -31.87
CA LEU B 470 -5.45 5.09 -31.71
C LEU B 470 -4.25 5.75 -32.36
N PRO B 471 -4.31 6.25 -33.60
CA PRO B 471 -3.08 6.81 -34.21
C PRO B 471 -2.50 8.00 -33.47
N SER B 472 -3.33 8.98 -33.10
CA SER B 472 -2.83 10.14 -32.37
C SER B 472 -2.30 9.73 -31.00
N VAL B 473 -2.93 8.76 -30.36
CA VAL B 473 -2.42 8.24 -29.10
C VAL B 473 -1.02 7.65 -29.29
N MET B 474 -0.81 6.91 -30.37
CA MET B 474 0.50 6.32 -30.62
C MET B 474 1.55 7.39 -30.89
N ARG B 475 1.20 8.43 -31.65
CA ARG B 475 2.15 9.51 -31.89
C ARG B 475 2.51 10.23 -30.57
N PHE B 476 1.51 10.49 -29.74
CA PHE B 476 1.79 11.09 -28.44
C PHE B 476 2.67 10.18 -27.59
N CYS B 477 2.47 8.86 -27.71
CA CYS B 477 3.34 7.93 -27.00
C CYS B 477 4.77 8.04 -27.49
N CYS B 478 4.96 8.21 -28.81
CA CYS B 478 6.29 8.47 -29.33
C CYS B 478 6.91 9.68 -28.67
N CYS B 479 6.13 10.76 -28.56
CA CYS B 479 6.65 11.97 -27.92
C CYS B 479 6.99 11.74 -26.45
N VAL B 480 6.15 10.99 -25.74
CA VAL B 480 6.30 10.83 -24.29
C VAL B 480 7.42 9.84 -23.96
N ALA B 481 7.70 8.89 -24.85
CA ALA B 481 8.62 7.80 -24.52
C ALA B 481 10.04 8.30 -24.30
N VAL B 482 10.48 9.30 -25.07
CA VAL B 482 11.85 9.79 -24.91
C VAL B 482 12.03 10.45 -23.55
N ILE B 483 11.05 11.25 -23.12
CA ILE B 483 11.10 11.85 -21.79
C ILE B 483 11.10 10.75 -20.73
N TYR B 484 10.24 9.74 -20.90
CA TYR B 484 10.18 8.65 -19.95
C TYR B 484 11.52 7.93 -19.84
N LEU B 485 12.16 7.67 -20.97
CA LEU B 485 13.45 6.97 -20.96
C LEU B 485 14.53 7.83 -20.33
N GLY B 486 14.55 9.13 -20.62
CA GLY B 486 15.50 10.00 -19.96
C GLY B 486 15.36 9.96 -18.46
N TYR B 487 14.11 10.03 -17.97
CA TYR B 487 13.88 9.94 -16.53
C TYR B 487 14.32 8.59 -15.99
N CYS B 488 14.05 7.50 -16.72
CA CYS B 488 14.48 6.18 -16.27
C CYS B 488 15.99 6.13 -16.07
N PHE B 489 16.75 6.56 -17.08
CA PHE B 489 18.20 6.51 -16.98
C PHE B 489 18.71 7.39 -15.85
N CYS B 490 18.20 8.63 -15.77
CA CYS B 490 18.66 9.54 -14.72
C CYS B 490 18.38 8.98 -13.33
N GLY B 491 17.15 8.49 -13.11
CA GLY B 491 16.81 7.94 -11.82
C GLY B 491 17.65 6.73 -11.47
N TRP B 492 17.88 5.85 -12.45
CA TRP B 492 18.71 4.68 -12.18
C TRP B 492 20.11 5.08 -11.76
N ILE B 493 20.72 6.03 -12.46
CA ILE B 493 22.11 6.37 -12.16
C ILE B 493 22.20 7.11 -10.83
N VAL B 494 21.28 8.02 -10.54
CA VAL B 494 21.42 8.87 -9.35
C VAL B 494 20.87 8.19 -8.10
N LEU B 495 19.66 7.64 -8.16
CA LEU B 495 18.99 7.12 -6.98
C LEU B 495 19.24 5.64 -6.74
N GLY B 496 19.77 4.90 -7.72
CA GLY B 496 20.03 3.49 -7.55
C GLY B 496 20.90 3.15 -6.37
N PRO B 497 21.98 3.88 -6.11
CA PRO B 497 22.79 3.60 -4.91
C PRO B 497 22.01 3.73 -3.61
N TYR B 498 20.98 4.58 -3.55
CA TYR B 498 20.32 4.90 -2.30
C TYR B 498 18.91 4.35 -2.16
N HIS B 499 18.23 4.04 -3.26
CA HIS B 499 16.81 3.71 -3.24
C HIS B 499 16.62 2.26 -3.67
N VAL B 500 15.90 1.50 -2.85
CA VAL B 500 15.71 0.07 -3.14
C VAL B 500 14.91 -0.13 -4.42
N LYS B 501 14.03 0.80 -4.76
CA LYS B 501 13.18 0.66 -5.93
C LYS B 501 13.86 1.12 -7.22
N PHE B 502 15.12 1.55 -7.17
CA PHE B 502 15.83 2.04 -8.34
C PHE B 502 17.09 1.22 -8.64
N ARG B 503 17.12 -0.05 -8.22
CA ARG B 503 18.34 -0.84 -8.35
C ARG B 503 18.64 -1.19 -9.80
N SER B 504 17.63 -1.60 -10.56
CA SER B 504 17.79 -1.99 -11.95
C SER B 504 16.86 -1.17 -12.82
N LEU B 505 17.15 -1.16 -14.13
CA LEU B 505 16.39 -0.32 -15.04
C LEU B 505 14.94 -0.80 -15.17
N SER B 506 14.72 -2.12 -15.22
CA SER B 506 13.35 -2.64 -15.27
C SER B 506 12.59 -2.26 -14.00
N MET B 507 13.25 -2.35 -12.84
CA MET B 507 12.63 -1.93 -11.60
C MET B 507 12.31 -0.44 -11.61
N VAL B 508 13.23 0.37 -12.16
CA VAL B 508 12.98 1.80 -12.27
C VAL B 508 11.76 2.07 -13.13
N SER B 509 11.65 1.38 -14.26
CA SER B 509 10.50 1.55 -15.13
C SER B 509 9.22 1.16 -14.42
N GLU B 510 9.24 0.05 -13.68
CA GLU B 510 8.04 -0.35 -12.93
C GLU B 510 7.67 0.70 -11.90
N CYS B 511 8.66 1.24 -11.19
CA CYS B 511 8.38 2.25 -10.17
C CYS B 511 7.78 3.51 -10.79
N LEU B 512 8.37 3.99 -11.88
CA LEU B 512 7.87 5.21 -12.51
C LEU B 512 6.48 5.00 -13.10
N PHE B 513 6.24 3.85 -13.72
CA PHE B 513 4.92 3.56 -14.28
C PHE B 513 3.88 3.50 -13.18
N SER B 514 4.22 2.88 -12.03
CA SER B 514 3.29 2.86 -10.91
C SER B 514 3.04 4.27 -10.37
N LEU B 515 4.08 5.09 -10.28
CA LEU B 515 3.90 6.46 -9.81
C LEU B 515 2.96 7.23 -10.72
N ILE B 516 3.08 7.04 -12.03
CA ILE B 516 2.22 7.75 -12.98
C ILE B 516 0.75 7.46 -12.69
N ASN B 517 0.44 6.23 -12.28
CA ASN B 517 -0.92 5.82 -12.01
C ASN B 517 -1.29 5.94 -10.53
N GLY B 518 -0.54 6.75 -9.78
CA GLY B 518 -0.89 7.03 -8.39
C GLY B 518 -0.78 5.88 -7.43
N ASP B 519 0.28 5.08 -7.53
CA ASP B 519 0.49 3.94 -6.64
C ASP B 519 1.89 3.98 -6.05
N ASP B 520 1.99 3.65 -4.77
CA ASP B 520 3.28 3.50 -4.08
C ASP B 520 4.09 4.78 -4.08
N MET B 521 3.41 5.93 -3.98
CA MET B 521 4.08 7.21 -4.09
C MET B 521 4.71 7.64 -2.77
N PHE B 522 3.94 7.57 -1.68
CA PHE B 522 4.47 8.05 -0.40
C PHE B 522 5.66 7.21 0.06
N VAL B 523 5.62 5.89 -0.14
CA VAL B 523 6.75 5.06 0.25
C VAL B 523 7.98 5.42 -0.57
N THR B 524 7.78 5.75 -1.84
CA THR B 524 8.90 6.21 -2.67
C THR B 524 9.52 7.48 -2.10
N PHE B 525 8.68 8.43 -1.69
CA PHE B 525 9.21 9.64 -1.06
C PHE B 525 9.89 9.34 0.27
N ALA B 526 9.31 8.41 1.05
CA ALA B 526 9.79 8.16 2.40
C ALA B 526 11.13 7.43 2.41
N ALA B 527 11.38 6.59 1.39
CA ALA B 527 12.66 5.89 1.34
C ALA B 527 13.83 6.88 1.30
N MET B 528 13.63 8.07 0.75
CA MET B 528 14.67 9.06 0.64
C MET B 528 14.83 9.92 1.89
N GLN B 529 13.90 9.87 2.84
CA GLN B 529 13.99 10.71 4.02
C GLN B 529 15.21 10.38 4.88
N ALA B 530 15.71 9.15 4.80
CA ALA B 530 16.88 8.78 5.61
C ALA B 530 18.13 9.51 5.15
N GLN B 531 18.25 9.80 3.86
CA GLN B 531 19.44 10.42 3.30
C GLN B 531 19.42 11.94 3.39
N GLN B 532 18.40 12.54 3.98
CA GLN B 532 18.34 13.99 4.06
C GLN B 532 19.54 14.55 4.81
N GLY B 533 19.91 13.92 5.92
CA GLY B 533 21.06 14.34 6.69
C GLY B 533 22.36 13.81 6.13
N ARG B 534 22.34 12.58 5.62
CA ARG B 534 23.55 11.98 5.07
C ARG B 534 24.04 12.76 3.86
N SER B 535 23.24 12.79 2.79
CA SER B 535 23.60 13.48 1.55
C SER B 535 22.48 14.46 1.21
N SER B 536 22.68 15.73 1.56
CA SER B 536 21.66 16.74 1.29
C SER B 536 21.47 16.96 -0.20
N LEU B 537 22.56 16.94 -0.97
CA LEU B 537 22.46 17.15 -2.41
C LEU B 537 21.61 16.08 -3.06
N VAL B 538 21.82 14.81 -2.70
CA VAL B 538 21.05 13.72 -3.28
C VAL B 538 19.59 13.83 -2.89
N TRP B 539 19.30 14.20 -1.64
CA TRP B 539 17.92 14.33 -1.21
C TRP B 539 17.21 15.45 -1.97
N LEU B 540 17.87 16.60 -2.13
CA LEU B 540 17.26 17.69 -2.87
C LEU B 540 17.03 17.28 -4.33
N PHE B 541 18.01 16.61 -4.93
CA PHE B 541 17.82 16.15 -6.31
C PHE B 541 16.66 15.18 -6.41
N SER B 542 16.52 14.28 -5.44
CA SER B 542 15.41 13.33 -5.47
C SER B 542 14.08 14.05 -5.34
N GLN B 543 14.00 15.07 -4.49
CA GLN B 543 12.78 15.87 -4.40
C GLN B 543 12.43 16.47 -5.76
N LEU B 544 13.39 17.14 -6.39
CA LEU B 544 13.14 17.75 -7.68
C LEU B 544 12.72 16.71 -8.71
N TYR B 545 13.46 15.59 -8.76
CA TYR B 545 13.20 14.54 -9.73
C TYR B 545 11.79 13.99 -9.60
N LEU B 546 11.42 13.57 -8.39
CA LEU B 546 10.12 12.94 -8.19
C LEU B 546 8.99 13.93 -8.42
N TYR B 547 9.07 15.13 -7.83
CA TYR B 547 7.97 16.08 -8.00
C TYR B 547 7.79 16.44 -9.47
N SER B 548 8.88 16.76 -10.17
CA SER B 548 8.75 17.15 -11.57
C SER B 548 8.19 16.01 -12.41
N PHE B 549 8.70 14.79 -12.21
CA PHE B 549 8.20 13.67 -13.01
C PHE B 549 6.72 13.45 -12.79
N ILE B 550 6.30 13.33 -11.52
CA ILE B 550 4.91 13.02 -11.23
C ILE B 550 4.01 14.12 -11.77
N SER B 551 4.36 15.39 -11.51
CA SER B 551 3.51 16.48 -11.96
C SER B 551 3.39 16.50 -13.47
N LEU B 552 4.52 16.40 -14.18
CA LEU B 552 4.49 16.44 -15.63
C LEU B 552 3.61 15.31 -16.19
N PHE B 553 3.79 14.09 -15.68
CA PHE B 553 3.10 12.98 -16.31
C PHE B 553 1.63 12.88 -15.92
N ILE B 554 1.27 13.27 -14.69
CA ILE B 554 -0.12 13.13 -14.29
C ILE B 554 -0.94 14.32 -14.77
N TYR B 555 -0.43 15.54 -14.60
CA TYR B 555 -1.24 16.73 -14.85
C TYR B 555 -1.20 17.20 -16.30
N MET B 556 -0.25 16.72 -17.12
CA MET B 556 -0.21 17.08 -18.53
C MET B 556 -0.43 15.88 -19.44
N VAL B 557 0.35 14.82 -19.31
CA VAL B 557 0.31 13.72 -20.27
C VAL B 557 -1.04 13.00 -20.21
N LEU B 558 -1.47 12.60 -19.02
CA LEU B 558 -2.73 11.88 -18.88
C LEU B 558 -3.90 12.76 -19.30
N SER B 559 -3.84 14.04 -18.97
CA SER B 559 -4.88 14.97 -19.42
C SER B 559 -4.94 15.00 -20.94
N LEU B 560 -3.79 14.96 -21.62
CA LEU B 560 -3.82 14.98 -23.07
C LEU B 560 -4.35 13.68 -23.64
N PHE B 561 -4.07 12.54 -23.01
CA PHE B 561 -4.72 11.30 -23.45
C PHE B 561 -6.24 11.42 -23.34
N ILE B 562 -6.73 11.97 -22.24
CA ILE B 562 -8.16 12.18 -22.08
C ILE B 562 -8.69 13.10 -23.18
N ALA B 563 -7.96 14.17 -23.46
CA ALA B 563 -8.39 15.11 -24.49
C ALA B 563 -8.45 14.45 -25.87
N LEU B 564 -7.46 13.60 -26.18
CA LEU B 564 -7.45 12.92 -27.47
C LEU B 564 -8.65 11.98 -27.61
N ILE B 565 -8.93 11.20 -26.55
CA ILE B 565 -10.08 10.30 -26.62
C ILE B 565 -11.37 11.10 -26.75
N THR B 566 -11.48 12.21 -26.01
CA THR B 566 -12.68 13.03 -26.09
C THR B 566 -12.86 13.62 -27.48
N GLY B 567 -11.78 14.09 -28.10
CA GLY B 567 -11.87 14.61 -29.44
C GLY B 567 -12.28 13.55 -30.45
N ALA B 568 -11.72 12.35 -30.32
CA ALA B 568 -12.12 11.26 -31.20
C ALA B 568 -13.61 10.95 -31.04
N TYR B 569 -14.10 10.90 -29.81
CA TYR B 569 -15.52 10.64 -29.60
C TYR B 569 -16.36 11.76 -30.21
N ASP B 570 -15.95 13.01 -30.04
CA ASP B 570 -16.71 14.13 -30.60
C ASP B 570 -16.75 14.05 -32.12
N THR B 571 -15.63 13.70 -32.76
CA THR B 571 -15.63 13.65 -34.22
C THR B 571 -16.46 12.48 -34.72
N ILE B 572 -16.46 11.36 -33.99
CA ILE B 572 -17.31 10.24 -34.38
C ILE B 572 -18.78 10.62 -34.25
N LYS B 573 -19.15 11.28 -33.16
CA LYS B 573 -20.54 11.64 -32.92
C LYS B 573 -21.02 12.76 -33.84
N HIS B 574 -20.13 13.41 -34.57
CA HIS B 574 -20.53 14.48 -35.49
C HIS B 574 -19.88 14.29 -36.85
N LEU C 89 -60.99 11.98 -19.47
CA LEU C 89 -59.85 11.07 -19.31
C LEU C 89 -58.53 11.85 -19.36
N ARG C 90 -58.49 12.88 -20.21
CA ARG C 90 -57.27 13.67 -20.34
C ARG C 90 -56.92 14.37 -19.04
N ARG C 91 -57.91 14.91 -18.34
CA ARG C 91 -57.65 15.57 -17.06
C ARG C 91 -57.10 14.59 -16.04
N ARG C 92 -57.66 13.38 -15.99
CA ARG C 92 -57.17 12.38 -15.04
C ARG C 92 -55.74 11.98 -15.36
N LEU C 93 -55.43 11.81 -16.65
CA LEU C 93 -54.05 11.46 -17.03
C LEU C 93 -53.09 12.59 -16.67
N LYS C 94 -53.50 13.84 -16.91
CA LYS C 94 -52.65 14.97 -16.55
C LYS C 94 -52.41 15.01 -15.05
N TYR C 95 -53.46 14.76 -14.26
CA TYR C 95 -53.31 14.76 -12.80
C TYR C 95 -52.41 13.61 -12.35
N PHE C 96 -52.48 12.47 -13.05
CA PHE C 96 -51.71 11.30 -12.64
C PHE C 96 -50.21 11.60 -12.70
N PHE C 97 -49.76 12.30 -13.72
CA PHE C 97 -48.35 12.59 -13.92
C PHE C 97 -47.90 13.89 -13.28
N MET C 98 -48.78 14.55 -12.53
CA MET C 98 -48.41 15.78 -11.85
C MET C 98 -47.40 15.51 -10.75
N SER C 99 -46.60 16.53 -10.44
CA SER C 99 -45.68 16.45 -9.32
C SER C 99 -46.46 16.55 -8.00
N PRO C 100 -45.84 16.15 -6.89
CA PRO C 100 -46.56 16.21 -5.61
C PRO C 100 -47.09 17.60 -5.29
N CYS C 101 -46.30 18.64 -5.57
CA CYS C 101 -46.77 20.01 -5.35
C CYS C 101 -47.95 20.33 -6.28
N ASP C 102 -47.83 19.96 -7.56
CA ASP C 102 -48.92 20.19 -8.49
C ASP C 102 -50.16 19.39 -8.09
N LYS C 103 -49.96 18.15 -7.65
CA LYS C 103 -51.10 17.34 -7.20
C LYS C 103 -51.80 17.99 -6.02
N PHE C 104 -51.02 18.47 -5.04
CA PHE C 104 -51.61 19.12 -3.87
C PHE C 104 -52.36 20.38 -4.27
N ARG C 105 -51.80 21.17 -5.18
CA ARG C 105 -52.50 22.37 -5.64
C ARG C 105 -53.78 22.00 -6.36
N ALA C 106 -53.75 20.95 -7.18
CA ALA C 106 -54.92 20.59 -7.98
C ALA C 106 -56.05 20.05 -7.11
N LYS C 107 -55.73 19.24 -6.09
CA LYS C 107 -56.76 18.60 -5.30
C LYS C 107 -56.60 18.78 -3.79
N GLY C 108 -55.47 19.28 -3.31
CA GLY C 108 -55.32 19.50 -1.88
C GLY C 108 -55.38 18.25 -1.04
N ARG C 109 -55.13 17.08 -1.63
CA ARG C 109 -55.13 15.84 -0.87
C ARG C 109 -53.93 15.79 0.06
N LYS C 110 -54.09 15.08 1.17
CA LYS C 110 -53.04 15.02 2.18
C LYS C 110 -51.85 14.22 1.64
N PRO C 111 -50.64 14.77 1.65
CA PRO C 111 -49.47 13.99 1.18
C PRO C 111 -48.94 13.03 2.23
N CYS C 112 -49.76 12.03 2.56
CA CYS C 112 -49.40 11.08 3.60
C CYS C 112 -48.17 10.26 3.20
N LYS C 113 -48.08 9.90 1.92
CA LYS C 113 -47.00 9.01 1.48
C LYS C 113 -45.63 9.66 1.70
N LEU C 114 -45.51 10.96 1.43
CA LEU C 114 -44.21 11.61 1.53
C LEU C 114 -43.72 11.65 2.98
N MET C 115 -44.58 12.10 3.90
CA MET C 115 -44.21 12.12 5.31
C MET C 115 -43.95 10.70 5.81
N LEU C 116 -44.72 9.73 5.33
CA LEU C 116 -44.50 8.36 5.72
C LEU C 116 -43.14 7.87 5.26
N GLN C 117 -42.71 8.27 4.05
CA GLN C 117 -41.39 7.87 3.56
C GLN C 117 -40.28 8.50 4.40
N VAL C 118 -40.46 9.76 4.80
CA VAL C 118 -39.46 10.39 5.67
C VAL C 118 -39.36 9.64 6.99
N VAL C 119 -40.51 9.34 7.59
CA VAL C 119 -40.51 8.60 8.86
C VAL C 119 -39.88 7.23 8.67
N LYS C 120 -40.15 6.59 7.53
CA LYS C 120 -39.56 5.29 7.25
C LYS C 120 -38.06 5.36 7.18
N ILE C 121 -37.53 6.38 6.50
CA ILE C 121 -36.07 6.57 6.46
C ILE C 121 -35.53 6.64 7.88
N LEU C 122 -36.15 7.49 8.70
CA LEU C 122 -35.65 7.69 10.06
C LEU C 122 -35.65 6.37 10.85
N VAL C 123 -36.80 5.68 10.89
CA VAL C 123 -36.93 4.53 11.77
C VAL C 123 -36.08 3.37 11.27
N VAL C 124 -36.03 3.17 9.94
CA VAL C 124 -35.22 2.09 9.39
C VAL C 124 -33.75 2.31 9.71
N THR C 125 -33.26 3.55 9.55
CA THR C 125 -31.87 3.83 9.86
C THR C 125 -31.59 3.60 11.35
N VAL C 126 -32.49 4.05 12.23
CA VAL C 126 -32.27 3.86 13.66
C VAL C 126 -32.23 2.38 14.01
N GLN C 127 -33.16 1.61 13.43
CA GLN C 127 -33.18 0.18 13.70
C GLN C 127 -31.87 -0.48 13.23
N LEU C 128 -31.40 -0.11 12.04
CA LEU C 128 -30.15 -0.69 11.56
C LEU C 128 -28.99 -0.35 12.49
N ILE C 129 -28.93 0.89 12.96
CA ILE C 129 -27.83 1.30 13.83
C ILE C 129 -27.86 0.51 15.13
N LEU C 130 -29.04 0.38 15.73
CA LEU C 130 -29.15 -0.38 16.98
C LEU C 130 -28.77 -1.83 16.78
N PHE C 131 -29.25 -2.44 15.69
CA PHE C 131 -28.92 -3.83 15.41
C PHE C 131 -27.42 -4.02 15.22
N GLY C 132 -26.78 -3.12 14.49
CA GLY C 132 -25.34 -3.24 14.27
C GLY C 132 -24.54 -3.07 15.56
N LEU C 133 -24.94 -2.11 16.39
CA LEU C 133 -24.25 -1.93 17.66
C LEU C 133 -24.38 -3.18 18.53
N SER C 134 -25.58 -3.79 18.54
CA SER C 134 -25.75 -5.02 19.32
C SER C 134 -24.92 -6.17 18.74
N ASN C 135 -24.85 -6.29 17.41
CA ASN C 135 -24.16 -7.42 16.81
C ASN C 135 -22.64 -7.32 16.96
N GLN C 136 -22.10 -6.10 16.93
CA GLN C 136 -20.65 -5.94 17.05
C GLN C 136 -20.14 -6.53 18.37
N LEU C 137 -20.91 -6.37 19.45
CA LEU C 137 -20.49 -6.86 20.75
C LEU C 137 -20.36 -8.38 20.75
N ALA C 138 -21.37 -9.07 20.20
CA ALA C 138 -21.29 -10.53 20.13
C ALA C 138 -20.14 -10.99 19.24
N VAL C 139 -19.93 -10.29 18.13
CA VAL C 139 -18.81 -10.62 17.25
C VAL C 139 -17.49 -10.50 18.02
N THR C 140 -17.34 -9.41 18.77
CA THR C 140 -16.11 -9.20 19.54
C THR C 140 -15.93 -10.28 20.60
N PHE C 141 -17.01 -10.66 21.29
CA PHE C 141 -16.91 -11.70 22.30
C PHE C 141 -16.42 -13.01 21.69
N ARG C 142 -17.03 -13.40 20.56
CA ARG C 142 -16.62 -14.64 19.91
C ARG C 142 -15.17 -14.57 19.45
N GLU C 143 -14.77 -13.46 18.85
CA GLU C 143 -13.40 -13.33 18.35
C GLU C 143 -12.40 -13.40 19.49
N GLU C 144 -12.66 -12.70 20.60
CA GLU C 144 -11.73 -12.71 21.72
C GLU C 144 -11.61 -14.10 22.32
N ASN C 145 -12.73 -14.80 22.49
CA ASN C 145 -12.66 -16.16 23.00
C ASN C 145 -11.85 -17.06 22.07
N THR C 146 -12.03 -16.91 20.76
CA THR C 146 -11.30 -17.75 19.81
C THR C 146 -9.80 -17.46 19.86
N ILE C 147 -9.42 -16.19 19.96
CA ILE C 147 -7.99 -15.86 20.06
C ILE C 147 -7.41 -16.44 21.35
N ALA C 148 -8.16 -16.34 22.45
CA ALA C 148 -7.70 -16.94 23.70
C ALA C 148 -7.52 -18.44 23.55
N PHE C 149 -8.45 -19.10 22.86
CA PHE C 149 -8.31 -20.55 22.63
C PHE C 149 -7.06 -20.86 21.82
N ARG C 150 -6.77 -20.05 20.80
CA ARG C 150 -5.56 -20.28 20.02
C ARG C 150 -4.32 -20.17 20.89
N HIS C 151 -4.27 -19.16 21.77
CA HIS C 151 -3.12 -19.03 22.65
C HIS C 151 -3.07 -20.15 23.69
N LEU C 152 -4.21 -20.70 24.08
CA LEU C 152 -4.23 -21.72 25.12
C LEU C 152 -3.86 -23.10 24.59
N PHE C 153 -4.35 -23.48 23.40
CA PHE C 153 -4.29 -24.86 22.96
C PHE C 153 -3.26 -25.13 21.87
N LEU C 154 -2.77 -24.12 21.17
CA LEU C 154 -1.82 -24.30 20.07
C LEU C 154 -0.41 -24.05 20.59
N LEU C 155 0.42 -25.09 20.57
CA LEU C 155 1.77 -25.01 21.12
C LEU C 155 2.61 -24.06 20.27
N GLY C 156 3.18 -23.04 20.92
CA GLY C 156 4.05 -22.10 20.24
C GLY C 156 3.33 -21.13 19.32
N TYR C 157 2.03 -20.94 19.51
CA TYR C 157 1.28 -20.02 18.67
C TYR C 157 1.62 -18.57 19.02
N SER C 158 1.62 -17.72 17.99
CA SER C 158 1.77 -16.28 18.18
C SER C 158 0.86 -15.57 17.19
N ASP C 159 0.49 -14.34 17.54
CA ASP C 159 -0.42 -13.58 16.69
C ASP C 159 0.18 -13.33 15.32
N GLY C 160 -0.65 -13.43 14.29
CA GLY C 160 -0.23 -13.20 12.92
C GLY C 160 0.29 -14.43 12.20
N ALA C 161 0.39 -15.57 12.88
CA ALA C 161 0.96 -16.78 12.30
C ALA C 161 -0.10 -17.77 11.82
N ASP C 162 -1.37 -17.37 11.76
CA ASP C 162 -2.44 -18.31 11.44
C ASP C 162 -2.23 -18.95 10.07
N ASP C 163 -1.81 -18.16 9.08
CA ASP C 163 -1.72 -18.69 7.73
C ASP C 163 -0.55 -19.67 7.57
N THR C 164 0.52 -19.51 8.35
CA THR C 164 1.71 -20.33 8.20
C THR C 164 1.92 -21.34 9.32
N PHE C 165 1.07 -21.33 10.34
CA PHE C 165 1.25 -22.24 11.47
C PHE C 165 1.14 -23.69 11.00
N ALA C 166 2.22 -24.45 11.17
CA ALA C 166 2.26 -25.82 10.66
C ALA C 166 3.33 -26.61 11.41
N ALA C 167 3.20 -27.92 11.34
CA ALA C 167 4.20 -28.85 11.85
C ALA C 167 5.01 -29.43 10.70
N TYR C 168 6.24 -29.84 10.99
CA TYR C 168 7.14 -30.36 9.97
C TYR C 168 7.86 -31.64 10.38
N THR C 169 7.85 -32.02 11.65
CA THR C 169 8.45 -33.26 12.11
C THR C 169 7.43 -34.05 12.90
N ARG C 170 7.70 -35.35 13.03
CA ARG C 170 6.79 -36.21 13.77
C ARG C 170 6.71 -35.80 15.24
N GLU C 171 7.84 -35.46 15.84
CA GLU C 171 7.83 -35.05 17.24
C GLU C 171 7.10 -33.72 17.43
N GLN C 172 7.20 -32.81 16.46
CA GLN C 172 6.44 -31.56 16.55
C GLN C 172 4.95 -31.85 16.56
N LEU C 173 4.48 -32.74 15.69
CA LEU C 173 3.07 -33.07 15.63
C LEU C 173 2.59 -33.73 16.92
N TYR C 174 3.36 -34.70 17.42
CA TYR C 174 2.98 -35.35 18.68
C TYR C 174 2.92 -34.34 19.81
N GLN C 175 3.92 -33.44 19.89
CA GLN C 175 3.94 -32.45 20.95
C GLN C 175 2.76 -31.51 20.86
N ALA C 176 2.40 -31.08 19.65
CA ALA C 176 1.26 -30.19 19.50
C ALA C 176 -0.03 -30.88 19.96
N ILE C 177 -0.23 -32.13 19.55
CA ILE C 177 -1.45 -32.85 19.93
C ILE C 177 -1.51 -33.01 21.44
N PHE C 178 -0.42 -33.46 22.04
CA PHE C 178 -0.42 -33.70 23.49
C PHE C 178 -0.57 -32.40 24.26
N HIS C 179 0.03 -31.32 23.78
CA HIS C 179 -0.12 -30.02 24.44
C HIS C 179 -1.58 -29.57 24.40
N ALA C 180 -2.25 -29.74 23.26
CA ALA C 180 -3.65 -29.35 23.20
C ALA C 180 -4.49 -30.14 24.20
N VAL C 181 -4.29 -31.46 24.26
CA VAL C 181 -5.09 -32.26 25.18
C VAL C 181 -4.77 -31.91 26.63
N ASP C 182 -3.49 -31.73 26.96
CA ASP C 182 -3.11 -31.40 28.33
C ASP C 182 -3.68 -30.05 28.75
N GLN C 183 -3.67 -29.07 27.84
CA GLN C 183 -4.25 -27.78 28.16
C GLN C 183 -5.76 -27.89 28.36
N TYR C 184 -6.42 -28.73 27.55
CA TYR C 184 -7.84 -28.97 27.78
C TYR C 184 -8.08 -29.52 29.18
N LEU C 185 -7.22 -30.44 29.62
CA LEU C 185 -7.42 -31.02 30.95
C LEU C 185 -7.05 -30.05 32.07
N ALA C 186 -6.15 -29.11 31.81
CA ALA C 186 -5.71 -28.16 32.84
C ALA C 186 -6.48 -26.85 32.80
N LEU C 187 -7.43 -26.68 31.88
CA LEU C 187 -8.11 -25.40 31.69
C LEU C 187 -8.62 -24.77 32.98
N PRO C 188 -9.28 -25.48 33.89
CA PRO C 188 -9.86 -24.79 35.07
C PRO C 188 -8.84 -24.03 35.90
N ASP C 189 -7.62 -24.55 36.03
CA ASP C 189 -6.62 -23.93 36.90
C ASP C 189 -5.73 -22.92 36.20
N VAL C 190 -5.82 -22.77 34.87
N VAL C 190 -5.82 -22.81 34.87
CA VAL C 190 -4.89 -21.88 34.17
CA VAL C 190 -4.91 -22.00 34.08
C VAL C 190 -5.61 -20.80 33.37
C VAL C 190 -5.61 -20.85 33.38
N SER C 191 -6.85 -21.07 32.93
CA SER C 191 -7.53 -20.10 32.08
C SER C 191 -7.95 -18.86 32.84
N LEU C 192 -7.88 -17.72 32.17
CA LEU C 192 -8.43 -16.48 32.70
C LEU C 192 -9.94 -16.39 32.53
N GLY C 193 -10.50 -17.12 31.57
CA GLY C 193 -11.94 -17.21 31.45
C GLY C 193 -12.51 -18.27 32.37
N ARG C 194 -13.84 -18.30 32.44
CA ARG C 194 -14.58 -19.27 33.25
C ARG C 194 -15.35 -20.16 32.30
N TYR C 195 -14.93 -21.42 32.18
CA TYR C 195 -15.50 -22.36 31.23
C TYR C 195 -15.97 -23.61 31.96
N ALA C 196 -17.05 -24.19 31.44
CA ALA C 196 -17.57 -25.46 31.92
C ALA C 196 -17.45 -26.50 30.81
N TYR C 197 -17.22 -27.75 31.23
CA TYR C 197 -17.09 -28.86 30.29
C TYR C 197 -18.46 -29.33 29.82
N VAL C 198 -18.49 -29.91 28.62
CA VAL C 198 -19.68 -30.54 28.06
C VAL C 198 -19.33 -31.97 27.72
N ARG C 199 -20.19 -32.90 28.11
CA ARG C 199 -19.96 -34.33 27.90
C ARG C 199 -21.04 -34.92 27.02
N GLY C 200 -20.68 -35.99 26.31
CA GLY C 200 -21.65 -36.73 25.52
C GLY C 200 -22.26 -35.88 24.43
N GLY C 201 -23.55 -36.09 24.20
CA GLY C 201 -24.29 -35.30 23.23
C GLY C 201 -24.15 -35.74 21.79
N GLY C 202 -23.79 -36.99 21.54
CA GLY C 202 -23.69 -37.50 20.18
C GLY C 202 -22.26 -37.47 19.66
N ASP C 203 -22.13 -37.89 18.41
CA ASP C 203 -20.82 -38.02 17.81
C ASP C 203 -20.17 -36.65 17.64
N PRO C 204 -18.82 -36.59 17.67
CA PRO C 204 -17.88 -37.69 17.81
C PRO C 204 -17.66 -38.13 19.25
N TRP C 205 -18.42 -37.59 20.20
CA TRP C 205 -18.22 -37.88 21.61
C TRP C 205 -19.07 -39.07 22.04
N THR C 206 -18.46 -40.00 22.75
CA THR C 206 -19.21 -41.04 23.43
C THR C 206 -19.83 -40.47 24.70
N ASN C 207 -20.60 -41.29 25.41
CA ASN C 207 -21.26 -40.83 26.62
C ASN C 207 -20.23 -40.55 27.70
N GLY C 208 -20.30 -39.36 28.30
CA GLY C 208 -19.37 -38.96 29.34
C GLY C 208 -18.04 -38.46 28.83
N SER C 209 -17.84 -38.37 27.53
CA SER C 209 -16.58 -37.93 26.95
C SER C 209 -16.65 -36.45 26.63
N GLY C 210 -15.63 -35.71 27.04
CA GLY C 210 -15.56 -34.29 26.77
C GLY C 210 -14.74 -33.94 25.54
N LEU C 211 -13.69 -34.71 25.28
CA LEU C 211 -12.78 -34.44 24.18
C LEU C 211 -12.66 -35.67 23.29
N ALA C 212 -12.70 -35.45 21.98
CA ALA C 212 -12.53 -36.52 21.00
C ALA C 212 -11.28 -36.24 20.17
N LEU C 213 -10.35 -37.19 20.17
CA LEU C 213 -9.10 -37.09 19.42
C LEU C 213 -9.11 -38.18 18.34
N CYS C 214 -9.32 -37.78 17.10
CA CYS C 214 -9.57 -38.73 16.02
C CYS C 214 -8.53 -38.60 14.93
N GLN C 215 -8.01 -39.72 14.45
CA GLN C 215 -7.13 -39.75 13.30
C GLN C 215 -7.80 -40.50 12.16
N ARG C 216 -7.75 -39.92 10.97
CA ARG C 216 -8.35 -40.47 9.76
C ARG C 216 -7.25 -40.81 8.78
N TYR C 217 -7.26 -42.06 8.30
CA TYR C 217 -6.23 -42.58 7.42
C TYR C 217 -6.85 -43.55 6.42
N TYR C 218 -6.13 -43.82 5.34
CA TYR C 218 -6.65 -44.69 4.29
C TYR C 218 -6.81 -46.12 4.79
N HIS C 219 -7.87 -46.79 4.34
CA HIS C 219 -8.14 -48.15 4.79
C HIS C 219 -6.95 -49.07 4.52
N ARG C 220 -6.44 -49.05 3.29
CA ARG C 220 -5.22 -49.75 2.93
C ARG C 220 -4.30 -48.77 2.23
N GLY C 221 -3.10 -48.61 2.76
CA GLY C 221 -2.12 -47.77 2.12
C GLY C 221 -0.73 -48.37 2.14
N HIS C 222 -0.20 -48.68 0.96
CA HIS C 222 1.18 -49.12 0.81
C HIS C 222 1.86 -48.18 -0.16
N VAL C 223 2.92 -47.51 0.28
CA VAL C 223 3.60 -46.50 -0.52
C VAL C 223 5.08 -46.82 -0.49
N ASP C 224 5.65 -47.12 -1.66
CA ASP C 224 7.06 -47.50 -1.81
C ASP C 224 7.64 -46.62 -2.90
N PRO C 225 7.99 -45.38 -2.57
CA PRO C 225 8.62 -44.50 -3.58
C PRO C 225 9.95 -45.04 -4.07
N ALA C 226 10.63 -45.88 -3.30
CA ALA C 226 11.88 -46.46 -3.76
C ALA C 226 11.66 -47.31 -5.00
N ASN C 227 10.56 -48.06 -5.04
CA ASN C 227 10.21 -48.89 -6.19
C ASN C 227 9.18 -48.22 -7.09
N ASP C 228 8.83 -46.96 -6.83
CA ASP C 228 7.79 -46.26 -7.59
C ASP C 228 6.50 -47.06 -7.60
N THR C 229 6.14 -47.61 -6.45
CA THR C 229 5.01 -48.52 -6.33
C THR C 229 4.05 -48.01 -5.26
N PHE C 230 2.76 -48.27 -5.46
CA PHE C 230 1.80 -47.98 -4.41
C PHE C 230 0.53 -48.78 -4.62
N ASP C 231 -0.11 -49.12 -3.51
CA ASP C 231 -1.36 -49.86 -3.50
C ASP C 231 -2.24 -49.25 -2.42
N ILE C 232 -3.25 -48.49 -2.83
CA ILE C 232 -4.08 -47.72 -1.91
C ILE C 232 -5.54 -48.01 -2.19
N ASP C 233 -6.28 -48.34 -1.12
CA ASP C 233 -7.73 -48.28 -1.14
C ASP C 233 -8.13 -46.99 -0.45
N PRO C 234 -8.65 -45.99 -1.18
CA PRO C 234 -8.81 -44.65 -0.59
C PRO C 234 -9.98 -44.51 0.36
N MET C 235 -10.59 -45.60 0.81
CA MET C 235 -11.62 -45.50 1.84
C MET C 235 -11.00 -45.00 3.15
N VAL C 236 -11.65 -44.02 3.76
CA VAL C 236 -11.12 -43.37 4.96
C VAL C 236 -11.64 -44.09 6.19
N VAL C 237 -10.72 -44.48 7.06
CA VAL C 237 -11.03 -45.09 8.36
C VAL C 237 -10.74 -44.05 9.43
N THR C 238 -11.66 -43.91 10.37
CA THR C 238 -11.53 -42.99 11.50
C THR C 238 -11.33 -43.79 12.77
N ASP C 239 -10.32 -43.43 13.55
CA ASP C 239 -10.07 -44.03 14.86
C ASP C 239 -10.04 -42.92 15.90
N CYS C 240 -10.90 -43.02 16.92
CA CYS C 240 -11.08 -41.96 17.89
C CYS C 240 -10.71 -42.44 19.29
N ILE C 241 -10.09 -41.55 20.06
CA ILE C 241 -9.82 -41.74 21.48
C ILE C 241 -10.67 -40.73 22.24
N GLN C 242 -11.34 -41.18 23.28
CA GLN C 242 -12.25 -40.36 24.06
C GLN C 242 -11.60 -40.01 25.39
N VAL C 243 -11.55 -38.72 25.70
CA VAL C 243 -10.98 -38.21 26.93
C VAL C 243 -12.11 -37.59 27.74
N ASP C 244 -12.26 -38.04 28.99
CA ASP C 244 -13.24 -37.44 29.88
C ASP C 244 -12.64 -36.25 30.61
N PRO C 245 -13.39 -35.17 30.80
CA PRO C 245 -12.83 -34.03 31.53
C PRO C 245 -12.52 -34.40 32.95
N PRO C 246 -11.55 -33.75 33.58
CA PRO C 246 -11.11 -34.15 34.91
C PRO C 246 -12.19 -33.91 35.96
N GLU C 247 -12.12 -34.71 37.03
CA GLU C 247 -13.05 -34.59 38.16
C GLU C 247 -12.52 -33.52 39.10
N ARG C 248 -13.22 -32.39 39.18
CA ARG C 248 -12.82 -31.29 40.04
C ARG C 248 -13.63 -31.28 41.33
N SER C 264 -3.60 -41.88 31.43
CA SER C 264 -3.69 -41.10 30.21
C SER C 264 -3.55 -42.01 28.98
N SER C 265 -4.68 -42.54 28.51
CA SER C 265 -4.64 -43.42 27.35
C SER C 265 -4.30 -42.64 26.07
N TYR C 266 -4.69 -41.38 25.99
CA TYR C 266 -4.42 -40.60 24.79
C TYR C 266 -2.93 -40.44 24.55
N LYS C 267 -2.10 -40.62 25.58
CA LYS C 267 -0.66 -40.56 25.42
C LYS C 267 -0.12 -41.75 24.61
N ASN C 268 -0.90 -42.81 24.44
CA ASN C 268 -0.51 -43.96 23.65
C ASN C 268 -0.86 -43.81 22.18
N LEU C 269 -1.27 -42.63 21.75
CA LEU C 269 -1.61 -42.41 20.34
C LEU C 269 -0.44 -42.78 19.45
N THR C 270 -0.71 -43.57 18.41
CA THR C 270 0.28 -43.95 17.42
C THR C 270 -0.28 -43.57 16.05
N LEU C 271 0.38 -42.63 15.40
CA LEU C 271 -0.11 -42.09 14.13
C LEU C 271 0.40 -42.93 12.96
N LYS C 272 -0.50 -43.17 12.00
CA LYS C 272 -0.16 -43.91 10.78
C LYS C 272 0.28 -42.89 9.73
N PHE C 273 1.53 -42.46 9.86
CA PHE C 273 2.00 -41.28 9.14
C PHE C 273 1.90 -41.44 7.63
N HIS C 274 2.30 -42.61 7.10
CA HIS C 274 2.39 -42.78 5.66
C HIS C 274 1.03 -42.79 4.98
N LYS C 275 -0.05 -43.10 5.72
CA LYS C 275 -1.40 -43.12 5.16
C LYS C 275 -2.32 -42.14 5.87
N LEU C 276 -1.78 -41.23 6.68
CA LEU C 276 -2.59 -40.35 7.49
C LEU C 276 -3.29 -39.31 6.61
N VAL C 277 -4.59 -39.14 6.79
CA VAL C 277 -5.33 -38.10 6.11
C VAL C 277 -5.42 -36.85 6.96
N ASN C 278 -5.88 -36.97 8.21
CA ASN C 278 -5.81 -35.82 9.11
C ASN C 278 -5.99 -36.27 10.56
N VAL C 279 -5.78 -35.33 11.46
CA VAL C 279 -6.07 -35.50 12.88
C VAL C 279 -6.95 -34.35 13.33
N THR C 280 -7.95 -34.65 14.16
CA THR C 280 -8.86 -33.64 14.66
C THR C 280 -9.05 -33.82 16.16
N ILE C 281 -9.24 -32.68 16.83
CA ILE C 281 -9.59 -32.64 18.24
C ILE C 281 -10.86 -31.82 18.38
N HIS C 282 -11.89 -32.43 18.96
CA HIS C 282 -13.20 -31.80 19.12
C HIS C 282 -13.54 -31.69 20.59
N PHE C 283 -13.95 -30.51 21.03
CA PHE C 283 -14.51 -30.40 22.38
C PHE C 283 -15.36 -29.13 22.48
N ARG C 284 -16.25 -29.12 23.47
CA ARG C 284 -17.15 -28.00 23.68
C ARG C 284 -16.91 -27.38 25.05
N LEU C 285 -17.00 -26.06 25.12
CA LEU C 285 -16.87 -25.32 26.37
C LEU C 285 -18.04 -24.37 26.53
N LYS C 286 -18.61 -24.33 27.73
CA LYS C 286 -19.72 -23.44 28.03
C LYS C 286 -19.23 -22.25 28.87
N THR C 287 -19.70 -21.06 28.52
CA THR C 287 -19.35 -19.85 29.24
C THR C 287 -20.55 -18.93 29.27
N ILE C 288 -20.44 -17.86 30.06
CA ILE C 288 -21.47 -16.85 30.17
C ILE C 288 -20.88 -15.52 29.73
N ASN C 289 -21.61 -14.78 28.91
CA ASN C 289 -21.14 -13.52 28.34
C ASN C 289 -21.49 -12.38 29.28
N LEU C 290 -20.60 -12.14 30.26
CA LEU C 290 -20.85 -11.07 31.22
C LEU C 290 -20.76 -9.69 30.57
N GLN C 291 -19.98 -9.56 29.49
CA GLN C 291 -19.85 -8.27 28.81
C GLN C 291 -21.20 -7.63 28.51
N SER C 292 -22.26 -8.43 28.42
CA SER C 292 -23.58 -7.88 28.12
C SER C 292 -23.97 -6.77 29.08
N LEU C 293 -23.52 -6.85 30.34
CA LEU C 293 -23.91 -5.85 31.32
C LEU C 293 -23.45 -4.45 30.93
N ILE C 294 -22.48 -4.33 30.03
CA ILE C 294 -22.06 -3.01 29.57
C ILE C 294 -23.22 -2.31 28.86
N ASN C 295 -23.97 -3.05 28.05
CA ASN C 295 -25.12 -2.51 27.34
C ASN C 295 -26.42 -2.70 28.09
N ASN C 296 -26.35 -3.07 29.37
CA ASN C 296 -27.51 -3.30 30.24
C ASN C 296 -28.33 -4.50 29.81
N GLU C 297 -27.84 -5.30 28.86
CA GLU C 297 -28.56 -6.51 28.46
C GLU C 297 -28.37 -7.60 29.52
N ILE C 298 -29.20 -8.62 29.43
CA ILE C 298 -29.06 -9.79 30.29
C ILE C 298 -28.03 -10.73 29.67
N PRO C 299 -27.00 -11.15 30.41
CA PRO C 299 -26.01 -12.06 29.83
C PRO C 299 -26.65 -13.34 29.30
N ASP C 300 -26.14 -13.82 28.17
CA ASP C 300 -26.59 -15.06 27.56
C ASP C 300 -25.51 -16.13 27.73
N CYS C 301 -25.90 -17.37 27.46
CA CYS C 301 -25.05 -18.53 27.69
C CYS C 301 -24.51 -19.03 26.35
N TYR C 302 -23.19 -19.07 26.22
CA TYR C 302 -22.52 -19.51 25.00
C TYR C 302 -22.00 -20.93 25.16
N THR C 303 -22.11 -21.71 24.09
CA THR C 303 -21.42 -22.99 23.96
C THR C 303 -20.52 -22.88 22.74
N PHE C 304 -19.21 -22.88 22.97
CA PHE C 304 -18.22 -22.87 21.91
C PHE C 304 -17.88 -24.30 21.55
N SER C 305 -18.01 -24.64 20.28
CA SER C 305 -17.57 -25.92 19.74
C SER C 305 -16.22 -25.69 19.07
N VAL C 306 -15.17 -26.29 19.63
CA VAL C 306 -13.80 -26.05 19.23
C VAL C 306 -13.31 -27.26 18.45
N LEU C 307 -12.77 -27.00 17.25
CA LEU C 307 -12.20 -28.01 16.38
C LEU C 307 -10.77 -27.60 16.06
N ILE C 308 -9.82 -28.46 16.40
CA ILE C 308 -8.42 -28.27 16.05
C ILE C 308 -8.07 -29.31 14.99
N THR C 309 -7.58 -28.83 13.85
CA THR C 309 -7.30 -29.69 12.69
C THR C 309 -5.81 -29.67 12.38
N PHE C 310 -5.23 -30.86 12.28
CA PHE C 310 -3.90 -31.08 11.74
C PHE C 310 -4.09 -31.76 10.39
N ASP C 311 -3.87 -31.01 9.31
CA ASP C 311 -4.30 -31.40 7.98
C ASP C 311 -3.13 -31.97 7.17
N ASN C 312 -3.27 -33.22 6.72
CA ASN C 312 -2.25 -33.89 5.93
C ASN C 312 -2.79 -34.29 4.55
N LYS C 313 -3.78 -33.56 4.04
CA LYS C 313 -4.39 -33.94 2.78
C LYS C 313 -3.42 -33.79 1.61
N ALA C 314 -2.52 -32.82 1.68
CA ALA C 314 -1.55 -32.62 0.60
C ALA C 314 -0.47 -33.68 0.59
N HIS C 315 -0.24 -34.37 1.71
CA HIS C 315 0.80 -35.39 1.81
C HIS C 315 2.15 -34.84 1.35
N SER C 316 2.45 -33.62 1.76
CA SER C 316 3.58 -32.86 1.23
C SER C 316 4.72 -32.69 2.23
N GLY C 317 4.64 -33.31 3.40
CA GLY C 317 5.62 -33.11 4.44
C GLY C 317 5.38 -31.91 5.32
N ARG C 318 4.39 -31.08 4.99
CA ARG C 318 4.01 -29.93 5.80
C ARG C 318 2.55 -30.11 6.21
N ILE C 319 2.30 -30.11 7.52
CA ILE C 319 0.95 -30.33 8.04
C ILE C 319 0.45 -29.05 8.69
N PRO C 320 -0.42 -28.28 8.04
CA PRO C 320 -0.96 -27.07 8.67
C PRO C 320 -1.85 -27.41 9.86
N ILE C 321 -1.84 -26.50 10.84
CA ILE C 321 -2.60 -26.64 12.07
C ILE C 321 -3.51 -25.44 12.20
N SER C 322 -4.80 -25.69 12.46
CA SER C 322 -5.77 -24.61 12.58
C SER C 322 -6.71 -24.89 13.74
N LEU C 323 -7.28 -23.82 14.29
CA LEU C 323 -8.30 -23.90 15.32
C LEU C 323 -9.50 -23.08 14.88
N GLU C 324 -10.68 -23.67 14.95
CA GLU C 324 -11.92 -23.00 14.60
C GLU C 324 -12.95 -23.21 15.70
N THR C 325 -13.88 -22.25 15.81
CA THR C 325 -14.94 -22.31 16.80
C THR C 325 -16.28 -22.02 16.14
N GLN C 326 -17.32 -22.64 16.69
CA GLN C 326 -18.70 -22.33 16.34
C GLN C 326 -19.47 -22.08 17.63
N ALA C 327 -20.17 -20.95 17.70
CA ALA C 327 -20.83 -20.53 18.93
C ALA C 327 -22.33 -20.76 18.84
N HIS C 328 -22.89 -21.45 19.83
CA HIS C 328 -24.33 -21.62 19.98
C HIS C 328 -24.77 -20.83 21.20
N ILE C 329 -25.70 -19.90 21.01
CA ILE C 329 -26.12 -18.96 22.05
C ILE C 329 -27.52 -19.33 22.51
N GLN C 330 -27.71 -19.40 23.83
CA GLN C 330 -29.01 -19.66 24.42
C GLN C 330 -29.28 -18.66 25.54
N GLU C 331 -30.55 -18.54 25.91
CA GLU C 331 -30.89 -17.86 27.15
C GLU C 331 -30.44 -18.71 28.33
N CYS C 332 -29.80 -18.08 29.30
CA CYS C 332 -29.38 -18.81 30.48
C CYS C 332 -30.60 -19.22 31.30
N LYS C 333 -30.52 -20.42 31.89
CA LYS C 333 -31.70 -20.99 32.54
C LYS C 333 -32.15 -20.16 33.74
N HIS C 334 -31.19 -19.74 34.57
CA HIS C 334 -31.50 -18.99 35.80
C HIS C 334 -30.66 -17.73 35.84
N PRO C 335 -31.02 -16.72 35.05
CA PRO C 335 -30.33 -15.44 35.12
C PRO C 335 -30.85 -14.58 36.26
N SER C 336 -29.95 -13.79 36.84
CA SER C 336 -30.32 -12.94 37.97
C SER C 336 -29.34 -11.77 38.02
N VAL C 337 -29.83 -10.58 37.70
CA VAL C 337 -29.05 -9.35 37.77
C VAL C 337 -29.72 -8.42 38.76
N PHE C 338 -28.96 -7.93 39.72
CA PHE C 338 -29.49 -7.05 40.75
C PHE C 338 -30.01 -5.75 40.14
N SER C 344 -38.44 -5.14 25.34
CA SER C 344 -39.42 -4.12 25.68
C SER C 344 -39.39 -2.99 24.67
N PHE C 345 -38.42 -2.08 24.84
CA PHE C 345 -38.27 -0.99 23.89
C PHE C 345 -37.89 -1.51 22.50
N ARG C 346 -36.99 -2.48 22.44
CA ARG C 346 -36.55 -3.00 21.14
C ARG C 346 -37.71 -3.67 20.40
N LEU C 347 -38.49 -4.50 21.10
CA LEU C 347 -39.59 -5.17 20.44
C LEU C 347 -40.64 -4.17 19.97
N LEU C 348 -40.94 -3.17 20.80
CA LEU C 348 -41.91 -2.16 20.41
C LEU C 348 -41.43 -1.38 19.20
N PHE C 349 -40.14 -1.02 19.16
CA PHE C 349 -39.62 -0.30 18.01
C PHE C 349 -39.66 -1.16 16.75
N ASP C 350 -39.37 -2.45 16.89
CA ASP C 350 -39.49 -3.35 15.74
C ASP C 350 -40.92 -3.42 15.24
N VAL C 351 -41.89 -3.46 16.15
CA VAL C 351 -43.29 -3.45 15.76
C VAL C 351 -43.63 -2.16 15.03
N VAL C 352 -43.13 -1.03 15.52
CA VAL C 352 -43.38 0.25 14.87
C VAL C 352 -42.80 0.25 13.45
N VAL C 353 -41.59 -0.29 13.29
CA VAL C 353 -40.98 -0.38 11.97
C VAL C 353 -41.86 -1.22 11.05
N ILE C 354 -42.33 -2.36 11.54
CA ILE C 354 -43.15 -3.24 10.72
C ILE C 354 -44.43 -2.54 10.30
N LEU C 355 -45.08 -1.83 11.22
CA LEU C 355 -46.32 -1.13 10.89
C LEU C 355 -46.08 -0.03 9.87
N THR C 356 -45.01 0.75 10.06
CA THR C 356 -44.69 1.81 9.11
C THR C 356 -44.48 1.25 7.71
N CYS C 357 -43.71 0.16 7.61
CA CYS C 357 -43.45 -0.41 6.30
C CYS C 357 -44.70 -1.05 5.70
N SER C 358 -45.57 -1.63 6.53
CA SER C 358 -46.82 -2.17 6.02
C SER C 358 -47.71 -1.08 5.44
N LEU C 359 -47.82 0.05 6.14
CA LEU C 359 -48.61 1.16 5.62
C LEU C 359 -48.02 1.69 4.32
N SER C 360 -46.70 1.85 4.28
CA SER C 360 -46.05 2.32 3.05
C SER C 360 -46.31 1.35 1.90
N PHE C 361 -46.20 0.04 2.17
CA PHE C 361 -46.45 -0.96 1.14
C PHE C 361 -47.88 -0.86 0.63
N LEU C 362 -48.85 -0.70 1.54
CA LEU C 362 -50.24 -0.60 1.11
C LEU C 362 -50.45 0.61 0.21
N LEU C 363 -49.92 1.77 0.61
CA LEU C 363 -50.10 2.97 -0.20
C LEU C 363 -49.44 2.84 -1.57
N CYS C 364 -48.21 2.30 -1.60
CA CYS C 364 -47.52 2.14 -2.87
C CYS C 364 -48.22 1.14 -3.77
N ALA C 365 -48.75 0.06 -3.20
CA ALA C 365 -49.50 -0.91 -3.99
C ALA C 365 -50.77 -0.27 -4.56
N ARG C 366 -51.44 0.56 -3.77
CA ARG C 366 -52.60 1.28 -4.28
C ARG C 366 -52.23 2.18 -5.46
N SER C 367 -51.12 2.91 -5.34
CA SER C 367 -50.68 3.77 -6.43
C SER C 367 -50.35 2.97 -7.68
N LEU C 368 -49.67 1.83 -7.52
CA LEU C 368 -49.33 1.01 -8.68
C LEU C 368 -50.59 0.44 -9.32
N LEU C 369 -51.57 0.03 -8.52
CA LEU C 369 -52.82 -0.47 -9.07
C LEU C 369 -53.52 0.61 -9.88
N ARG C 370 -53.60 1.83 -9.33
CA ARG C 370 -54.22 2.91 -10.08
C ARG C 370 -53.47 3.20 -11.37
N GLY C 371 -52.14 3.15 -11.33
CA GLY C 371 -51.37 3.33 -12.55
C GLY C 371 -51.70 2.29 -13.60
N PHE C 372 -51.80 1.02 -13.18
CA PHE C 372 -52.16 -0.04 -14.12
C PHE C 372 -53.55 0.19 -14.71
N LEU C 373 -54.51 0.59 -13.88
CA LEU C 373 -55.87 0.81 -14.37
C LEU C 373 -55.90 1.96 -15.38
N LEU C 374 -55.21 3.06 -15.06
CA LEU C 374 -55.17 4.18 -15.99
C LEU C 374 -54.48 3.79 -17.29
N GLN C 375 -53.42 2.99 -17.20
CA GLN C 375 -52.74 2.51 -18.40
C GLN C 375 -53.69 1.71 -19.28
N ASN C 376 -54.46 0.81 -18.67
CA ASN C 376 -55.40 0.01 -19.45
C ASN C 376 -56.46 0.90 -20.09
N GLU C 377 -56.97 1.89 -19.35
CA GLU C 377 -57.97 2.79 -19.92
C GLU C 377 -57.40 3.57 -21.09
N PHE C 378 -56.18 4.08 -20.96
CA PHE C 378 -55.58 4.85 -22.05
C PHE C 378 -55.33 3.96 -23.27
N VAL C 379 -54.90 2.72 -23.04
CA VAL C 379 -54.71 1.79 -24.15
C VAL C 379 -56.04 1.54 -24.85
N GLY C 380 -57.11 1.34 -24.08
CA GLY C 380 -58.42 1.15 -24.68
C GLY C 380 -58.87 2.35 -25.50
N PHE C 381 -58.59 3.55 -25.00
CA PHE C 381 -59.00 4.76 -25.73
C PHE C 381 -58.40 4.80 -27.13
N MET C 382 -57.21 4.23 -27.31
CA MET C 382 -56.53 4.24 -28.60
C MET C 382 -57.05 3.16 -29.56
N TRP C 383 -58.11 2.45 -29.19
CA TRP C 383 -58.66 1.35 -29.98
C TRP C 383 -57.59 0.61 -30.77
N SER C 391 -47.60 0.63 -27.80
CA SER C 391 -46.56 -0.40 -27.75
C SER C 391 -46.28 -0.81 -26.31
N LEU C 392 -45.12 -1.44 -26.09
CA LEU C 392 -44.80 -1.95 -24.75
C LEU C 392 -44.19 -0.85 -23.88
N TRP C 393 -43.18 -0.14 -24.40
CA TRP C 393 -42.55 0.92 -23.62
C TRP C 393 -43.54 2.03 -23.30
N GLU C 394 -44.49 2.30 -24.20
CA GLU C 394 -45.55 3.26 -23.90
C GLU C 394 -46.35 2.81 -22.68
N ARG C 395 -46.65 1.51 -22.59
CA ARG C 395 -47.33 1.00 -21.41
C ARG C 395 -46.45 1.14 -20.17
N LEU C 396 -45.17 0.79 -20.28
CA LEU C 396 -44.27 0.88 -19.14
C LEU C 396 -44.09 2.31 -18.66
N GLU C 397 -44.35 3.29 -19.52
CA GLU C 397 -44.27 4.68 -19.09
C GLU C 397 -45.20 4.98 -17.93
N PHE C 398 -46.25 4.17 -17.73
CA PHE C 398 -47.18 4.37 -16.63
C PHE C 398 -46.69 3.81 -15.31
N VAL C 399 -45.56 3.10 -15.30
CA VAL C 399 -45.06 2.46 -14.09
C VAL C 399 -44.12 3.40 -13.37
N ASN C 400 -44.32 3.56 -12.06
CA ASN C 400 -43.46 4.40 -11.23
C ASN C 400 -42.38 3.51 -10.63
N GLY C 401 -41.17 3.60 -11.18
CA GLY C 401 -40.08 2.77 -10.70
C GLY C 401 -39.73 3.03 -9.25
N TRP C 402 -39.87 4.28 -8.81
CA TRP C 402 -39.61 4.59 -7.41
C TRP C 402 -40.55 3.83 -6.50
N TYR C 403 -41.80 3.63 -6.91
CA TYR C 403 -42.73 2.87 -6.10
C TYR C 403 -42.39 1.39 -6.08
N ILE C 404 -41.88 0.85 -7.20
CA ILE C 404 -41.36 -0.51 -7.18
C ILE C 404 -40.23 -0.61 -6.16
N LEU C 405 -39.33 0.36 -6.16
CA LEU C 405 -38.23 0.37 -5.20
C LEU C 405 -38.75 0.41 -3.77
N LEU C 406 -39.74 1.27 -3.51
CA LEU C 406 -40.28 1.39 -2.15
C LEU C 406 -40.96 0.09 -1.71
N VAL C 407 -41.69 -0.57 -2.61
CA VAL C 407 -42.34 -1.82 -2.26
C VAL C 407 -41.30 -2.89 -1.95
N THR C 408 -40.24 -2.96 -2.77
CA THR C 408 -39.17 -3.92 -2.50
C THR C 408 -38.53 -3.65 -1.14
N SER C 409 -38.26 -2.38 -0.84
CA SER C 409 -37.64 -2.04 0.43
C SER C 409 -38.56 -2.40 1.60
N ASP C 410 -39.86 -2.17 1.45
CA ASP C 410 -40.81 -2.53 2.50
C ASP C 410 -40.79 -4.03 2.76
N VAL C 411 -40.81 -4.83 1.69
CA VAL C 411 -40.81 -6.28 1.86
C VAL C 411 -39.51 -6.73 2.54
N LEU C 412 -38.38 -6.21 2.06
CA LEU C 412 -37.09 -6.60 2.65
C LEU C 412 -37.03 -6.22 4.11
N THR C 413 -37.51 -5.01 4.46
CA THR C 413 -37.43 -4.56 5.84
C THR C 413 -38.33 -5.39 6.74
N ILE C 414 -39.54 -5.72 6.28
CA ILE C 414 -40.45 -6.52 7.10
C ILE C 414 -39.85 -7.90 7.35
N SER C 415 -39.33 -8.54 6.30
CA SER C 415 -38.71 -9.85 6.48
C SER C 415 -37.52 -9.77 7.44
N GLY C 416 -36.65 -8.77 7.25
CA GLY C 416 -35.50 -8.63 8.10
C GLY C 416 -35.86 -8.35 9.54
N THR C 417 -36.93 -7.58 9.75
CA THR C 417 -37.35 -7.26 11.12
C THR C 417 -37.93 -8.47 11.81
N ILE C 418 -38.70 -9.29 11.09
CA ILE C 418 -39.19 -10.54 11.68
C ILE C 418 -38.01 -11.43 12.06
N MET C 419 -37.03 -11.55 11.17
CA MET C 419 -35.87 -12.37 11.48
C MET C 419 -35.08 -11.80 12.65
N LYS C 420 -35.00 -10.47 12.74
CA LYS C 420 -34.29 -9.85 13.86
C LYS C 420 -35.00 -10.11 15.18
N ILE C 421 -36.33 -10.05 15.19
CA ILE C 421 -37.08 -10.39 16.38
C ILE C 421 -36.80 -11.83 16.78
N GLY C 422 -36.81 -12.74 15.81
CA GLY C 422 -36.51 -14.13 16.12
C GLY C 422 -35.11 -14.31 16.67
N ILE C 423 -34.13 -13.63 16.09
CA ILE C 423 -32.74 -13.76 16.53
C ILE C 423 -32.58 -13.23 17.94
N GLU C 424 -33.15 -12.06 18.24
CA GLU C 424 -32.96 -11.46 19.55
C GLU C 424 -33.64 -12.26 20.66
N ALA C 425 -34.57 -13.13 20.31
CA ALA C 425 -35.19 -14.04 21.27
C ALA C 425 -34.47 -15.38 21.36
N LYS C 426 -33.35 -15.53 20.65
CA LYS C 426 -32.55 -16.75 20.64
C LYS C 426 -33.27 -17.92 19.99
N ASN C 427 -34.27 -17.65 19.15
CA ASN C 427 -34.94 -18.69 18.38
C ASN C 427 -34.36 -18.86 16.99
N LEU C 428 -33.56 -17.91 16.51
CA LEU C 428 -32.92 -17.99 15.21
C LEU C 428 -31.46 -17.62 15.35
N ALA C 429 -30.65 -18.13 14.41
CA ALA C 429 -29.22 -17.85 14.38
C ALA C 429 -28.75 -17.38 13.01
N SER C 430 -29.67 -16.97 12.14
CA SER C 430 -29.32 -16.56 10.78
C SER C 430 -28.99 -15.06 10.76
N TYR C 431 -27.84 -14.75 11.35
CA TYR C 431 -27.41 -13.35 11.41
C TYR C 431 -27.12 -12.79 10.02
N ASP C 432 -26.51 -13.59 9.15
CA ASP C 432 -26.08 -13.09 7.85
C ASP C 432 -27.25 -12.66 6.99
N VAL C 433 -28.28 -13.51 6.90
CA VAL C 433 -29.42 -13.19 6.05
C VAL C 433 -30.16 -11.97 6.59
N CYS C 434 -30.34 -11.90 7.92
CA CYS C 434 -30.98 -10.74 8.51
C CYS C 434 -30.20 -9.46 8.22
N SER C 435 -28.88 -9.51 8.38
CA SER C 435 -28.08 -8.32 8.13
C SER C 435 -28.16 -7.91 6.67
N ILE C 436 -28.12 -8.88 5.76
CA ILE C 436 -28.20 -8.55 4.34
C ILE C 436 -29.54 -7.91 4.01
N LEU C 437 -30.64 -8.48 4.53
CA LEU C 437 -31.96 -7.92 4.29
C LEU C 437 -32.04 -6.48 4.79
N LEU C 438 -31.66 -6.25 6.04
CA LEU C 438 -31.81 -4.92 6.62
C LEU C 438 -30.88 -3.92 5.93
N GLY C 439 -29.64 -4.31 5.64
CA GLY C 439 -28.72 -3.40 4.99
C GLY C 439 -29.15 -3.05 3.57
N THR C 440 -29.61 -4.03 2.81
CA THR C 440 -30.09 -3.76 1.46
C THR C 440 -31.31 -2.85 1.48
N SER C 441 -32.24 -3.09 2.42
CA SER C 441 -33.41 -2.23 2.51
C SER C 441 -33.02 -0.81 2.90
N THR C 442 -32.06 -0.65 3.81
CA THR C 442 -31.61 0.68 4.18
C THR C 442 -30.96 1.40 3.00
N LEU C 443 -30.11 0.69 2.25
CA LEU C 443 -29.53 1.24 1.03
C LEU C 443 -30.62 1.70 0.06
N LEU C 444 -31.63 0.85 -0.15
CA LEU C 444 -32.68 1.20 -1.10
C LEU C 444 -33.46 2.43 -0.64
N VAL C 445 -33.80 2.50 0.65
N VAL C 445 -33.78 2.49 0.65
CA VAL C 445 -34.58 3.65 1.12
CA VAL C 445 -34.56 3.60 1.19
C VAL C 445 -33.76 4.92 1.03
C VAL C 445 -33.76 4.90 1.07
N TRP C 446 -32.45 4.84 1.27
CA TRP C 446 -31.63 6.03 1.15
C TRP C 446 -31.47 6.44 -0.32
N VAL C 447 -31.40 5.47 -1.23
CA VAL C 447 -31.36 5.79 -2.65
C VAL C 447 -32.66 6.45 -3.09
N GLY C 448 -33.79 6.05 -2.49
CA GLY C 448 -35.07 6.60 -2.87
C GLY C 448 -35.20 8.10 -2.68
N VAL C 449 -34.32 8.70 -1.86
CA VAL C 449 -34.38 10.14 -1.62
C VAL C 449 -34.17 10.93 -2.90
N ILE C 450 -33.46 10.36 -3.88
CA ILE C 450 -33.17 11.06 -5.12
C ILE C 450 -34.45 11.45 -5.85
N ARG C 451 -35.54 10.71 -5.63
CA ARG C 451 -36.80 11.05 -6.25
C ARG C 451 -37.23 12.46 -5.90
N TYR C 452 -37.04 12.87 -4.64
CA TYR C 452 -37.44 14.20 -4.22
C TYR C 452 -36.56 15.26 -4.87
N LEU C 453 -35.27 14.96 -5.08
CA LEU C 453 -34.39 15.89 -5.77
C LEU C 453 -34.77 16.03 -7.24
N THR C 454 -35.33 14.97 -7.84
CA THR C 454 -35.70 15.06 -9.25
C THR C 454 -36.73 16.15 -9.52
N PHE C 455 -37.46 16.60 -8.50
CA PHE C 455 -38.50 17.59 -8.70
C PHE C 455 -37.98 19.01 -8.84
N PHE C 456 -36.68 19.23 -8.64
CA PHE C 456 -36.06 20.55 -8.78
C PHE C 456 -35.12 20.52 -9.98
N HIS C 457 -35.21 21.56 -10.81
CA HIS C 457 -34.57 21.53 -12.12
C HIS C 457 -33.05 21.39 -12.02
N ASN C 458 -32.44 22.11 -11.09
CA ASN C 458 -30.98 22.15 -11.03
C ASN C 458 -30.38 20.82 -10.61
N TYR C 459 -31.11 20.02 -9.83
CA TYR C 459 -30.67 18.66 -9.52
C TYR C 459 -31.10 17.67 -10.59
N ASN C 460 -32.27 17.90 -11.19
CA ASN C 460 -32.77 17.02 -12.23
C ASN C 460 -31.86 17.02 -13.44
N ILE C 461 -31.21 18.15 -13.75
CA ILE C 461 -30.30 18.15 -14.90
C ILE C 461 -29.18 17.14 -14.70
N LEU C 462 -28.60 17.09 -13.50
CA LEU C 462 -27.52 16.14 -13.23
C LEU C 462 -28.03 14.70 -13.23
N ILE C 463 -29.20 14.48 -12.60
CA ILE C 463 -29.75 13.13 -12.58
C ILE C 463 -30.05 12.65 -14.00
N ALA C 464 -30.61 13.54 -14.82
CA ALA C 464 -30.89 13.20 -16.21
C ALA C 464 -29.62 13.00 -17.02
N THR C 465 -28.55 13.72 -16.69
CA THR C 465 -27.27 13.48 -17.34
C THR C 465 -26.82 12.04 -17.10
N LEU C 466 -26.86 11.60 -15.84
CA LEU C 466 -26.48 10.21 -15.56
C LEU C 466 -27.41 9.23 -16.28
N ARG C 467 -28.71 9.52 -16.27
CA ARG C 467 -29.68 8.60 -16.89
C ARG C 467 -29.44 8.46 -18.39
N VAL C 468 -29.19 9.57 -19.08
N VAL C 468 -29.18 9.57 -19.06
CA VAL C 468 -28.96 9.48 -20.52
CA VAL C 468 -28.93 9.56 -20.50
C VAL C 468 -27.59 8.89 -20.83
C VAL C 468 -27.60 8.88 -20.80
N ALA C 469 -26.61 9.05 -19.93
CA ALA C 469 -25.32 8.42 -20.15
C ALA C 469 -25.38 6.90 -20.02
N LEU C 470 -26.22 6.39 -19.11
CA LEU C 470 -26.17 4.98 -18.74
C LEU C 470 -26.19 4.00 -19.92
N PRO C 471 -27.05 4.16 -20.93
CA PRO C 471 -27.10 3.14 -22.00
C PRO C 471 -25.79 2.96 -22.76
N SER C 472 -25.19 4.07 -23.20
CA SER C 472 -23.92 3.97 -23.94
C SER C 472 -22.82 3.44 -23.04
N VAL C 473 -22.85 3.78 -21.75
CA VAL C 473 -21.89 3.22 -20.80
C VAL C 473 -22.02 1.71 -20.72
N MET C 474 -23.26 1.21 -20.69
CA MET C 474 -23.48 -0.23 -20.63
C MET C 474 -23.02 -0.92 -21.90
N ARG C 475 -23.26 -0.31 -23.06
CA ARG C 475 -22.79 -0.89 -24.31
C ARG C 475 -21.27 -0.95 -24.36
N PHE C 476 -20.61 0.13 -23.92
CA PHE C 476 -19.15 0.11 -23.84
C PHE C 476 -18.66 -0.95 -22.87
N CYS C 477 -19.41 -1.16 -21.78
CA CYS C 477 -19.07 -2.24 -20.86
C CYS C 477 -19.16 -3.60 -21.54
N CYS C 478 -20.17 -3.79 -22.38
CA CYS C 478 -20.25 -5.02 -23.16
C CYS C 478 -18.99 -5.20 -24.01
N CYS C 479 -18.56 -4.12 -24.66
CA CYS C 479 -17.36 -4.21 -25.48
C CYS C 479 -16.12 -4.52 -24.64
N VAL C 480 -16.02 -3.92 -23.46
CA VAL C 480 -14.81 -4.03 -22.64
C VAL C 480 -14.73 -5.37 -21.91
N ALA C 481 -15.88 -5.97 -21.61
CA ALA C 481 -15.91 -7.16 -20.76
C ALA C 481 -15.22 -8.34 -21.42
N VAL C 482 -15.34 -8.49 -22.74
CA VAL C 482 -14.71 -9.64 -23.39
C VAL C 482 -13.19 -9.53 -23.31
N ILE C 483 -12.65 -8.34 -23.54
CA ILE C 483 -11.21 -8.14 -23.37
C ILE C 483 -10.80 -8.42 -21.93
N TYR C 484 -11.57 -7.92 -20.98
CA TYR C 484 -11.27 -8.14 -19.57
C TYR C 484 -11.24 -9.63 -19.24
N LEU C 485 -12.22 -10.38 -19.73
CA LEU C 485 -12.28 -11.82 -19.46
C LEU C 485 -11.12 -12.55 -20.11
N GLY C 486 -10.77 -12.18 -21.34
CA GLY C 486 -9.61 -12.78 -21.97
C GLY C 486 -8.36 -12.59 -21.15
N TYR C 487 -8.16 -11.36 -20.67
CA TYR C 487 -7.00 -11.08 -19.83
C TYR C 487 -7.05 -11.88 -18.53
N CYS C 488 -8.24 -11.99 -17.93
CA CYS C 488 -8.37 -12.78 -16.70
C CYS C 488 -7.93 -14.22 -16.92
N PHE C 489 -8.46 -14.86 -17.96
CA PHE C 489 -8.11 -16.26 -18.23
C PHE C 489 -6.62 -16.42 -18.51
N CYS C 490 -6.08 -15.55 -19.38
CA CYS C 490 -4.67 -15.66 -19.73
C CYS C 490 -3.78 -15.48 -18.52
N GLY C 491 -4.05 -14.45 -17.71
CA GLY C 491 -3.26 -14.21 -16.53
C GLY C 491 -3.34 -15.36 -15.54
N TRP C 492 -4.55 -15.90 -15.35
CA TRP C 492 -4.69 -17.02 -14.42
C TRP C 492 -3.86 -18.22 -14.88
N ILE C 493 -3.92 -18.55 -16.17
CA ILE C 493 -3.22 -19.75 -16.63
C ILE C 493 -1.71 -19.54 -16.61
N VAL C 494 -1.23 -18.38 -17.00
CA VAL C 494 0.21 -18.18 -17.17
C VAL C 494 0.88 -17.80 -15.85
N LEU C 495 0.33 -16.84 -15.12
CA LEU C 495 0.99 -16.30 -13.94
C LEU C 495 0.58 -16.97 -12.64
N GLY C 496 -0.54 -17.71 -12.63
CA GLY C 496 -0.98 -18.39 -11.44
C GLY C 496 0.06 -19.25 -10.76
N PRO C 497 0.84 -20.03 -11.51
CA PRO C 497 1.91 -20.82 -10.87
C PRO C 497 2.93 -19.98 -10.14
N TYR C 498 3.20 -18.75 -10.58
CA TYR C 498 4.30 -17.96 -10.05
C TYR C 498 3.88 -16.77 -9.19
N HIS C 499 2.65 -16.30 -9.31
CA HIS C 499 2.22 -15.05 -8.70
C HIS C 499 1.14 -15.32 -7.66
N VAL C 500 1.36 -14.83 -6.45
CA VAL C 500 0.41 -15.10 -5.36
C VAL C 500 -0.94 -14.46 -5.63
N LYS C 501 -0.98 -13.36 -6.38
CA LYS C 501 -2.23 -12.66 -6.66
C LYS C 501 -3.00 -13.23 -7.84
N PHE C 502 -2.52 -14.31 -8.45
CA PHE C 502 -3.15 -14.89 -9.63
C PHE C 502 -3.54 -16.35 -9.40
N ARG C 503 -3.75 -16.73 -8.14
CA ARG C 503 -3.98 -18.15 -7.82
C ARG C 503 -5.34 -18.62 -8.31
N SER C 504 -6.39 -17.82 -8.13
CA SER C 504 -7.73 -18.18 -8.55
C SER C 504 -8.31 -17.08 -9.44
N LEU C 505 -9.37 -17.44 -10.17
CA LEU C 505 -9.94 -16.50 -11.13
C LEU C 505 -10.55 -15.29 -10.45
N SER C 506 -11.25 -15.48 -9.33
CA SER C 506 -11.80 -14.35 -8.60
C SER C 506 -10.68 -13.44 -8.09
N MET C 507 -9.60 -14.03 -7.60
CA MET C 507 -8.46 -13.23 -7.17
C MET C 507 -7.83 -12.49 -8.34
N VAL C 508 -7.76 -13.14 -9.52
CA VAL C 508 -7.22 -12.47 -10.70
C VAL C 508 -8.08 -11.28 -11.07
N SER C 509 -9.40 -11.45 -11.03
CA SER C 509 -10.30 -10.34 -11.34
C SER C 509 -10.12 -9.21 -10.34
N GLU C 510 -9.99 -9.52 -9.05
CA GLU C 510 -9.76 -8.48 -8.06
C GLU C 510 -8.46 -7.74 -8.34
N CYS C 511 -7.40 -8.48 -8.67
CA CYS C 511 -6.11 -7.84 -8.94
C CYS C 511 -6.19 -6.92 -10.16
N LEU C 512 -6.79 -7.40 -11.24
CA LEU C 512 -6.87 -6.58 -12.45
C LEU C 512 -7.75 -5.36 -12.24
N PHE C 513 -8.88 -5.53 -11.54
CA PHE C 513 -9.74 -4.39 -11.26
C PHE C 513 -9.04 -3.35 -10.40
N SER C 514 -8.25 -3.80 -9.40
CA SER C 514 -7.48 -2.86 -8.60
C SER C 514 -6.42 -2.17 -9.44
N LEU C 515 -5.75 -2.90 -10.33
CA LEU C 515 -4.75 -2.29 -11.21
C LEU C 515 -5.37 -1.21 -12.07
N ILE C 516 -6.56 -1.47 -12.61
CA ILE C 516 -7.22 -0.48 -13.46
C ILE C 516 -7.40 0.85 -12.72
N ASN C 517 -7.64 0.79 -11.42
CA ASN C 517 -7.88 1.97 -10.61
C ASN C 517 -6.63 2.45 -9.89
N GLY C 518 -5.44 2.06 -10.36
CA GLY C 518 -4.20 2.55 -9.83
C GLY C 518 -3.88 2.14 -8.40
N ASP C 519 -4.13 0.89 -8.05
CA ASP C 519 -3.84 0.39 -6.72
C ASP C 519 -3.04 -0.90 -6.79
N ASP C 520 -2.05 -1.01 -5.90
CA ASP C 520 -1.29 -2.24 -5.71
C ASP C 520 -0.52 -2.64 -6.97
N MET C 521 -0.04 -1.65 -7.72
CA MET C 521 0.59 -1.91 -9.01
C MET C 521 2.06 -2.31 -8.86
N PHE C 522 2.82 -1.54 -8.08
CA PHE C 522 4.25 -1.83 -7.98
C PHE C 522 4.50 -3.18 -7.33
N VAL C 523 3.70 -3.56 -6.33
CA VAL C 523 3.89 -4.87 -5.70
C VAL C 523 3.58 -5.97 -6.71
N THR C 524 2.59 -5.75 -7.57
CA THR C 524 2.30 -6.72 -8.62
C THR C 524 3.51 -6.88 -9.54
N PHE C 525 4.14 -5.77 -9.94
CA PHE C 525 5.35 -5.87 -10.76
C PHE C 525 6.48 -6.55 -9.99
N ALA C 526 6.62 -6.23 -8.70
CA ALA C 526 7.77 -6.70 -7.93
C ALA C 526 7.70 -8.19 -7.65
N ALA C 527 6.49 -8.73 -7.51
CA ALA C 527 6.37 -10.17 -7.27
C ALA C 527 7.01 -10.98 -8.38
N MET C 528 7.06 -10.45 -9.59
CA MET C 528 7.63 -11.16 -10.73
C MET C 528 9.14 -10.97 -10.87
N GLN C 529 9.75 -10.05 -10.12
CA GLN C 529 11.18 -9.82 -10.26
C GLN C 529 12.01 -11.01 -9.84
N ALA C 530 11.45 -11.92 -9.03
CA ALA C 530 12.20 -13.08 -8.59
C ALA C 530 12.38 -14.10 -9.71
N GLN C 531 11.44 -14.17 -10.64
CA GLN C 531 11.48 -15.15 -11.72
C GLN C 531 12.27 -14.67 -12.94
N GLN C 532 12.86 -13.47 -12.88
CA GLN C 532 13.59 -12.97 -14.04
C GLN C 532 14.74 -13.91 -14.41
N GLY C 533 15.48 -14.38 -13.41
CA GLY C 533 16.56 -15.32 -13.66
C GLY C 533 16.09 -16.75 -13.79
N ARG C 534 15.07 -17.12 -13.01
CA ARG C 534 14.54 -18.48 -13.07
C ARG C 534 13.95 -18.77 -14.44
N SER C 535 12.89 -18.06 -14.82
CA SER C 535 12.20 -18.25 -16.10
C SER C 535 12.14 -16.91 -16.81
N SER C 536 13.07 -16.69 -17.74
CA SER C 536 13.11 -15.43 -18.47
C SER C 536 11.87 -15.26 -19.35
N LEU C 537 11.42 -16.35 -19.98
CA LEU C 537 10.25 -16.26 -20.85
C LEU C 537 9.02 -15.82 -20.07
N VAL C 538 8.81 -16.39 -18.89
CA VAL C 538 7.64 -16.03 -18.08
C VAL C 538 7.74 -14.58 -17.64
N TRP C 539 8.93 -14.12 -17.26
CA TRP C 539 9.08 -12.75 -16.82
C TRP C 539 8.81 -11.77 -17.96
N LEU C 540 9.33 -12.06 -19.15
CA LEU C 540 9.07 -11.19 -20.29
C LEU C 540 7.57 -11.17 -20.62
N PHE C 541 6.93 -12.34 -20.60
CA PHE C 541 5.50 -12.38 -20.85
C PHE C 541 4.73 -11.57 -19.82
N SER C 542 5.14 -11.65 -18.55
CA SER C 542 4.45 -10.89 -17.50
C SER C 542 4.62 -9.40 -17.73
N GLN C 543 5.82 -8.97 -18.14
CA GLN C 543 6.03 -7.57 -18.48
C GLN C 543 5.05 -7.12 -19.56
N LEU C 544 5.01 -7.88 -20.67
CA LEU C 544 4.11 -7.52 -21.77
C LEU C 544 2.67 -7.50 -21.30
N TYR C 545 2.26 -8.53 -20.57
CA TYR C 545 0.88 -8.66 -20.12
C TYR C 545 0.46 -7.48 -19.26
N LEU C 546 1.25 -7.19 -18.21
CA LEU C 546 0.87 -6.14 -17.28
C LEU C 546 0.90 -4.77 -17.95
N TYR C 547 1.98 -4.45 -18.67
CA TYR C 547 2.06 -3.13 -19.29
C TYR C 547 0.93 -2.91 -20.27
N SER C 548 0.68 -3.89 -21.15
CA SER C 548 -0.38 -3.73 -22.15
C SER C 548 -1.74 -3.59 -21.49
N PHE C 549 -2.03 -4.43 -20.49
CA PHE C 549 -3.33 -4.36 -19.84
C PHE C 549 -3.55 -2.99 -19.19
N ILE C 550 -2.59 -2.56 -18.36
CA ILE C 550 -2.76 -1.31 -17.62
C ILE C 550 -2.88 -0.15 -18.59
N SER C 551 -2.02 -0.09 -19.60
CA SER C 551 -2.07 1.03 -20.53
C SER C 551 -3.39 1.07 -21.27
N LEU C 552 -3.82 -0.07 -21.82
CA LEU C 552 -5.07 -0.11 -22.57
C LEU C 552 -6.23 0.34 -21.69
N PHE C 553 -6.32 -0.18 -20.47
CA PHE C 553 -7.52 0.10 -19.68
C PHE C 553 -7.52 1.49 -19.05
N ILE C 554 -6.35 2.02 -18.67
CA ILE C 554 -6.35 3.33 -18.03
C ILE C 554 -6.37 4.45 -19.07
N TYR C 555 -5.56 4.34 -20.12
CA TYR C 555 -5.40 5.45 -21.04
C TYR C 555 -6.42 5.48 -22.17
N MET C 556 -7.17 4.39 -22.40
CA MET C 556 -8.21 4.38 -23.42
C MET C 556 -9.60 4.18 -22.84
N VAL C 557 -9.82 3.11 -22.06
CA VAL C 557 -11.16 2.77 -21.61
C VAL C 557 -11.70 3.84 -20.67
N LEU C 558 -10.94 4.19 -19.63
CA LEU C 558 -11.40 5.18 -18.67
C LEU C 558 -11.60 6.53 -19.33
N SER C 559 -10.71 6.90 -20.25
CA SER C 559 -10.88 8.13 -21.00
C SER C 559 -12.20 8.12 -21.77
N LEU C 560 -12.56 6.98 -22.35
CA LEU C 560 -13.82 6.92 -23.09
C LEU C 560 -15.03 7.00 -22.16
N PHE C 561 -14.94 6.43 -20.95
CA PHE C 561 -16.02 6.64 -19.99
C PHE C 561 -16.18 8.11 -19.66
N ILE C 562 -15.06 8.81 -19.46
CA ILE C 562 -15.12 10.25 -19.20
C ILE C 562 -15.74 10.98 -20.38
N ALA C 563 -15.35 10.59 -21.60
CA ALA C 563 -15.90 11.24 -22.79
C ALA C 563 -17.40 11.01 -22.92
N LEU C 564 -17.87 9.80 -22.60
CA LEU C 564 -19.30 9.51 -22.68
C LEU C 564 -20.08 10.35 -21.68
N ILE C 565 -19.59 10.43 -20.44
CA ILE C 565 -20.28 11.25 -19.44
C ILE C 565 -20.28 12.72 -19.87
N THR C 566 -19.16 13.20 -20.40
CA THR C 566 -19.08 14.59 -20.84
C THR C 566 -20.05 14.87 -21.98
N GLY C 567 -20.16 13.94 -22.93
CA GLY C 567 -21.10 14.12 -24.02
C GLY C 567 -22.54 14.12 -23.54
N ALA C 568 -22.86 13.24 -22.60
CA ALA C 568 -24.21 13.24 -22.04
C ALA C 568 -24.51 14.57 -21.35
N TYR C 569 -23.56 15.09 -20.58
CA TYR C 569 -23.77 16.38 -19.93
C TYR C 569 -23.96 17.48 -20.95
N ASP C 570 -23.15 17.48 -22.01
CA ASP C 570 -23.28 18.51 -23.04
C ASP C 570 -24.63 18.44 -23.72
N THR C 571 -25.12 17.24 -24.02
CA THR C 571 -26.41 17.14 -24.70
C THR C 571 -27.55 17.54 -23.78
N ILE C 572 -27.44 17.24 -22.48
CA ILE C 572 -28.46 17.69 -21.55
C ILE C 572 -28.46 19.21 -21.43
N LYS C 573 -27.28 19.81 -21.35
CA LYS C 573 -27.19 21.27 -21.21
C LYS C 573 -27.56 22.02 -22.49
N HIS C 574 -27.72 21.33 -23.61
CA HIS C 574 -28.10 21.98 -24.86
C HIS C 574 -29.23 21.23 -25.53
N LEU D 89 18.82 40.40 -47.48
CA LEU D 89 18.67 40.06 -46.08
C LEU D 89 17.46 39.15 -45.86
N ARG D 90 16.40 39.39 -46.63
CA ARG D 90 15.19 38.59 -46.50
C ARG D 90 15.46 37.13 -46.81
N ARG D 91 16.22 36.85 -47.87
CA ARG D 91 16.53 35.47 -48.22
C ARG D 91 17.33 34.79 -47.12
N ARG D 92 18.29 35.50 -46.53
CA ARG D 92 19.08 34.91 -45.45
C ARG D 92 18.21 34.62 -44.23
N LEU D 93 17.31 35.54 -43.90
CA LEU D 93 16.41 35.29 -42.77
C LEU D 93 15.50 34.11 -43.04
N LYS D 94 14.98 34.00 -44.26
CA LYS D 94 14.13 32.86 -44.60
C LYS D 94 14.90 31.56 -44.51
N TYR D 95 16.15 31.55 -44.98
CA TYR D 95 16.98 30.35 -44.88
C TYR D 95 17.28 30.01 -43.43
N PHE D 96 17.45 31.03 -42.58
CA PHE D 96 17.80 30.79 -41.19
C PHE D 96 16.72 29.97 -40.48
N PHE D 97 15.45 30.27 -40.76
CA PHE D 97 14.33 29.62 -40.08
C PHE D 97 13.83 28.38 -40.82
N MET D 98 14.50 27.98 -41.90
CA MET D 98 14.11 26.78 -42.62
C MET D 98 14.32 25.54 -41.75
N SER D 99 13.54 24.50 -42.05
CA SER D 99 13.74 23.22 -41.41
C SER D 99 14.98 22.53 -41.99
N PRO D 100 15.51 21.52 -41.29
CA PRO D 100 16.71 20.84 -41.82
C PRO D 100 16.52 20.32 -43.23
N CYS D 101 15.37 19.75 -43.54
CA CYS D 101 15.13 19.29 -44.90
C CYS D 101 15.09 20.45 -45.88
N ASP D 102 14.40 21.53 -45.52
CA ASP D 102 14.36 22.71 -46.38
C ASP D 102 15.75 23.31 -46.53
N LYS D 103 16.53 23.35 -45.44
CA LYS D 103 17.89 23.88 -45.52
C LYS D 103 18.73 23.05 -46.48
N PHE D 104 18.63 21.72 -46.38
CA PHE D 104 19.40 20.85 -47.26
C PHE D 104 18.99 21.05 -48.72
N ARG D 105 17.68 21.17 -48.98
CA ARG D 105 17.24 21.41 -50.34
C ARG D 105 17.75 22.75 -50.86
N ALA D 106 17.74 23.78 -50.00
CA ALA D 106 18.13 25.12 -50.44
C ALA D 106 19.61 25.19 -50.73
N LYS D 107 20.45 24.57 -49.90
CA LYS D 107 21.89 24.70 -50.06
C LYS D 107 22.65 23.38 -50.11
N GLY D 108 22.01 22.24 -49.81
CA GLY D 108 22.69 20.97 -49.89
C GLY D 108 23.89 20.85 -48.98
N ARG D 109 23.92 21.59 -47.87
CA ARG D 109 25.02 21.48 -46.94
C ARG D 109 24.91 20.18 -46.14
N LYS D 110 26.06 19.71 -45.66
CA LYS D 110 26.10 18.44 -44.95
C LYS D 110 25.43 18.60 -43.58
N PRO D 111 24.42 17.77 -43.25
CA PRO D 111 23.80 17.87 -41.92
C PRO D 111 24.62 17.17 -40.84
N CYS D 112 25.82 17.71 -40.60
CA CYS D 112 26.72 17.08 -39.63
C CYS D 112 26.13 17.12 -38.22
N LYS D 113 25.45 18.22 -37.87
CA LYS D 113 24.94 18.37 -36.51
C LYS D 113 23.94 17.29 -36.16
N LEU D 114 23.06 16.93 -37.09
CA LEU D 114 22.01 15.95 -36.78
C LEU D 114 22.61 14.58 -36.50
N MET D 115 23.48 14.10 -37.40
CA MET D 115 24.13 12.81 -37.18
C MET D 115 24.99 12.84 -35.92
N LEU D 116 25.63 13.98 -35.65
CA LEU D 116 26.42 14.11 -34.43
C LEU D 116 25.54 13.99 -33.20
N GLN D 117 24.33 14.56 -33.24
CA GLN D 117 23.42 14.45 -32.10
C GLN D 117 22.97 13.01 -31.90
N VAL D 118 22.71 12.30 -32.99
CA VAL D 118 22.33 10.89 -32.86
C VAL D 118 23.47 10.09 -32.22
N VAL D 119 24.70 10.30 -32.70
CA VAL D 119 25.85 9.61 -32.14
C VAL D 119 26.02 9.99 -30.67
N LYS D 120 25.79 11.26 -30.34
CA LYS D 120 25.89 11.70 -28.96
C LYS D 120 24.89 10.97 -28.08
N ILE D 121 23.64 10.84 -28.54
CA ILE D 121 22.65 10.10 -27.77
C ILE D 121 23.17 8.70 -27.48
N LEU D 122 23.64 8.03 -28.53
CA LEU D 122 24.09 6.65 -28.37
C LEU D 122 25.23 6.54 -27.37
N VAL D 123 26.29 7.33 -27.56
CA VAL D 123 27.50 7.16 -26.75
C VAL D 123 27.24 7.59 -25.31
N VAL D 124 26.48 8.68 -25.11
CA VAL D 124 26.19 9.14 -23.77
C VAL D 124 25.37 8.09 -23.01
N THR D 125 24.38 7.49 -23.67
CA THR D 125 23.59 6.45 -23.01
C THR D 125 24.46 5.25 -22.66
N VAL D 126 25.34 4.83 -23.58
CA VAL D 126 26.19 3.68 -23.31
C VAL D 126 27.12 3.97 -22.13
N GLN D 127 27.70 5.17 -22.10
CA GLN D 127 28.57 5.54 -21.00
C GLN D 127 27.82 5.51 -19.68
N LEU D 128 26.60 6.07 -19.65
CA LEU D 128 25.83 6.06 -18.41
C LEU D 128 25.55 4.63 -17.96
N ILE D 129 25.19 3.75 -18.89
CA ILE D 129 24.87 2.38 -18.52
C ILE D 129 26.09 1.69 -17.92
N LEU D 130 27.25 1.85 -18.57
CA LEU D 130 28.46 1.21 -18.06
C LEU D 130 28.83 1.75 -16.68
N PHE D 131 28.73 3.08 -16.51
CA PHE D 131 29.04 3.68 -15.22
C PHE D 131 28.11 3.16 -14.13
N GLY D 132 26.81 3.06 -14.43
CA GLY D 132 25.88 2.58 -13.43
C GLY D 132 26.11 1.13 -13.06
N LEU D 133 26.40 0.29 -14.07
CA LEU D 133 26.70 -1.11 -13.78
C LEU D 133 27.93 -1.23 -12.89
N SER D 134 28.96 -0.42 -13.16
CA SER D 134 30.15 -0.45 -12.32
C SER D 134 29.85 0.03 -10.90
N ASN D 135 29.05 1.08 -10.76
CA ASN D 135 28.81 1.66 -9.44
C ASN D 135 27.93 0.76 -8.56
N GLN D 136 26.98 0.04 -9.18
CA GLN D 136 26.11 -0.83 -8.38
C GLN D 136 26.91 -1.88 -7.63
N LEU D 137 27.99 -2.39 -8.24
CA LEU D 137 28.78 -3.43 -7.59
C LEU D 137 29.46 -2.90 -6.33
N ALA D 138 30.06 -1.72 -6.41
CA ALA D 138 30.70 -1.13 -5.23
C ALA D 138 29.66 -0.82 -4.15
N VAL D 139 28.49 -0.33 -4.57
CA VAL D 139 27.42 -0.06 -3.61
C VAL D 139 27.04 -1.34 -2.87
N THR D 140 26.88 -2.43 -3.62
CA THR D 140 26.51 -3.70 -3.01
C THR D 140 27.60 -4.20 -2.07
N PHE D 141 28.87 -4.08 -2.46
CA PHE D 141 29.96 -4.50 -1.59
C PHE D 141 29.92 -3.75 -0.26
N ARG D 142 29.79 -2.42 -0.33
CA ARG D 142 29.74 -1.63 0.90
C ARG D 142 28.54 -2.01 1.76
N GLU D 143 27.37 -2.17 1.14
CA GLU D 143 26.16 -2.50 1.89
C GLU D 143 26.30 -3.86 2.59
N GLU D 144 26.81 -4.87 1.86
CA GLU D 144 26.95 -6.19 2.46
C GLU D 144 27.93 -6.18 3.62
N ASN D 145 29.07 -5.48 3.45
CA ASN D 145 30.01 -5.38 4.54
C ASN D 145 29.38 -4.71 5.76
N THR D 146 28.60 -3.65 5.54
CA THR D 146 27.97 -2.95 6.65
C THR D 146 26.95 -3.83 7.37
N ILE D 147 26.16 -4.59 6.62
CA ILE D 147 25.21 -5.50 7.25
C ILE D 147 25.94 -6.56 8.07
N ALA D 148 27.04 -7.09 7.52
CA ALA D 148 27.82 -8.06 8.28
C ALA D 148 28.37 -7.44 9.56
N PHE D 149 28.82 -6.19 9.48
CA PHE D 149 29.30 -5.51 10.69
C PHE D 149 28.20 -5.37 11.73
N ARG D 150 26.98 -5.04 11.28
CA ARG D 150 25.87 -4.93 12.22
C ARG D 150 25.61 -6.27 12.91
N HIS D 151 25.63 -7.37 12.16
CA HIS D 151 25.43 -8.68 12.76
C HIS D 151 26.59 -9.07 13.68
N LEU D 152 27.80 -8.60 13.38
CA LEU D 152 28.97 -9.00 14.16
C LEU D 152 29.09 -8.23 15.47
N PHE D 153 28.82 -6.92 15.45
CA PHE D 153 29.19 -6.06 16.58
C PHE D 153 28.02 -5.61 17.44
N LEU D 154 26.79 -5.70 16.96
CA LEU D 154 25.62 -5.23 17.70
C LEU D 154 24.95 -6.42 18.39
N LEU D 155 24.96 -6.41 19.72
CA LEU D 155 24.44 -7.53 20.50
C LEU D 155 22.94 -7.66 20.29
N GLY D 156 22.49 -8.83 19.86
CA GLY D 156 21.08 -9.08 19.67
C GLY D 156 20.47 -8.42 18.47
N TYR D 157 21.28 -8.00 17.51
CA TYR D 157 20.74 -7.33 16.32
C TYR D 157 20.05 -8.34 15.41
N SER D 158 19.00 -7.88 14.74
CA SER D 158 18.32 -8.66 13.71
C SER D 158 17.90 -7.72 12.59
N ASP D 159 17.75 -8.29 11.40
CA ASP D 159 17.39 -7.49 10.24
C ASP D 159 16.04 -6.82 10.43
N GLY D 160 15.94 -5.57 10.00
CA GLY D 160 14.70 -4.82 10.11
C GLY D 160 14.54 -4.01 11.38
N ALA D 161 15.46 -4.15 12.34
CA ALA D 161 15.35 -3.48 13.62
C ALA D 161 16.19 -2.21 13.71
N ASP D 162 16.70 -1.70 12.59
CA ASP D 162 17.62 -0.57 12.64
C ASP D 162 16.98 0.65 13.29
N ASP D 163 15.71 0.91 12.98
CA ASP D 163 15.07 2.13 13.45
C ASP D 163 14.74 2.06 14.94
N THR D 164 14.51 0.87 15.49
CA THR D 164 14.08 0.72 16.87
C THR D 164 15.15 0.14 17.78
N PHE D 165 16.30 -0.25 17.25
CA PHE D 165 17.35 -0.85 18.06
C PHE D 165 17.83 0.13 19.12
N ALA D 166 17.66 -0.23 20.39
CA ALA D 166 17.98 0.68 21.48
C ALA D 166 18.20 -0.12 22.76
N ALA D 167 18.86 0.52 23.72
CA ALA D 167 19.03 -0.01 25.05
C ALA D 167 18.11 0.72 26.02
N TYR D 168 17.75 0.05 27.11
CA TYR D 168 16.84 0.61 28.10
C TYR D 168 17.28 0.43 29.54
N THR D 169 18.27 -0.41 29.81
CA THR D 169 18.79 -0.57 31.15
C THR D 169 20.30 -0.38 31.12
N ARG D 170 20.86 -0.10 32.30
CA ARG D 170 22.31 0.10 32.41
C ARG D 170 23.07 -1.16 32.03
N GLU D 171 22.59 -2.32 32.47
CA GLU D 171 23.27 -3.56 32.14
C GLU D 171 23.18 -3.87 30.65
N GLN D 172 22.06 -3.53 30.00
CA GLN D 172 21.96 -3.71 28.55
C GLN D 172 23.02 -2.87 27.84
N LEU D 173 23.19 -1.62 28.25
CA LEU D 173 24.16 -0.75 27.61
C LEU D 173 25.58 -1.26 27.82
N TYR D 174 25.91 -1.64 29.06
CA TYR D 174 27.24 -2.19 29.32
C TYR D 174 27.49 -3.44 28.49
N GLN D 175 26.51 -4.33 28.42
CA GLN D 175 26.67 -5.56 27.66
C GLN D 175 26.87 -5.28 26.19
N ALA D 176 26.12 -4.33 25.64
CA ALA D 176 26.28 -3.98 24.22
C ALA D 176 27.69 -3.45 23.95
N ILE D 177 28.16 -2.55 24.80
CA ILE D 177 29.49 -1.96 24.59
C ILE D 177 30.57 -3.05 24.67
N PHE D 178 30.50 -3.88 25.70
CA PHE D 178 31.52 -4.91 25.88
C PHE D 178 31.45 -5.95 24.77
N HIS D 179 30.24 -6.29 24.31
CA HIS D 179 30.13 -7.23 23.20
C HIS D 179 30.76 -6.67 21.94
N ALA D 180 30.54 -5.38 21.65
CA ALA D 180 31.15 -4.79 20.47
C ALA D 180 32.68 -4.86 20.56
N VAL D 181 33.25 -4.48 21.71
CA VAL D 181 34.70 -4.49 21.83
C VAL D 181 35.25 -5.92 21.74
N ASP D 182 34.59 -6.87 22.41
CA ASP D 182 35.05 -8.25 22.38
C ASP D 182 35.00 -8.83 20.97
N GLN D 183 33.94 -8.52 20.22
CA GLN D 183 33.86 -8.99 18.84
C GLN D 183 34.95 -8.35 17.99
N TYR D 184 35.26 -7.07 18.23
CA TYR D 184 36.38 -6.46 17.53
C TYR D 184 37.67 -7.22 17.80
N LEU D 185 37.88 -7.63 19.06
CA LEU D 185 39.12 -8.34 19.38
C LEU D 185 39.12 -9.76 18.85
N ALA D 186 37.96 -10.38 18.69
CA ALA D 186 37.86 -11.76 18.21
C ALA D 186 37.66 -11.87 16.70
N LEU D 187 37.58 -10.75 15.99
CA LEU D 187 37.25 -10.77 14.56
C LEU D 187 38.05 -11.77 13.73
N PRO D 188 39.37 -11.89 13.87
CA PRO D 188 40.10 -12.78 12.96
C PRO D 188 39.65 -14.23 13.02
N ASP D 189 39.24 -14.71 14.19
CA ASP D 189 38.89 -16.12 14.36
C ASP D 189 37.41 -16.41 14.13
N VAL D 190 36.56 -15.40 13.94
N VAL D 190 36.58 -15.39 13.95
CA VAL D 190 35.13 -15.65 13.82
CA VAL D 190 35.14 -15.53 13.91
C VAL D 190 34.53 -15.10 12.54
C VAL D 190 34.56 -15.10 12.57
N SER D 191 35.12 -14.05 11.98
CA SER D 191 34.53 -13.43 10.80
C SER D 191 34.66 -14.32 9.57
N LEU D 192 33.63 -14.27 8.72
CA LEU D 192 33.70 -14.90 7.40
C LEU D 192 34.46 -14.06 6.39
N GLY D 193 34.55 -12.74 6.61
CA GLY D 193 35.39 -11.90 5.80
C GLY D 193 36.83 -11.92 6.25
N ARG D 194 37.69 -11.30 5.44
CA ARG D 194 39.12 -11.20 5.72
C ARG D 194 39.43 -9.73 5.94
N TYR D 195 39.73 -9.36 7.18
CA TYR D 195 39.94 -7.98 7.57
C TYR D 195 41.29 -7.82 8.24
N ALA D 196 41.90 -6.66 8.03
CA ALA D 196 43.13 -6.29 8.70
C ALA D 196 42.89 -5.07 9.58
N TYR D 197 43.60 -5.02 10.70
CA TYR D 197 43.48 -3.91 11.62
C TYR D 197 44.26 -2.69 11.14
N VAL D 198 43.81 -1.52 11.57
CA VAL D 198 44.48 -0.25 11.32
C VAL D 198 44.76 0.42 12.66
N ARG D 199 45.99 0.88 12.84
CA ARG D 199 46.42 1.48 14.10
C ARG D 199 46.80 2.94 13.89
N GLY D 200 46.67 3.72 14.95
CA GLY D 200 47.12 5.11 14.93
C GLY D 200 46.39 5.93 13.89
N GLY D 201 47.14 6.83 13.24
CA GLY D 201 46.59 7.63 12.17
C GLY D 201 45.81 8.86 12.60
N GLY D 202 46.04 9.36 13.81
CA GLY D 202 45.38 10.56 14.29
C GLY D 202 44.18 10.25 15.16
N ASP D 203 43.52 11.32 15.57
CA ASP D 203 42.40 11.20 16.49
C ASP D 203 41.23 10.48 15.82
N PRO D 204 40.42 9.77 16.60
CA PRO D 204 40.46 9.63 18.07
C PRO D 204 41.45 8.58 18.53
N TRP D 205 42.25 8.01 17.64
CA TRP D 205 43.16 6.93 17.99
C TRP D 205 44.52 7.48 18.39
N THR D 206 45.07 6.97 19.48
CA THR D 206 46.46 7.22 19.81
C THR D 206 47.35 6.30 18.97
N ASN D 207 48.65 6.46 19.12
CA ASN D 207 49.58 5.65 18.33
C ASN D 207 49.51 4.19 18.77
N GLY D 208 49.34 3.30 17.79
CA GLY D 208 49.22 1.89 18.07
C GLY D 208 47.86 1.44 18.53
N SER D 209 46.87 2.33 18.57
CA SER D 209 45.54 2.00 19.03
C SER D 209 44.65 1.67 17.83
N GLY D 210 43.94 0.55 17.91
CA GLY D 210 43.03 0.16 16.86
C GLY D 210 41.60 0.60 17.09
N LEU D 211 41.16 0.60 18.35
CA LEU D 211 39.79 0.92 18.69
C LEU D 211 39.76 2.02 19.74
N ALA D 212 38.85 2.98 19.56
CA ALA D 212 38.66 4.07 20.50
C ALA D 212 37.26 3.99 21.07
N LEU D 213 37.15 3.92 22.39
CA LEU D 213 35.87 3.85 23.09
C LEU D 213 35.74 5.10 23.95
N CYS D 214 34.88 6.03 23.54
CA CYS D 214 34.83 7.36 24.13
C CYS D 214 33.43 7.64 24.68
N GLN D 215 33.38 8.19 25.89
CA GLN D 215 32.14 8.68 26.46
C GLN D 215 32.21 10.19 26.59
N ARG D 216 31.13 10.87 26.18
CA ARG D 216 31.01 12.31 26.23
C ARG D 216 29.90 12.68 27.19
N TYR D 217 30.22 13.55 28.16
CA TYR D 217 29.30 13.93 29.22
C TYR D 217 29.53 15.39 29.58
N TYR D 218 28.55 15.99 30.25
CA TYR D 218 28.64 17.40 30.61
C TYR D 218 29.74 17.64 31.63
N HIS D 219 30.43 18.77 31.49
CA HIS D 219 31.55 19.07 32.38
C HIS D 219 31.11 19.09 33.84
N ARG D 220 30.01 19.77 34.13
CA ARG D 220 29.40 19.75 35.45
C ARG D 220 27.92 19.44 35.27
N GLY D 221 27.45 18.39 35.93
CA GLY D 221 26.04 18.07 35.87
C GLY D 221 25.49 17.60 37.19
N HIS D 222 24.61 18.37 37.79
CA HIS D 222 23.89 17.99 39.00
C HIS D 222 22.40 18.06 38.69
N VAL D 223 21.72 16.92 38.83
CA VAL D 223 20.32 16.81 38.48
C VAL D 223 19.59 16.20 39.66
N ASP D 224 18.65 16.95 40.24
CA ASP D 224 17.89 16.53 41.41
C ASP D 224 16.42 16.74 41.10
N PRO D 225 15.80 15.81 40.36
CA PRO D 225 14.37 15.95 40.07
C PRO D 225 13.51 15.89 41.32
N ALA D 226 14.01 15.29 42.41
CA ALA D 226 13.24 15.26 43.65
C ALA D 226 13.01 16.68 44.17
N ASN D 227 14.02 17.54 44.07
CA ASN D 227 13.91 18.93 44.48
C ASN D 227 13.64 19.88 43.31
N ASP D 228 13.41 19.34 42.11
CA ASP D 228 13.21 20.17 40.92
C ASP D 228 14.38 21.14 40.75
N THR D 229 15.59 20.62 40.93
CA THR D 229 16.80 21.44 40.93
C THR D 229 17.81 20.89 39.94
N PHE D 230 18.58 21.77 39.33
CA PHE D 230 19.69 21.31 38.49
C PHE D 230 20.71 22.42 38.34
N ASP D 231 21.97 21.99 38.23
CA ASP D 231 23.11 22.89 38.01
C ASP D 231 24.00 22.22 36.97
N ILE D 232 23.98 22.74 35.75
CA ILE D 232 24.69 22.14 34.63
C ILE D 232 25.54 23.18 33.94
N ASP D 233 26.80 22.84 33.71
CA ASP D 233 27.64 23.56 32.75
C ASP D 233 27.69 22.72 31.49
N PRO D 234 27.04 23.14 30.40
CA PRO D 234 26.85 22.24 29.24
C PRO D 234 28.09 22.00 28.40
N MET D 235 29.28 22.38 28.87
CA MET D 235 30.49 22.05 28.12
C MET D 235 30.72 20.55 28.12
N VAL D 236 30.99 20.00 26.95
CA VAL D 236 31.11 18.55 26.78
C VAL D 236 32.55 18.13 27.01
N VAL D 237 32.73 17.15 27.89
CA VAL D 237 34.02 16.53 28.16
C VAL D 237 34.02 15.15 27.53
N THR D 238 35.11 14.81 26.85
CA THR D 238 35.29 13.52 26.19
C THR D 238 36.36 12.74 26.95
N ASP D 239 36.05 11.49 27.29
CA ASP D 239 37.01 10.58 27.91
C ASP D 239 37.09 9.32 27.07
N CYS D 240 38.30 8.99 26.61
CA CYS D 240 38.51 7.90 25.66
C CYS D 240 39.39 6.83 26.27
N ILE D 241 39.06 5.57 25.95
CA ILE D 241 39.89 4.41 26.26
C ILE D 241 40.38 3.84 24.94
N GLN D 242 41.67 3.53 24.87
CA GLN D 242 42.30 3.05 23.66
C GLN D 242 42.57 1.55 23.78
N VAL D 243 42.11 0.79 22.79
CA VAL D 243 42.28 -0.66 22.76
C VAL D 243 43.16 -0.98 21.57
N ASP D 244 44.26 -1.69 21.81
CA ASP D 244 45.12 -2.14 20.73
C ASP D 244 44.63 -3.47 20.19
N PRO D 245 44.68 -3.68 18.87
CA PRO D 245 44.23 -4.96 18.33
C PRO D 245 45.11 -6.08 18.80
N PRO D 246 44.59 -7.30 18.89
CA PRO D 246 45.37 -8.40 19.47
C PRO D 246 46.57 -8.77 18.60
N GLU D 247 47.57 -9.33 19.26
CA GLU D 247 48.79 -9.79 18.59
C GLU D 247 48.55 -11.21 18.08
N ARG D 248 48.46 -11.36 16.77
CA ARG D 248 48.22 -12.67 16.16
C ARG D 248 49.53 -13.25 15.61
N SER D 264 42.43 -6.35 30.23
CA SER D 264 41.33 -5.65 29.57
C SER D 264 40.92 -4.42 30.37
N SER D 265 41.56 -3.29 30.08
CA SER D 265 41.25 -2.05 30.79
C SER D 265 39.87 -1.52 30.40
N TYR D 266 39.43 -1.77 29.17
CA TYR D 266 38.14 -1.26 28.74
C TYR D 266 37.00 -1.85 29.55
N LYS D 267 37.22 -2.98 30.22
CA LYS D 267 36.20 -3.57 31.07
C LYS D 267 35.98 -2.77 32.36
N ASN D 268 36.86 -1.82 32.67
CA ASN D 268 36.69 -0.94 33.82
C ASN D 268 35.90 0.31 33.48
N LEU D 269 35.30 0.38 32.30
CA LEU D 269 34.49 1.52 31.92
C LEU D 269 33.42 1.79 32.97
N THR D 270 33.35 3.03 33.43
CA THR D 270 32.30 3.49 34.35
C THR D 270 31.60 4.67 33.71
N LEU D 271 30.33 4.49 33.37
CA LEU D 271 29.57 5.51 32.66
C LEU D 271 28.95 6.50 33.64
N LYS D 272 29.01 7.79 33.27
CA LYS D 272 28.40 8.85 34.05
C LYS D 272 26.98 9.06 33.55
N PHE D 273 26.08 8.17 34.00
CA PHE D 273 24.77 8.05 33.37
C PHE D 273 23.97 9.34 33.44
N HIS D 274 23.96 10.00 34.60
CA HIS D 274 23.08 11.15 34.78
C HIS D 274 23.49 12.36 33.94
N LYS D 275 24.75 12.43 33.50
CA LYS D 275 25.23 13.53 32.67
C LYS D 275 25.75 13.04 31.32
N LEU D 276 25.49 11.79 30.97
CA LEU D 276 26.05 11.21 29.75
C LEU D 276 25.40 11.83 28.52
N VAL D 277 26.24 12.26 27.57
CA VAL D 277 25.74 12.75 26.30
C VAL D 277 25.73 11.65 25.25
N ASN D 278 26.85 10.95 25.05
CA ASN D 278 26.81 9.76 24.21
C ASN D 278 28.03 8.90 24.46
N VAL D 279 28.02 7.72 23.84
CA VAL D 279 29.17 6.82 23.80
C VAL D 279 29.42 6.45 22.35
N THR D 280 30.69 6.43 21.96
CA THR D 280 31.07 6.09 20.60
C THR D 280 32.20 5.08 20.60
N ILE D 281 32.18 4.21 19.59
CA ILE D 281 33.24 3.26 19.34
C ILE D 281 33.71 3.46 17.90
N HIS D 282 34.99 3.74 17.72
CA HIS D 282 35.57 4.02 16.41
C HIS D 282 36.65 3.00 16.11
N PHE D 283 36.60 2.41 14.92
CA PHE D 283 37.72 1.57 14.49
C PHE D 283 37.69 1.40 12.98
N ARG D 284 38.82 1.02 12.42
CA ARG D 284 39.00 0.90 10.98
C ARG D 284 39.39 -0.53 10.63
N LEU D 285 38.83 -1.04 9.53
CA LEU D 285 39.14 -2.36 9.02
C LEU D 285 39.50 -2.29 7.55
N LYS D 286 40.59 -2.95 7.17
CA LYS D 286 41.01 -3.00 5.77
C LYS D 286 40.66 -4.34 5.16
N THR D 287 40.12 -4.30 3.94
CA THR D 287 39.77 -5.51 3.22
C THR D 287 40.06 -5.31 1.74
N ILE D 288 39.97 -6.39 0.98
CA ILE D 288 40.18 -6.37 -0.47
C ILE D 288 38.90 -6.85 -1.13
N ASN D 289 38.47 -6.13 -2.17
CA ASN D 289 37.21 -6.42 -2.85
C ASN D 289 37.46 -7.43 -3.96
N LEU D 290 37.40 -8.72 -3.60
CA LEU D 290 37.62 -9.78 -4.59
C LEU D 290 36.48 -9.84 -5.60
N GLN D 291 35.27 -9.42 -5.20
CA GLN D 291 34.13 -9.45 -6.11
C GLN D 291 34.44 -8.82 -7.45
N SER D 292 35.40 -7.91 -7.51
CA SER D 292 35.74 -7.25 -8.77
C SER D 292 36.04 -8.25 -9.87
N LEU D 293 36.60 -9.40 -9.51
CA LEU D 293 36.98 -10.39 -10.52
C LEU D 293 35.79 -10.84 -11.36
N ILE D 294 34.57 -10.69 -10.85
CA ILE D 294 33.39 -11.05 -11.64
C ILE D 294 33.32 -10.19 -12.89
N ASN D 295 33.57 -8.90 -12.76
CA ASN D 295 33.56 -7.98 -13.90
C ASN D 295 34.92 -7.85 -14.56
N ASN D 296 35.86 -8.74 -14.25
CA ASN D 296 37.21 -8.76 -14.81
C ASN D 296 38.04 -7.56 -14.39
N GLU D 297 37.55 -6.75 -13.45
CA GLU D 297 38.33 -5.63 -12.96
C GLU D 297 39.41 -6.11 -11.99
N ILE D 298 40.37 -5.23 -11.72
CA ILE D 298 41.40 -5.52 -10.73
C ILE D 298 40.84 -5.18 -9.34
N PRO D 299 40.89 -6.09 -8.38
CA PRO D 299 40.38 -5.78 -7.04
C PRO D 299 41.05 -4.55 -6.45
N ASP D 300 40.26 -3.74 -5.77
CA ASP D 300 40.75 -2.54 -5.07
C ASP D 300 40.72 -2.78 -3.57
N CYS D 301 41.38 -1.88 -2.84
CA CYS D 301 41.60 -2.03 -1.41
C CYS D 301 40.69 -1.05 -0.67
N TYR D 302 39.82 -1.60 0.19
CA TYR D 302 38.87 -0.81 0.96
C TYR D 302 39.36 -0.62 2.39
N THR D 303 39.12 0.57 2.93
CA THR D 303 39.25 0.82 4.37
C THR D 303 37.89 1.30 4.86
N PHE D 304 37.25 0.49 5.69
CA PHE D 304 35.98 0.83 6.31
C PHE D 304 36.25 1.50 7.65
N SER D 305 35.73 2.71 7.83
CA SER D 305 35.72 3.40 9.11
C SER D 305 34.38 3.15 9.75
N VAL D 306 34.39 2.43 10.87
CA VAL D 306 33.19 1.97 11.56
C VAL D 306 33.00 2.82 12.80
N LEU D 307 31.79 3.38 12.94
CA LEU D 307 31.40 4.18 14.09
C LEU D 307 30.13 3.58 14.68
N ILE D 308 30.19 3.18 15.95
CA ILE D 308 29.02 2.69 16.68
C ILE D 308 28.66 3.75 17.71
N THR D 309 27.41 4.23 17.65
CA THR D 309 26.94 5.31 18.49
C THR D 309 25.84 4.81 19.42
N PHE D 310 26.01 5.06 20.71
CA PHE D 310 24.98 4.91 21.73
C PHE D 310 24.57 6.32 22.14
N ASP D 311 23.38 6.75 21.71
CA ASP D 311 23.00 8.16 21.73
C ASP D 311 22.08 8.44 22.91
N ASN D 312 22.49 9.36 23.79
CA ASN D 312 21.71 9.76 24.96
C ASN D 312 21.37 11.24 24.93
N LYS D 313 21.29 11.84 23.73
CA LYS D 313 21.05 13.28 23.66
C LYS D 313 19.65 13.64 24.16
N ALA D 314 18.67 12.76 23.96
CA ALA D 314 17.32 13.05 24.41
C ALA D 314 17.18 12.93 25.93
N HIS D 315 18.08 12.22 26.60
CA HIS D 315 18.01 12.04 28.05
C HIS D 315 16.63 11.52 28.47
N SER D 316 16.10 10.57 27.71
CA SER D 316 14.72 10.14 27.83
C SER D 316 14.58 8.73 28.40
N GLY D 317 15.66 8.11 28.85
CA GLY D 317 15.63 6.74 29.30
C GLY D 317 15.73 5.70 28.21
N ARG D 318 15.74 6.11 26.95
CA ARG D 318 15.91 5.21 25.82
C ARG D 318 17.13 5.67 25.02
N ILE D 319 18.10 4.78 24.85
CA ILE D 319 19.35 5.12 24.18
C ILE D 319 19.43 4.36 22.86
N PRO D 320 19.17 5.00 21.73
CA PRO D 320 19.30 4.30 20.45
C PRO D 320 20.75 3.94 20.14
N ILE D 321 20.91 2.83 19.43
CA ILE D 321 22.21 2.29 19.06
C ILE D 321 22.26 2.17 17.56
N SER D 322 23.32 2.71 16.95
CA SER D 322 23.46 2.66 15.50
C SER D 322 24.90 2.32 15.12
N LEU D 323 25.05 1.75 13.94
CA LEU D 323 26.36 1.47 13.34
C LEU D 323 26.40 2.09 11.96
N GLU D 324 27.45 2.85 11.68
CA GLU D 324 27.65 3.47 10.38
C GLU D 324 29.06 3.20 9.88
N THR D 325 29.22 3.20 8.56
CA THR D 325 30.51 2.96 7.94
C THR D 325 30.78 4.02 6.88
N GLN D 326 32.06 4.35 6.71
CA GLN D 326 32.52 5.17 5.60
C GLN D 326 33.67 4.45 4.92
N ALA D 327 33.58 4.30 3.60
CA ALA D 327 34.54 3.50 2.84
C ALA D 327 35.50 4.41 2.08
N HIS D 328 36.80 4.18 2.26
CA HIS D 328 37.84 4.83 1.49
C HIS D 328 38.49 3.79 0.59
N ILE D 329 38.50 4.03 -0.71
CA ILE D 329 38.94 3.07 -1.70
C ILE D 329 40.26 3.53 -2.30
N GLN D 330 41.22 2.61 -2.39
CA GLN D 330 42.52 2.88 -3.00
C GLN D 330 42.88 1.75 -3.94
N GLU D 331 43.82 2.03 -4.83
CA GLU D 331 44.48 0.97 -5.57
C GLU D 331 45.36 0.17 -4.62
N CYS D 332 45.28 -1.15 -4.71
CA CYS D 332 46.13 -2.00 -3.88
C CYS D 332 47.58 -1.87 -4.33
N LYS D 333 48.50 -1.85 -3.36
CA LYS D 333 49.89 -1.54 -3.66
C LYS D 333 50.51 -2.58 -4.59
N HIS D 334 50.28 -3.86 -4.33
CA HIS D 334 50.88 -4.94 -5.09
C HIS D 334 49.79 -5.90 -5.54
N PRO D 335 49.01 -5.53 -6.54
CA PRO D 335 48.00 -6.45 -7.09
C PRO D 335 48.62 -7.41 -8.09
N SER D 336 48.02 -8.60 -8.17
CA SER D 336 48.53 -9.63 -9.08
C SER D 336 47.38 -10.59 -9.38
N VAL D 337 46.91 -10.59 -10.62
CA VAL D 337 45.86 -11.51 -11.08
C VAL D 337 46.43 -12.30 -12.24
N PHE D 338 46.32 -13.63 -12.15
CA PHE D 338 46.85 -14.51 -13.17
C PHE D 338 46.14 -14.30 -14.50
N SER D 344 41.74 1.33 -20.30
CA SER D 344 42.00 1.02 -21.70
C SER D 344 40.76 1.29 -22.54
N PHE D 345 39.84 0.32 -22.59
CA PHE D 345 38.59 0.54 -23.30
C PHE D 345 37.78 1.66 -22.66
N ARG D 346 37.68 1.66 -21.34
CA ARG D 346 36.86 2.65 -20.64
C ARG D 346 37.41 4.06 -20.86
N LEU D 347 38.73 4.22 -20.70
CA LEU D 347 39.32 5.54 -20.88
C LEU D 347 39.17 6.02 -22.32
N LEU D 348 39.38 5.12 -23.28
CA LEU D 348 39.22 5.51 -24.68
C LEU D 348 37.78 5.92 -24.99
N PHE D 349 36.81 5.17 -24.45
CA PHE D 349 35.41 5.52 -24.68
C PHE D 349 35.06 6.86 -24.04
N ASP D 350 35.61 7.13 -22.85
CA ASP D 350 35.39 8.42 -22.22
C ASP D 350 35.98 9.54 -23.06
N VAL D 351 37.17 9.31 -23.63
CA VAL D 351 37.77 10.32 -24.51
C VAL D 351 36.89 10.55 -25.73
N VAL D 352 36.34 9.47 -26.29
CA VAL D 352 35.45 9.59 -27.45
C VAL D 352 34.22 10.41 -27.09
N VAL D 353 33.65 10.16 -25.91
CA VAL D 353 32.48 10.93 -25.47
C VAL D 353 32.85 12.40 -25.35
N ILE D 354 34.01 12.69 -24.75
CA ILE D 354 34.42 14.08 -24.58
C ILE D 354 34.58 14.77 -25.93
N LEU D 355 35.21 14.08 -26.88
CA LEU D 355 35.40 14.68 -28.20
C LEU D 355 34.08 14.92 -28.92
N THR D 356 33.17 13.94 -28.84
CA THR D 356 31.86 14.11 -29.47
C THR D 356 31.14 15.32 -28.91
N CYS D 357 31.14 15.45 -27.58
CA CYS D 357 30.43 16.57 -26.97
C CYS D 357 31.13 17.89 -27.25
N SER D 358 32.46 17.90 -27.34
CA SER D 358 33.17 19.13 -27.70
C SER D 358 32.81 19.58 -29.11
N LEU D 359 32.75 18.64 -30.06
CA LEU D 359 32.36 19.00 -31.42
C LEU D 359 30.92 19.52 -31.46
N SER D 360 30.02 18.85 -30.74
CA SER D 360 28.63 19.32 -30.70
C SER D 360 28.55 20.71 -30.09
N PHE D 361 29.30 20.95 -29.02
CA PHE D 361 29.30 22.27 -28.40
C PHE D 361 29.80 23.33 -29.37
N LEU D 362 30.86 23.04 -30.11
CA LEU D 362 31.38 24.01 -31.06
C LEU D 362 30.34 24.34 -32.12
N LEU D 363 29.70 23.31 -32.69
CA LEU D 363 28.71 23.56 -33.75
C LEU D 363 27.52 24.36 -33.21
N CYS D 364 27.01 23.99 -32.03
CA CYS D 364 25.87 24.71 -31.47
C CYS D 364 26.23 26.15 -31.12
N ALA D 365 27.45 26.38 -30.61
CA ALA D 365 27.89 27.74 -30.33
C ALA D 365 27.98 28.56 -31.60
N ARG D 366 28.48 27.95 -32.69
CA ARG D 366 28.49 28.65 -33.97
C ARG D 366 27.09 29.03 -34.42
N SER D 367 26.14 28.09 -34.30
CA SER D 367 24.77 28.39 -34.70
C SER D 367 24.19 29.52 -33.86
N LEU D 368 24.42 29.50 -32.55
CA LEU D 368 23.90 30.55 -31.69
C LEU D 368 24.53 31.90 -32.03
N LEU D 369 25.83 31.92 -32.33
CA LEU D 369 26.48 33.17 -32.71
C LEU D 369 25.88 33.71 -34.00
N ARG D 370 25.67 32.85 -35.00
CA ARG D 370 25.05 33.31 -36.23
C ARG D 370 23.65 33.83 -35.99
N GLY D 371 22.89 33.16 -35.11
CA GLY D 371 21.58 33.67 -34.77
C GLY D 371 21.63 35.05 -34.16
N PHE D 372 22.56 35.28 -33.24
CA PHE D 372 22.72 36.60 -32.63
C PHE D 372 23.07 37.65 -33.68
N LEU D 373 23.99 37.32 -34.59
CA LEU D 373 24.38 38.29 -35.61
C LEU D 373 23.21 38.63 -36.53
N LEU D 374 22.45 37.62 -36.95
CA LEU D 374 21.30 37.88 -37.80
C LEU D 374 20.25 38.71 -37.05
N GLN D 375 20.07 38.43 -35.76
CA GLN D 375 19.13 39.23 -34.98
C GLN D 375 19.55 40.68 -34.94
N ASN D 376 20.84 40.94 -34.72
CA ASN D 376 21.32 42.31 -34.69
C ASN D 376 21.12 42.98 -36.04
N GLU D 377 21.41 42.28 -37.13
CA GLU D 377 21.21 42.87 -38.45
C GLU D 377 19.74 43.20 -38.69
N PHE D 378 18.84 42.29 -38.32
CA PHE D 378 17.41 42.54 -38.53
C PHE D 378 16.94 43.71 -37.69
N VAL D 379 17.42 43.81 -36.45
CA VAL D 379 17.06 44.95 -35.60
C VAL D 379 17.55 46.25 -36.24
N GLY D 380 18.78 46.24 -36.76
CA GLY D 380 19.29 47.43 -37.43
C GLY D 380 18.46 47.82 -38.63
N PHE D 381 18.00 46.83 -39.40
CA PHE D 381 17.20 47.12 -40.60
C PHE D 381 15.94 47.89 -40.25
N MET D 382 15.40 47.69 -39.04
CA MET D 382 14.18 48.37 -38.63
C MET D 382 14.43 49.77 -38.09
N TRP D 383 15.63 50.30 -38.26
CA TRP D 383 16.02 51.62 -37.74
C TRP D 383 15.24 52.01 -36.49
N SER D 391 11.09 44.79 -30.21
CA SER D 391 10.96 44.61 -28.76
C SER D 391 11.90 43.51 -28.28
N LEU D 392 11.65 43.01 -27.07
CA LEU D 392 12.53 42.00 -26.48
C LEU D 392 12.17 40.60 -26.97
N TRP D 393 10.89 40.23 -26.88
CA TRP D 393 10.49 38.90 -27.32
C TRP D 393 10.74 38.69 -28.81
N GLU D 394 10.64 39.76 -29.60
CA GLU D 394 10.98 39.66 -31.01
C GLU D 394 12.46 39.29 -31.18
N ARG D 395 13.33 39.87 -30.36
CA ARG D 395 14.73 39.48 -30.39
C ARG D 395 14.90 38.03 -29.95
N LEU D 396 14.22 37.63 -28.87
CA LEU D 396 14.35 36.27 -28.37
C LEU D 396 13.85 35.24 -29.37
N GLU D 397 12.98 35.64 -30.29
CA GLU D 397 12.51 34.71 -31.32
C GLU D 397 13.66 34.16 -32.15
N PHE D 398 14.81 34.85 -32.18
CA PHE D 398 15.96 34.38 -32.93
C PHE D 398 16.77 33.33 -32.19
N VAL D 399 16.45 33.04 -30.94
CA VAL D 399 17.22 32.11 -30.13
C VAL D 399 16.64 30.71 -30.27
N ASN D 400 17.50 29.73 -30.55
CA ASN D 400 17.10 28.33 -30.65
C ASN D 400 17.25 27.70 -29.27
N GLY D 401 16.12 27.49 -28.58
CA GLY D 401 16.18 26.91 -27.24
C GLY D 401 16.74 25.51 -27.23
N TRP D 402 16.48 24.74 -28.30
CA TRP D 402 17.05 23.40 -28.40
C TRP D 402 18.57 23.45 -28.39
N TYR D 403 19.16 24.48 -28.99
CA TYR D 403 20.62 24.59 -29.00
C TYR D 403 21.15 25.00 -27.63
N ILE D 404 20.41 25.82 -26.89
CA ILE D 404 20.77 26.08 -25.50
C ILE D 404 20.78 24.77 -24.72
N LEU D 405 19.75 23.95 -24.92
CA LEU D 405 19.68 22.66 -24.24
C LEU D 405 20.87 21.78 -24.62
N LEU D 406 21.22 21.74 -25.89
CA LEU D 406 22.34 20.91 -26.34
C LEU D 406 23.66 21.40 -25.75
N VAL D 407 23.86 22.71 -25.70
CA VAL D 407 25.09 23.25 -25.12
C VAL D 407 25.17 22.90 -23.64
N THR D 408 24.07 23.05 -22.92
CA THR D 408 24.05 22.68 -21.51
C THR D 408 24.37 21.20 -21.32
N SER D 409 23.78 20.35 -22.16
CA SER D 409 24.04 18.92 -22.05
C SER D 409 25.50 18.60 -22.34
N ASP D 410 26.10 19.27 -23.34
CA ASP D 410 27.51 19.05 -23.64
C ASP D 410 28.38 19.42 -22.46
N VAL D 411 28.12 20.58 -21.85
CA VAL D 411 28.93 21.02 -20.71
C VAL D 411 28.80 20.03 -19.56
N LEU D 412 27.55 19.65 -19.24
CA LEU D 412 27.34 18.71 -18.14
C LEU D 412 28.04 17.39 -18.41
N THR D 413 27.94 16.88 -19.64
CA THR D 413 28.55 15.60 -19.96
C THR D 413 30.06 15.66 -19.87
N ILE D 414 30.67 16.75 -20.37
CA ILE D 414 32.12 16.85 -20.31
C ILE D 414 32.60 16.91 -18.87
N SER D 415 31.93 17.71 -18.04
CA SER D 415 32.30 17.79 -16.63
C SER D 415 32.16 16.43 -15.96
N GLY D 416 31.02 15.76 -16.19
CA GLY D 416 30.79 14.47 -15.57
C GLY D 416 31.78 13.42 -16.03
N THR D 417 32.18 13.48 -17.30
CA THR D 417 33.13 12.50 -17.82
C THR D 417 34.52 12.72 -17.23
N ILE D 418 34.93 13.98 -17.09
CA ILE D 418 36.21 14.25 -16.42
C ILE D 418 36.17 13.71 -14.98
N MET D 419 35.08 13.98 -14.27
CA MET D 419 34.96 13.48 -12.90
C MET D 419 34.94 11.95 -12.87
N LYS D 420 34.30 11.33 -13.84
CA LYS D 420 34.26 9.87 -13.91
C LYS D 420 35.66 9.30 -14.14
N ILE D 421 36.44 9.93 -15.02
CA ILE D 421 37.81 9.48 -15.23
C ILE D 421 38.60 9.60 -13.93
N GLY D 422 38.44 10.72 -13.23
CA GLY D 422 39.12 10.87 -11.95
C GLY D 422 38.71 9.81 -10.95
N ILE D 423 37.41 9.53 -10.86
CA ILE D 423 36.92 8.56 -9.88
C ILE D 423 37.45 7.16 -10.20
N GLU D 424 37.40 6.76 -11.47
CA GLU D 424 37.82 5.42 -11.84
C GLU D 424 39.32 5.19 -11.64
N ALA D 425 40.09 6.26 -11.55
CA ALA D 425 41.52 6.17 -11.23
C ALA D 425 41.78 6.27 -9.74
N LYS D 426 40.74 6.34 -8.91
CA LYS D 426 40.83 6.43 -7.46
C LYS D 426 41.42 7.76 -7.00
N ASN D 427 41.39 8.79 -7.85
CA ASN D 427 41.83 10.13 -7.46
C ASN D 427 40.69 11.00 -6.95
N LEU D 428 39.45 10.60 -7.18
CA LEU D 428 38.28 11.34 -6.71
C LEU D 428 37.30 10.37 -6.07
N ALA D 429 36.46 10.90 -5.18
CA ALA D 429 35.46 10.11 -4.49
C ALA D 429 34.07 10.76 -4.55
N SER D 430 33.89 11.74 -5.44
CA SER D 430 32.62 12.46 -5.53
C SER D 430 31.68 11.73 -6.50
N TYR D 431 31.19 10.58 -6.04
CA TYR D 431 30.28 9.77 -6.85
C TYR D 431 28.97 10.50 -7.09
N ASP D 432 28.44 11.19 -6.08
CA ASP D 432 27.12 11.80 -6.19
C ASP D 432 27.09 12.87 -7.26
N VAL D 433 28.07 13.78 -7.25
CA VAL D 433 28.08 14.88 -8.21
C VAL D 433 28.26 14.33 -9.63
N CYS D 434 29.15 13.36 -9.79
CA CYS D 434 29.35 12.76 -11.11
C CYS D 434 28.07 12.11 -11.61
N SER D 435 27.40 11.35 -10.75
CA SER D 435 26.16 10.69 -11.16
C SER D 435 25.10 11.71 -11.53
N ILE D 436 24.98 12.78 -10.75
CA ILE D 436 23.98 13.80 -11.05
C ILE D 436 24.27 14.46 -12.39
N LEU D 437 25.54 14.81 -12.63
CA LEU D 437 25.91 15.44 -13.89
C LEU D 437 25.56 14.52 -15.07
N LEU D 438 26.02 13.27 -15.02
CA LEU D 438 25.80 12.37 -16.14
C LEU D 438 24.33 12.07 -16.34
N GLY D 439 23.59 11.84 -15.24
CA GLY D 439 22.17 11.54 -15.38
C GLY D 439 21.37 12.71 -15.93
N THR D 440 21.65 13.92 -15.44
CA THR D 440 20.96 15.09 -15.95
C THR D 440 21.27 15.32 -17.43
N SER D 441 22.54 15.14 -17.83
CA SER D 441 22.88 15.31 -19.23
C SER D 441 22.19 14.25 -20.10
N THR D 442 22.11 13.01 -19.62
CA THR D 442 21.41 11.98 -20.38
C THR D 442 19.93 12.31 -20.51
N LEU D 443 19.30 12.76 -19.43
CA LEU D 443 17.90 13.20 -19.50
C LEU D 443 17.73 14.31 -20.53
N LEU D 444 18.62 15.30 -20.51
CA LEU D 444 18.49 16.42 -21.44
C LEU D 444 18.65 15.96 -22.89
N VAL D 445 19.63 15.10 -23.16
N VAL D 445 19.62 15.08 -23.13
CA VAL D 445 19.83 14.67 -24.54
CA VAL D 445 19.89 14.61 -24.49
C VAL D 445 18.66 13.82 -25.02
C VAL D 445 18.69 13.80 -25.01
N TRP D 446 18.06 13.01 -24.14
CA TRP D 446 16.90 12.25 -24.55
C TRP D 446 15.69 13.16 -24.77
N VAL D 447 15.56 14.21 -23.96
CA VAL D 447 14.47 15.18 -24.17
C VAL D 447 14.65 15.90 -25.49
N GLY D 448 15.90 16.15 -25.89
CA GLY D 448 16.16 16.87 -27.12
C GLY D 448 15.63 16.19 -28.37
N VAL D 449 15.32 14.88 -28.29
CA VAL D 449 14.81 14.16 -29.45
C VAL D 449 13.49 14.74 -29.93
N ILE D 450 12.73 15.39 -29.04
CA ILE D 450 11.42 15.94 -29.40
C ILE D 450 11.56 16.98 -30.50
N ARG D 451 12.73 17.61 -30.62
CA ARG D 451 12.94 18.59 -31.68
C ARG D 451 12.71 17.97 -33.05
N TYR D 452 13.18 16.73 -33.24
CA TYR D 452 13.02 16.10 -34.55
C TYR D 452 11.57 15.74 -34.82
N LEU D 453 10.81 15.42 -33.77
CA LEU D 453 9.39 15.16 -33.94
C LEU D 453 8.62 16.45 -34.27
N THR D 454 9.09 17.59 -33.80
CA THR D 454 8.39 18.84 -34.08
C THR D 454 8.32 19.13 -35.58
N PHE D 455 9.18 18.51 -36.38
CA PHE D 455 9.21 18.78 -37.82
C PHE D 455 8.10 18.08 -38.58
N PHE D 456 7.33 17.20 -37.94
CA PHE D 456 6.23 16.48 -38.56
C PHE D 456 4.93 16.96 -37.96
N HIS D 457 3.95 17.26 -38.82
CA HIS D 457 2.77 17.99 -38.39
C HIS D 457 1.97 17.21 -37.34
N ASN D 458 1.82 15.90 -37.52
CA ASN D 458 0.95 15.13 -36.65
C ASN D 458 1.50 15.03 -35.22
N TYR D 459 2.83 15.06 -35.06
CA TYR D 459 3.43 15.15 -33.74
C TYR D 459 3.50 16.59 -33.23
N ASN D 460 3.71 17.53 -34.14
CA ASN D 460 3.81 18.92 -33.76
C ASN D 460 2.49 19.45 -33.19
N ILE D 461 1.36 18.93 -33.65
CA ILE D 461 0.08 19.37 -33.08
C ILE D 461 0.03 19.06 -31.59
N LEU D 462 0.46 17.86 -31.20
CA LEU D 462 0.44 17.49 -29.79
C LEU D 462 1.45 18.30 -28.99
N ILE D 463 2.66 18.47 -29.54
CA ILE D 463 3.68 19.26 -28.84
C ILE D 463 3.19 20.70 -28.65
N ALA D 464 2.57 21.27 -29.69
CA ALA D 464 2.04 22.62 -29.61
C ALA D 464 0.86 22.70 -28.63
N THR D 465 0.07 21.63 -28.52
CA THR D 465 -0.99 21.62 -27.53
C THR D 465 -0.41 21.78 -26.13
N LEU D 466 0.62 20.98 -25.81
CA LEU D 466 1.25 21.12 -24.50
C LEU D 466 1.85 22.52 -24.32
N ARG D 467 2.50 23.04 -25.36
CA ARG D 467 3.14 24.34 -25.26
C ARG D 467 2.12 25.45 -24.98
N VAL D 468 0.99 25.43 -25.69
N VAL D 468 0.99 25.42 -25.69
CA VAL D 468 0.00 26.48 -25.47
CA VAL D 468 -0.05 26.42 -25.51
C VAL D 468 -0.76 26.27 -24.16
C VAL D 468 -0.73 26.27 -24.16
N ALA D 469 -0.82 25.04 -23.65
CA ALA D 469 -1.46 24.83 -22.36
C ALA D 469 -0.58 25.32 -21.21
N LEU D 470 0.75 25.25 -21.36
CA LEU D 470 1.65 25.49 -20.23
C LEU D 470 1.40 26.78 -19.47
N PRO D 471 1.20 27.93 -20.11
CA PRO D 471 1.07 29.19 -19.33
C PRO D 471 -0.12 29.21 -18.39
N SER D 472 -1.32 28.85 -18.87
CA SER D 472 -2.49 28.83 -18.00
C SER D 472 -2.33 27.80 -16.89
N VAL D 473 -1.67 26.68 -17.19
CA VAL D 473 -1.39 25.69 -16.15
C VAL D 473 -0.52 26.28 -15.07
N MET D 474 0.51 27.05 -15.45
CA MET D 474 1.38 27.66 -14.46
C MET D 474 0.64 28.71 -13.63
N ARG D 475 -0.24 29.49 -14.26
CA ARG D 475 -1.02 30.46 -13.50
C ARG D 475 -1.94 29.77 -12.50
N PHE D 476 -2.60 28.69 -12.93
CA PHE D 476 -3.42 27.92 -12.00
C PHE D 476 -2.58 27.33 -10.88
N CYS D 477 -1.35 26.94 -11.18
CA CYS D 477 -0.45 26.47 -10.13
C CYS D 477 -0.16 27.57 -9.13
N CYS D 478 0.03 28.81 -9.61
CA CYS D 478 0.19 29.94 -8.70
C CYS D 478 -1.02 30.05 -7.77
N CYS D 479 -2.22 29.92 -8.32
CA CYS D 479 -3.42 30.00 -7.49
C CYS D 479 -3.48 28.86 -6.48
N VAL D 480 -3.10 27.65 -6.90
CA VAL D 480 -3.26 26.47 -6.05
C VAL D 480 -2.18 26.38 -4.97
N ALA D 481 -1.01 26.97 -5.22
CA ALA D 481 0.12 26.79 -4.32
C ALA D 481 -0.12 27.41 -2.96
N VAL D 482 -0.80 28.56 -2.91
CA VAL D 482 -1.03 29.21 -1.61
C VAL D 482 -1.95 28.36 -0.75
N ILE D 483 -3.01 27.79 -1.34
CA ILE D 483 -3.88 26.88 -0.59
C ILE D 483 -3.08 25.67 -0.12
N TYR D 484 -2.26 25.11 -1.01
CA TYR D 484 -1.45 23.96 -0.65
C TYR D 484 -0.53 24.26 0.52
N LEU D 485 0.13 25.43 0.51
CA LEU D 485 1.03 25.81 1.59
C LEU D 485 0.27 26.03 2.89
N GLY D 486 -0.90 26.67 2.82
CA GLY D 486 -1.70 26.83 4.02
C GLY D 486 -2.04 25.49 4.65
N TYR D 487 -2.47 24.54 3.82
CA TYR D 487 -2.76 23.21 4.33
C TYR D 487 -1.52 22.55 4.91
N CYS D 488 -0.37 22.71 4.25
CA CYS D 488 0.87 22.12 4.77
C CYS D 488 1.17 22.64 6.18
N PHE D 489 1.16 23.97 6.35
CA PHE D 489 1.45 24.54 7.67
C PHE D 489 0.44 24.09 8.71
N CYS D 490 -0.85 24.15 8.38
CA CYS D 490 -1.88 23.78 9.35
C CYS D 490 -1.75 22.32 9.76
N GLY D 491 -1.57 21.43 8.78
CA GLY D 491 -1.43 20.02 9.09
C GLY D 491 -0.19 19.75 9.93
N TRP D 492 0.92 20.41 9.60
CA TRP D 492 2.14 20.19 10.38
C TRP D 492 1.94 20.61 11.83
N ILE D 493 1.33 21.77 12.06
CA ILE D 493 1.21 22.25 13.43
C ILE D 493 0.20 21.42 14.22
N VAL D 494 -0.91 21.03 13.61
CA VAL D 494 -1.97 20.38 14.36
C VAL D 494 -1.74 18.87 14.48
N LEU D 495 -1.43 18.20 13.38
CA LEU D 495 -1.36 16.74 13.37
C LEU D 495 0.04 16.20 13.62
N GLY D 496 1.09 17.03 13.53
CA GLY D 496 2.43 16.58 13.76
C GLY D 496 2.66 15.89 15.09
N PRO D 497 2.11 16.40 16.19
CA PRO D 497 2.25 15.69 17.48
C PRO D 497 1.65 14.28 17.46
N TYR D 498 0.65 14.02 16.64
CA TYR D 498 -0.11 12.77 16.70
C TYR D 498 0.11 11.84 15.53
N HIS D 499 0.55 12.34 14.38
CA HIS D 499 0.59 11.57 13.14
C HIS D 499 2.02 11.41 12.67
N VAL D 500 2.42 10.15 12.42
CA VAL D 500 3.80 9.88 12.02
C VAL D 500 4.13 10.51 10.68
N LYS D 501 3.14 10.67 9.80
CA LYS D 501 3.36 11.23 8.47
C LYS D 501 3.40 12.75 8.45
N PHE D 502 3.23 13.42 9.60
CA PHE D 502 3.17 14.87 9.67
C PHE D 502 4.27 15.44 10.55
N ARG D 503 5.38 14.71 10.71
CA ARG D 503 6.41 15.14 11.66
C ARG D 503 7.15 16.38 11.18
N SER D 504 7.50 16.43 9.89
CA SER D 504 8.23 17.56 9.33
C SER D 504 7.49 18.10 8.13
N LEU D 505 7.84 19.34 7.75
CA LEU D 505 7.13 20.01 6.67
C LEU D 505 7.33 19.29 5.33
N SER D 506 8.55 18.83 5.05
CA SER D 506 8.78 18.09 3.82
C SER D 506 7.98 16.79 3.80
N MET D 507 7.92 16.10 4.95
CA MET D 507 7.11 14.90 5.04
C MET D 507 5.62 15.23 4.86
N VAL D 508 5.16 16.35 5.41
CA VAL D 508 3.77 16.76 5.22
C VAL D 508 3.48 16.99 3.75
N SER D 509 4.40 17.68 3.06
CA SER D 509 4.20 17.93 1.64
C SER D 509 4.15 16.62 0.86
N GLU D 510 5.04 15.67 1.18
CA GLU D 510 5.01 14.38 0.52
C GLU D 510 3.68 13.67 0.76
N CYS D 511 3.19 13.70 1.99
CA CYS D 511 1.94 13.02 2.31
C CYS D 511 0.77 13.65 1.55
N LEU D 512 0.68 14.98 1.56
CA LEU D 512 -0.42 15.64 0.87
C LEU D 512 -0.35 15.42 -0.63
N PHE D 513 0.85 15.49 -1.22
CA PHE D 513 0.99 15.25 -2.65
C PHE D 513 0.59 13.83 -3.01
N SER D 514 0.96 12.86 -2.18
CA SER D 514 0.53 11.48 -2.43
C SER D 514 -0.99 11.35 -2.30
N LEU D 515 -1.59 12.00 -1.30
CA LEU D 515 -3.04 11.94 -1.15
C LEU D 515 -3.74 12.50 -2.38
N ILE D 516 -3.22 13.61 -2.94
CA ILE D 516 -3.84 14.21 -4.11
C ILE D 516 -3.92 13.21 -5.25
N ASN D 517 -2.92 12.32 -5.36
CA ASN D 517 -2.85 11.35 -6.43
C ASN D 517 -3.39 9.99 -6.02
N GLY D 518 -4.20 9.93 -4.96
CA GLY D 518 -4.87 8.71 -4.57
C GLY D 518 -3.97 7.60 -4.05
N ASP D 519 -2.97 7.94 -3.24
CA ASP D 519 -2.06 6.96 -2.68
C ASP D 519 -1.96 7.12 -1.17
N ASP D 520 -1.94 5.99 -0.45
CA ASP D 520 -1.69 5.97 0.99
C ASP D 520 -2.76 6.74 1.76
N MET D 521 -4.01 6.69 1.30
CA MET D 521 -5.06 7.49 1.90
C MET D 521 -5.67 6.81 3.12
N PHE D 522 -6.02 5.52 3.00
CA PHE D 522 -6.68 4.85 4.12
C PHE D 522 -5.76 4.75 5.33
N VAL D 523 -4.46 4.50 5.12
CA VAL D 523 -3.54 4.43 6.24
C VAL D 523 -3.44 5.80 6.92
N THR D 524 -3.49 6.87 6.13
CA THR D 524 -3.51 8.21 6.71
C THR D 524 -4.73 8.40 7.60
N PHE D 525 -5.90 7.96 7.13
CA PHE D 525 -7.10 8.05 7.97
C PHE D 525 -6.98 7.17 9.20
N ALA D 526 -6.41 5.97 9.04
CA ALA D 526 -6.39 4.99 10.12
C ALA D 526 -5.43 5.38 11.24
N ALA D 527 -4.35 6.08 10.90
CA ALA D 527 -3.43 6.51 11.94
C ALA D 527 -4.11 7.37 12.99
N MET D 528 -5.16 8.10 12.60
CA MET D 528 -5.87 8.97 13.53
C MET D 528 -6.96 8.27 14.33
N GLN D 529 -7.31 7.03 13.98
CA GLN D 529 -8.38 6.35 14.70
C GLN D 529 -8.03 6.08 16.16
N ALA D 530 -6.74 6.06 16.50
CA ALA D 530 -6.35 5.81 17.89
C ALA D 530 -6.68 6.98 18.79
N GLN D 531 -6.64 8.21 18.26
CA GLN D 531 -6.86 9.40 19.05
C GLN D 531 -8.33 9.78 19.17
N GLN D 532 -9.24 8.99 18.60
CA GLN D 532 -10.66 9.34 18.67
C GLN D 532 -11.13 9.43 20.13
N GLY D 533 -10.72 8.47 20.96
CA GLY D 533 -11.07 8.48 22.35
C GLY D 533 -10.18 9.39 23.18
N ARG D 534 -8.89 9.43 22.84
CA ARG D 534 -7.95 10.27 23.57
C ARG D 534 -8.31 11.75 23.44
N SER D 535 -8.26 12.27 22.21
CA SER D 535 -8.54 13.68 21.95
C SER D 535 -9.61 13.75 20.86
N SER D 536 -10.86 13.93 21.28
CA SER D 536 -11.95 13.99 20.32
C SER D 536 -11.83 15.21 19.41
N LEU D 537 -11.42 16.35 19.97
CA LEU D 537 -11.30 17.57 19.18
C LEU D 537 -10.29 17.39 18.06
N VAL D 538 -9.14 16.80 18.36
CA VAL D 538 -8.10 16.60 17.36
C VAL D 538 -8.59 15.64 16.27
N TRP D 539 -9.30 14.58 16.67
CA TRP D 539 -9.79 13.62 15.69
C TRP D 539 -10.82 14.25 14.76
N LEU D 540 -11.74 15.04 15.32
CA LEU D 540 -12.73 15.73 14.48
C LEU D 540 -12.04 16.70 13.54
N PHE D 541 -11.06 17.46 14.03
CA PHE D 541 -10.34 18.37 13.17
C PHE D 541 -9.62 17.62 12.06
N SER D 542 -9.03 16.47 12.38
CA SER D 542 -8.33 15.70 11.35
C SER D 542 -9.31 15.20 10.29
N GLN D 543 -10.50 14.77 10.70
CA GLN D 543 -11.52 14.39 9.73
C GLN D 543 -11.83 15.55 8.79
N LEU D 544 -12.13 16.72 9.37
CA LEU D 544 -12.46 17.88 8.54
C LEU D 544 -11.31 18.21 7.60
N TYR D 545 -10.09 18.24 8.14
CA TYR D 545 -8.92 18.64 7.36
C TYR D 545 -8.68 17.70 6.20
N LEU D 546 -8.63 16.40 6.46
CA LEU D 546 -8.34 15.44 5.40
C LEU D 546 -9.44 15.41 4.36
N TYR D 547 -10.71 15.32 4.79
CA TYR D 547 -11.80 15.24 3.82
C TYR D 547 -11.83 16.48 2.94
N SER D 548 -11.76 17.67 3.55
CA SER D 548 -11.83 18.90 2.76
C SER D 548 -10.65 19.00 1.79
N PHE D 549 -9.43 18.71 2.27
CA PHE D 549 -8.28 18.80 1.39
C PHE D 549 -8.42 17.86 0.19
N ILE D 550 -8.70 16.59 0.46
CA ILE D 550 -8.74 15.60 -0.61
C ILE D 550 -9.83 15.96 -1.60
N SER D 551 -11.02 16.30 -1.11
CA SER D 551 -12.13 16.62 -2.01
C SER D 551 -11.80 17.83 -2.86
N LEU D 552 -11.34 18.92 -2.25
CA LEU D 552 -11.02 20.12 -3.00
C LEU D 552 -10.00 19.82 -4.08
N PHE D 553 -8.92 19.11 -3.75
CA PHE D 553 -7.84 18.98 -4.70
C PHE D 553 -8.13 17.94 -5.78
N ILE D 554 -8.86 16.87 -5.48
CA ILE D 554 -9.10 15.85 -6.49
C ILE D 554 -10.28 16.24 -7.37
N TYR D 555 -11.38 16.70 -6.79
CA TYR D 555 -12.60 16.91 -7.54
C TYR D 555 -12.71 18.28 -8.21
N MET D 556 -11.87 19.23 -7.83
CA MET D 556 -11.87 20.54 -8.48
C MET D 556 -10.56 20.86 -9.19
N VAL D 557 -9.42 20.77 -8.50
CA VAL D 557 -8.14 21.21 -9.07
C VAL D 557 -7.75 20.33 -10.25
N LEU D 558 -7.74 19.01 -10.05
CA LEU D 558 -7.34 18.10 -11.12
C LEU D 558 -8.30 18.18 -12.29
N SER D 559 -9.60 18.33 -12.01
CA SER D 559 -10.57 18.51 -13.07
C SER D 559 -10.26 19.77 -13.88
N LEU D 560 -9.84 20.84 -13.23
CA LEU D 560 -9.51 22.06 -13.97
C LEU D 560 -8.24 21.89 -14.79
N PHE D 561 -7.26 21.13 -14.30
CA PHE D 561 -6.10 20.82 -15.14
C PHE D 561 -6.53 20.07 -16.39
N ILE D 562 -7.42 19.09 -16.23
CA ILE D 562 -7.93 18.36 -17.39
C ILE D 562 -8.65 19.31 -18.35
N ALA D 563 -9.46 20.21 -17.80
CA ALA D 563 -10.20 21.16 -18.63
C ALA D 563 -9.25 22.08 -19.40
N LEU D 564 -8.17 22.54 -18.75
CA LEU D 564 -7.21 23.41 -19.42
C LEU D 564 -6.53 22.68 -20.57
N ILE D 565 -6.09 21.44 -20.33
CA ILE D 565 -5.45 20.69 -21.41
C ILE D 565 -6.43 20.46 -22.54
N THR D 566 -7.68 20.13 -22.21
CA THR D 566 -8.68 19.88 -23.25
C THR D 566 -8.94 21.14 -24.07
N GLY D 567 -9.03 22.30 -23.41
CA GLY D 567 -9.24 23.53 -24.14
C GLY D 567 -8.06 23.88 -25.04
N ALA D 568 -6.84 23.64 -24.56
CA ALA D 568 -5.67 23.86 -25.41
C ALA D 568 -5.71 22.95 -26.63
N TYR D 569 -6.05 21.68 -26.45
CA TYR D 569 -6.15 20.78 -27.59
C TYR D 569 -7.22 21.23 -28.56
N ASP D 570 -8.37 21.67 -28.04
CA ASP D 570 -9.44 22.12 -28.92
C ASP D 570 -9.02 23.35 -29.72
N THR D 571 -8.32 24.29 -29.09
CA THR D 571 -7.93 25.49 -29.81
C THR D 571 -6.85 25.17 -30.85
N ILE D 572 -5.96 24.23 -30.55
CA ILE D 572 -4.96 23.82 -31.54
C ILE D 572 -5.64 23.14 -32.73
N LYS D 573 -6.62 22.26 -32.46
CA LYS D 573 -7.29 21.53 -33.53
C LYS D 573 -8.23 22.42 -34.34
N HIS D 574 -8.50 23.64 -33.90
CA HIS D 574 -9.38 24.54 -34.64
C HIS D 574 -8.75 25.92 -34.77
#